data_9UTU
#
_entry.id   9UTU
#
_cell.length_a   1.00
_cell.length_b   1.00
_cell.length_c   1.00
_cell.angle_alpha   90.00
_cell.angle_beta   90.00
_cell.angle_gamma   90.00
#
_symmetry.space_group_name_H-M   'P 1'
#
loop_
_entity.id
_entity.type
_entity.pdbx_description
1 polymer '1,3-beta-glucan synthase component FKS1'
2 polymer 'YMR295C isoform 1'
3 non-polymer 'MAGNESIUM ION'
#
loop_
_entity_poly.entity_id
_entity_poly.type
_entity_poly.pdbx_seq_one_letter_code
_entity_poly.pdbx_strand_id
1 'polypeptide(L)'
;MNTDQQPYQGQTDYTQGPGNGQSQEQDYDQYGQPLYPSQADGYYDPNVAAGTEADMYGQQPPNESYDQDYTNGEYYGQPP
NMAAQDGENFSDFSSYGPPGTPGYDSYGGQYTASQMSYGEPNSSGTSTPIYGNYDPNAIAMALPNEPYPAWTADSQSPVS
IEQIEDIFIDLTNRLGFQRDSMRNMFDHFMVLLDSRSSRMSPDQALLSLHADYIGGDTANYKKWYFAAQLDMDDEIGFRN
MSLGKLSRKARKAKKKNKKAMEEANPEDTEETLNKIEGDNSLEAADFRWKAKMNQLSPLERVRHIALYLLCWGEANQVRF
TAECLCFIYKCALDYLDSPLCQQRQEPMPEGDFLNRVITPIYHFIRNQVYEIVDGRFVKRERDHNKIVGYDDLNQLFWYP
EGIAKIVLEDGTKLIELPLEERYLRLGDVVWDDVFFKTYKETRTWLHLVTNFNRIWVMHISIFWMYFAYNSPTFYTHNYQ
QLVDNQPLAAYKWASCALGGTVASLIQIVATLCEWSFVPRKWAGAQHLSRRFWFLCIIFGINLGPIIFVFAYDKDTVYST
AAHVVAAVMFFVAVATIIFFSIMPLGGLFTSYMKKSTRRYVASQTFTAAFAPLHGLDRWMSYLVWVTVFAAKYSESYYFL
VLSLRDPIRILSTTAMRCTGEYWWGAVLCKVQPKIVLGLVIATDFILFFLDTYLWYIIVNTIFSVGKSFYLGISILTPWR
NIFTRLPKRIYSKILATTDMEIKYKPKVLISQVWNAIIISMYREHLLAIDHVQKLLYHQVPSEIEGKRTLRAPTFFVSQD
DNNFETEFFPRDSEAERRISFFAQSLSTPIPEPLPVDNMPTFTVLTPHYAERILLSLREIIREDDQFSRVTLLEYLKQLH
PVEWECFVKDTKILAEETAAYEGNENEAEKEDALKSQIDDLPFYCIGFKSAAPEYTLRTRIWASLRSQTLYRTISGFMNY
SRAIKLLYRVENPEIVQMFGGNAEGLERELEKMARRKFKFLVSMQRLAKFKPHELENAEFLLRAYPDLQIAYLDEEPPLT
EGEEPRIYSALIDGHCEILDNGRRRPKFRVQLSGNPILGDGKSDNQNHALIFYRGEYIQLIDANQDNYLEECLKIRSVLA
EFEELNVEQVNPYAPGLRYEEQTTNHPVAIVGAREYIFSENSGVLGDVAAGKEQTFGTLFARTLSQIGGKLHYGHPDFIN
ATFMTTRGGVSKAQKGLHLNEDIYAGMNAMLRGGRIKHCEYYQCGKGRDLGFGTILNFTTKIGAGMGEQMLSREYYYLGT
QLPVDRFLTFYYAHPGFHLNNLFIQLSLQMFMLTLVNLSSLAHESIMCIYDRNKPKTDVLVPIGCYNFQPAVDWVRRYTL
SIFIVFWIAFVPIVVQELIERGLWKATQRFFCHLLSLSPMFEVFAGQIYSSALLSDLAIGGARYISTGRGFATSRIPFSI
LYSRFAGSAIYMGARSMLMLLFGTVAHWQAPLLWFWASLSSLIFAPFVFNPHQFAWEDFFLDYRDYIRWLSRGNNQYHRN
SWIGYVRMSRARITGFKRKLVGDESEKAAGDASRAHRTNLIMAEIIPCAIYAAGCFIAFTFINAQTGVKTTDDDRVNSVL
RIIICTLAPIAVNLGVLFFCMGMSCCSGPLFGMCCKKTGSVMAGIAHGVAVIVHIAFFIVMWVLESFNFVRMLIGVVTCI
QCQRLIFHCMTALMLTREFKNDHANTAFWTGKWYGKGMGYMAWTQPSRELTAKVIELSEFAADFVLGHVILICQLPLIII
PKIDKFHSIMLFWLKPSRQIRPPIYSLKQTRLRKRMVKKYCSLYFLVLAIFAGCIIGPAVASAKIHKHIGDSLDGVVHNL
FQPINTTNNDTGSQMSTYQSHYYTHTPSLKTWSTIK
;
B
2 'polypeptide(L)'
;MMHFRKKSSISNTSDHDGANRASDVKISEDDKARLKMRTASVADPILDAVQEAQPFEQAADTFHDNMNRQSYFSNEEGHV
LCDVFGQPITQADISNPTRARDERPLDTIRSFEYAVSGDPVWAQQLETPTYGFRVRPDFPVFGAAVTYDANGMPQQVGGA
SSQMYGEQAVYQPQQHVQTEEKQKKKKKGLFGRMKKK
;
C
#
# COMPACT_ATOMS: atom_id res chain seq x y z
N PRO A 144 9.53 -8.54 46.64
CA PRO A 144 10.88 -8.45 46.09
C PRO A 144 11.61 -9.79 46.07
N ASN A 145 12.59 -9.92 45.19
CA ASN A 145 13.35 -11.16 45.01
C ASN A 145 12.40 -12.33 44.72
N GLU A 146 11.48 -12.10 43.80
CA GLU A 146 10.52 -13.10 43.34
C GLU A 146 10.38 -12.98 41.84
N PRO A 147 10.01 -14.07 41.16
CA PRO A 147 9.88 -13.99 39.69
C PRO A 147 8.79 -13.04 39.22
N TYR A 148 7.61 -13.09 39.82
CA TYR A 148 6.46 -12.29 39.38
C TYR A 148 5.90 -11.54 40.57
N PRO A 149 6.46 -10.38 40.88
CA PRO A 149 6.07 -9.68 42.13
C PRO A 149 4.61 -9.29 42.21
N ALA A 150 3.98 -8.92 41.09
CA ALA A 150 2.62 -8.39 41.15
C ALA A 150 1.60 -9.45 41.52
N TRP A 151 1.89 -10.73 41.29
CA TRP A 151 0.96 -11.81 41.59
C TRP A 151 1.40 -12.65 42.79
N THR A 152 2.69 -12.98 42.89
CA THR A 152 3.15 -13.86 43.95
C THR A 152 3.28 -13.14 45.30
N ALA A 153 3.65 -11.86 45.29
CA ALA A 153 3.82 -11.11 46.53
C ALA A 153 2.51 -10.55 47.08
N ASP A 154 1.40 -10.72 46.37
CA ASP A 154 0.11 -10.24 46.85
C ASP A 154 -0.61 -11.36 47.60
N SER A 155 -1.21 -11.02 48.74
CA SER A 155 -1.95 -12.01 49.52
C SER A 155 -3.36 -12.22 49.00
N GLN A 156 -3.83 -11.39 48.07
CA GLN A 156 -5.19 -11.48 47.58
C GLN A 156 -5.31 -12.36 46.33
N SER A 157 -4.24 -13.01 45.90
CA SER A 157 -4.29 -13.81 44.69
C SER A 157 -5.24 -14.99 44.88
N PRO A 158 -6.19 -15.20 43.95
CA PRO A 158 -7.12 -16.32 44.11
C PRO A 158 -6.51 -17.69 43.86
N VAL A 159 -5.51 -17.79 42.98
CA VAL A 159 -4.87 -19.06 42.66
C VAL A 159 -3.36 -18.88 42.73
N SER A 160 -2.68 -19.78 43.44
CA SER A 160 -1.24 -19.71 43.57
C SER A 160 -0.55 -20.25 42.32
N ILE A 161 0.76 -19.99 42.24
CA ILE A 161 1.53 -20.41 41.07
C ILE A 161 1.66 -21.94 41.03
N GLU A 162 1.80 -22.56 42.21
CA GLU A 162 1.90 -24.01 42.26
C GLU A 162 0.62 -24.70 41.84
N GLN A 163 -0.51 -23.99 41.87
CA GLN A 163 -1.76 -24.53 41.34
C GLN A 163 -1.96 -24.22 39.87
N ILE A 164 -1.14 -23.34 39.30
CA ILE A 164 -1.23 -23.05 37.87
C ILE A 164 -0.29 -23.97 37.09
N GLU A 165 0.85 -24.32 37.69
CA GLU A 165 1.79 -25.22 37.02
C GLU A 165 1.17 -26.59 36.78
N ASP A 166 0.44 -27.11 37.77
CA ASP A 166 -0.14 -28.44 37.67
C ASP A 166 -1.22 -28.54 36.60
N ILE A 167 -1.95 -27.47 36.32
CA ILE A 167 -2.94 -27.49 35.24
C ILE A 167 -2.24 -27.70 33.90
N PHE A 168 -1.15 -26.97 33.65
CA PHE A 168 -0.39 -27.16 32.43
C PHE A 168 0.18 -28.56 32.35
N ILE A 169 0.70 -29.08 33.45
CA ILE A 169 1.27 -30.42 33.44
C ILE A 169 0.19 -31.45 33.09
N ASP A 170 -0.99 -31.33 33.70
CA ASP A 170 -2.05 -32.29 33.44
C ASP A 170 -2.54 -32.21 32.00
N LEU A 171 -2.68 -31.01 31.45
CA LEU A 171 -3.10 -30.88 30.06
C LEU A 171 -2.07 -31.48 29.11
N THR A 172 -0.79 -31.24 29.38
CA THR A 172 0.25 -31.84 28.54
C THR A 172 0.21 -33.35 28.60
N ASN A 173 -0.01 -33.91 29.80
CA ASN A 173 -0.12 -35.36 29.92
C ASN A 173 -1.32 -35.89 29.14
N ARG A 174 -2.47 -35.22 29.23
CA ARG A 174 -3.69 -35.78 28.65
C ARG A 174 -3.75 -35.62 27.14
N LEU A 175 -3.22 -34.53 26.59
CA LEU A 175 -3.35 -34.28 25.15
C LEU A 175 -2.08 -34.53 24.35
N GLY A 176 -0.93 -34.69 24.99
CA GLY A 176 0.27 -35.06 24.27
C GLY A 176 1.04 -33.93 23.65
N PHE A 177 0.96 -32.72 24.20
CA PHE A 177 1.76 -31.62 23.70
C PHE A 177 3.24 -31.82 24.02
N GLN A 178 4.09 -31.10 23.30
CA GLN A 178 5.51 -31.12 23.61
C GLN A 178 5.78 -30.39 24.91
N ARG A 179 6.76 -30.88 25.66
CA ARG A 179 7.02 -30.32 26.99
C ARG A 179 7.71 -28.97 26.91
N ASP A 180 8.68 -28.83 26.02
CA ASP A 180 9.46 -27.60 25.94
C ASP A 180 8.64 -26.44 25.38
N SER A 181 7.53 -26.73 24.70
CA SER A 181 6.58 -25.69 24.34
C SER A 181 5.66 -25.36 25.51
N MET A 182 5.35 -26.35 26.34
CA MET A 182 4.53 -26.10 27.51
C MET A 182 5.23 -25.15 28.48
N ARG A 183 6.54 -25.32 28.65
CA ARG A 183 7.29 -24.41 29.51
C ARG A 183 7.24 -22.98 28.97
N ASN A 184 7.40 -22.81 27.66
CA ASN A 184 7.34 -21.49 27.05
C ASN A 184 5.97 -20.84 27.24
N MET A 185 4.90 -21.61 27.05
CA MET A 185 3.56 -21.05 27.24
C MET A 185 3.25 -20.75 28.70
N PHE A 186 3.77 -21.55 29.63
CA PHE A 186 3.64 -21.22 31.05
C PHE A 186 4.29 -19.89 31.36
N ASP A 187 5.51 -19.68 30.84
CA ASP A 187 6.18 -18.40 31.06
C ASP A 187 5.40 -17.25 30.46
N HIS A 188 4.86 -17.43 29.25
CA HIS A 188 4.06 -16.39 28.60
C HIS A 188 2.84 -16.02 29.44
N PHE A 189 2.11 -17.03 29.91
CA PHE A 189 0.90 -16.77 30.70
C PHE A 189 1.23 -16.06 32.00
N MET A 190 2.31 -16.50 32.68
CA MET A 190 2.68 -15.84 33.93
C MET A 190 3.09 -14.40 33.70
N VAL A 191 3.79 -14.12 32.60
CA VAL A 191 4.17 -12.73 32.32
C VAL A 191 2.93 -11.88 32.07
N LEU A 192 1.93 -12.43 31.34
CA LEU A 192 0.70 -11.67 31.15
C LEU A 192 0.00 -11.37 32.48
N LEU A 193 -0.09 -12.37 33.36
CA LEU A 193 -0.71 -12.15 34.66
C LEU A 193 0.04 -11.10 35.48
N ASP A 194 1.37 -11.15 35.44
CA ASP A 194 2.17 -10.14 36.14
C ASP A 194 1.94 -8.76 35.56
N SER A 195 1.80 -8.67 34.24
CA SER A 195 1.64 -7.37 33.59
C SER A 195 0.30 -6.73 33.97
N ARG A 196 -0.79 -7.50 33.92
CA ARG A 196 -2.09 -6.88 34.16
C ARG A 196 -2.35 -6.63 35.63
N SER A 197 -1.62 -7.30 36.53
CA SER A 197 -1.88 -7.15 37.96
C SER A 197 -1.21 -5.94 38.57
N SER A 198 -0.37 -5.22 37.82
CA SER A 198 0.37 -4.09 38.38
C SER A 198 -0.44 -2.80 38.42
N ARG A 199 -1.64 -2.77 37.83
CA ARG A 199 -2.49 -1.59 37.89
C ARG A 199 -3.91 -1.87 38.37
N MET A 200 -4.24 -3.11 38.70
CA MET A 200 -5.55 -3.46 39.22
C MET A 200 -5.42 -4.68 40.12
N SER A 201 -6.56 -5.13 40.65
CA SER A 201 -6.56 -6.30 41.52
C SER A 201 -6.40 -7.57 40.70
N PRO A 202 -5.80 -8.62 41.29
CA PRO A 202 -5.70 -9.90 40.57
C PRO A 202 -7.03 -10.49 40.17
N ASP A 203 -8.06 -10.33 41.02
CA ASP A 203 -9.38 -10.87 40.69
C ASP A 203 -9.93 -10.24 39.43
N GLN A 204 -9.73 -8.93 39.26
CA GLN A 204 -10.14 -8.26 38.03
C GLN A 204 -9.25 -8.60 36.85
N ALA A 205 -7.95 -8.82 37.09
CA ALA A 205 -7.03 -9.15 36.01
C ALA A 205 -7.39 -10.49 35.37
N LEU A 206 -7.63 -11.51 36.19
CA LEU A 206 -7.99 -12.82 35.65
C LEU A 206 -9.31 -12.77 34.88
N LEU A 207 -10.30 -12.07 35.42
CA LEU A 207 -11.58 -11.95 34.75
C LEU A 207 -11.45 -11.20 33.43
N SER A 208 -10.67 -10.13 33.40
CA SER A 208 -10.46 -9.40 32.16
C SER A 208 -9.75 -10.24 31.12
N LEU A 209 -8.75 -11.03 31.52
CA LEU A 209 -8.08 -11.90 30.57
C LEU A 209 -9.05 -12.95 30.01
N HIS A 210 -9.88 -13.53 30.87
CA HIS A 210 -10.86 -14.51 30.38
C HIS A 210 -11.84 -13.86 29.41
N ALA A 211 -12.32 -12.66 29.73
CA ALA A 211 -13.25 -11.97 28.84
C ALA A 211 -12.60 -11.62 27.51
N ASP A 212 -11.33 -11.22 27.53
CA ASP A 212 -10.64 -10.88 26.29
C ASP A 212 -10.33 -12.10 25.45
N TYR A 213 -10.17 -13.27 26.06
CA TYR A 213 -9.72 -14.41 25.27
C TYR A 213 -10.84 -15.36 24.85
N ILE A 214 -11.84 -15.62 25.70
CA ILE A 214 -12.87 -16.62 25.41
C ILE A 214 -14.28 -16.01 25.39
N GLY A 215 -14.72 -15.48 26.52
CA GLY A 215 -16.15 -15.26 26.70
C GLY A 215 -16.73 -13.88 26.44
N GLY A 216 -15.87 -12.87 26.28
CA GLY A 216 -16.36 -11.51 26.15
C GLY A 216 -16.87 -11.17 24.77
N ASP A 217 -17.46 -9.98 24.65
CA ASP A 217 -17.90 -9.47 23.36
C ASP A 217 -16.73 -9.07 22.46
N THR A 218 -15.55 -8.85 23.03
CA THR A 218 -14.37 -8.55 22.24
C THR A 218 -13.59 -9.80 21.84
N ALA A 219 -14.07 -10.98 22.21
CA ALA A 219 -13.38 -12.22 21.90
C ALA A 219 -13.77 -12.73 20.52
N ASN A 220 -12.81 -13.31 19.82
CA ASN A 220 -13.07 -13.88 18.50
C ASN A 220 -13.80 -15.21 18.60
N TYR A 221 -13.55 -15.97 19.66
CA TYR A 221 -14.16 -17.29 19.81
C TYR A 221 -15.67 -17.19 19.92
N LYS A 222 -16.18 -16.22 20.69
CA LYS A 222 -17.62 -16.05 20.80
C LYS A 222 -18.24 -15.69 19.46
N LYS A 223 -17.57 -14.82 18.70
CA LYS A 223 -18.08 -14.45 17.38
C LYS A 223 -18.15 -15.66 16.46
N TRP A 224 -17.10 -16.48 16.44
CA TRP A 224 -17.13 -17.68 15.61
C TRP A 224 -18.22 -18.63 16.05
N TYR A 225 -18.36 -18.82 17.37
CA TYR A 225 -19.39 -19.72 17.88
C TYR A 225 -20.78 -19.27 17.45
N PHE A 226 -21.10 -17.99 17.66
CA PHE A 226 -22.42 -17.49 17.30
C PHE A 226 -22.65 -17.49 15.79
N ALA A 227 -21.59 -17.30 15.00
CA ALA A 227 -21.75 -17.28 13.55
C ALA A 227 -21.93 -18.69 12.98
N ALA A 228 -21.28 -19.69 13.57
CA ALA A 228 -21.28 -21.01 12.97
C ALA A 228 -22.22 -21.99 13.67
N GLN A 229 -22.05 -22.20 14.99
CA GLN A 229 -22.81 -23.24 15.67
C GLN A 229 -24.30 -22.88 15.78
N LEU A 230 -24.60 -21.63 16.15
CA LEU A 230 -25.99 -21.22 16.36
C LEU A 230 -26.63 -20.60 15.13
N ASP A 231 -25.85 -20.33 14.07
CA ASP A 231 -26.37 -19.80 12.81
C ASP A 231 -27.14 -18.49 13.03
N MET A 232 -26.43 -17.47 13.51
CA MET A 232 -27.03 -16.19 13.86
C MET A 232 -26.41 -15.01 13.12
N ASP A 233 -25.92 -15.22 11.90
CA ASP A 233 -25.31 -14.13 11.16
C ASP A 233 -26.33 -13.09 10.69
N ASP A 234 -27.50 -13.53 10.23
CA ASP A 234 -28.51 -12.59 9.74
C ASP A 234 -28.99 -11.67 10.85
N GLU A 235 -29.22 -12.23 12.04
CA GLU A 235 -29.67 -11.41 13.16
C GLU A 235 -28.60 -10.39 13.58
N ILE A 236 -27.33 -10.80 13.53
CA ILE A 236 -26.25 -9.87 13.84
C ILE A 236 -26.19 -8.74 12.83
N GLY A 237 -26.33 -9.07 11.54
CA GLY A 237 -26.36 -8.03 10.52
C GLY A 237 -27.52 -7.07 10.70
N PHE A 238 -28.71 -7.61 11.00
CA PHE A 238 -29.88 -6.77 11.24
C PHE A 238 -29.70 -5.88 12.45
N ARG A 239 -29.11 -6.40 13.53
CA ARG A 239 -28.85 -5.60 14.71
C ARG A 239 -27.85 -4.49 14.41
N ASN A 240 -26.81 -4.81 13.65
CA ASN A 240 -25.84 -3.79 13.26
C ASN A 240 -26.47 -2.71 12.40
N MET A 241 -27.46 -3.07 11.57
CA MET A 241 -28.10 -2.10 10.70
C MET A 241 -28.83 -1.02 11.50
N SER A 242 -29.56 -1.42 12.53
CA SER A 242 -30.42 -0.50 13.27
C SER A 242 -29.95 -0.24 14.70
N LEU A 243 -28.64 -0.08 14.91
CA LEU A 243 -28.15 0.20 16.26
C LEU A 243 -28.60 1.57 16.75
N GLY A 244 -28.76 2.53 15.84
CA GLY A 244 -29.15 3.87 16.24
C GLY A 244 -30.52 3.93 16.89
N LYS A 245 -31.48 3.18 16.37
CA LYS A 245 -32.82 3.18 16.93
C LYS A 245 -32.90 2.39 18.24
N LEU A 246 -32.07 1.36 18.39
CA LEU A 246 -32.06 0.58 19.64
C LEU A 246 -31.35 1.32 20.76
N SER A 247 -30.30 2.07 20.45
CA SER A 247 -29.53 2.78 21.46
C SER A 247 -30.27 4.02 21.94
N ASN A 280 -33.91 -19.33 20.85
CA ASN A 280 -34.82 -19.06 19.74
C ASN A 280 -34.62 -17.65 19.18
N SER A 281 -33.77 -16.88 19.84
CA SER A 281 -33.49 -15.50 19.41
C SER A 281 -32.11 -15.11 19.91
N LEU A 282 -31.58 -14.04 19.33
CA LEU A 282 -30.23 -13.59 19.69
C LEU A 282 -30.18 -13.16 21.15
N GLU A 283 -31.20 -12.44 21.63
CA GLU A 283 -31.19 -11.96 23.00
C GLU A 283 -31.21 -13.11 24.01
N ALA A 284 -32.04 -14.12 23.77
CA ALA A 284 -32.09 -15.27 24.66
C ALA A 284 -30.78 -16.05 24.66
N ALA A 285 -30.17 -16.22 23.48
CA ALA A 285 -28.90 -16.92 23.40
C ALA A 285 -27.81 -16.16 24.14
N ASP A 286 -27.77 -14.84 24.00
CA ASP A 286 -26.80 -14.05 24.74
C ASP A 286 -27.04 -14.13 26.23
N PHE A 287 -28.31 -14.11 26.66
CA PHE A 287 -28.63 -14.24 28.08
C PHE A 287 -28.12 -15.57 28.63
N ARG A 288 -28.38 -16.66 27.91
CA ARG A 288 -27.91 -17.97 28.36
C ARG A 288 -26.39 -18.05 28.39
N TRP A 289 -25.71 -17.49 27.38
CA TRP A 289 -24.25 -17.50 27.35
C TRP A 289 -23.68 -16.75 28.55
N LYS A 290 -24.21 -15.56 28.84
CA LYS A 290 -23.74 -14.80 29.98
C LYS A 290 -24.01 -15.53 31.28
N ALA A 291 -25.19 -16.15 31.42
CA ALA A 291 -25.50 -16.89 32.63
C ALA A 291 -24.55 -18.05 32.83
N LYS A 292 -24.20 -18.77 31.76
CA LYS A 292 -23.25 -19.86 31.88
C LYS A 292 -21.86 -19.36 32.25
N MET A 293 -21.42 -18.26 31.65
CA MET A 293 -20.07 -17.77 31.90
C MET A 293 -19.94 -17.08 33.26
N ASN A 294 -21.07 -16.72 33.88
CA ASN A 294 -21.00 -15.97 35.13
C ASN A 294 -20.69 -16.83 36.35
N GLN A 295 -20.82 -18.16 36.25
CA GLN A 295 -20.74 -19.02 37.44
C GLN A 295 -19.58 -19.99 37.33
N LEU A 296 -18.43 -19.54 36.82
CA LEU A 296 -17.25 -20.38 36.70
C LEU A 296 -16.27 -20.10 37.84
N SER A 297 -15.61 -21.16 38.31
CA SER A 297 -14.55 -21.00 39.29
C SER A 297 -13.30 -20.46 38.62
N PRO A 298 -12.41 -19.83 39.38
CA PRO A 298 -11.15 -19.35 38.77
C PRO A 298 -10.30 -20.43 38.16
N LEU A 299 -10.29 -21.64 38.74
CA LEU A 299 -9.50 -22.73 38.19
C LEU A 299 -9.98 -23.12 36.79
N GLU A 300 -11.30 -23.14 36.58
CA GLU A 300 -11.81 -23.46 35.26
C GLU A 300 -11.44 -22.38 34.25
N ARG A 301 -11.43 -21.11 34.65
CA ARG A 301 -10.97 -20.04 33.77
C ARG A 301 -9.50 -20.22 33.40
N VAL A 302 -8.67 -20.59 34.38
CA VAL A 302 -7.26 -20.82 34.11
C VAL A 302 -7.09 -21.98 33.13
N ARG A 303 -7.85 -23.06 33.32
CA ARG A 303 -7.77 -24.19 32.40
C ARG A 303 -8.19 -23.79 30.99
N HIS A 304 -9.26 -23.00 30.88
CA HIS A 304 -9.74 -22.56 29.57
C HIS A 304 -8.68 -21.73 28.85
N ILE A 305 -8.02 -20.83 29.56
CA ILE A 305 -7.00 -20.00 28.92
C ILE A 305 -5.77 -20.83 28.56
N ALA A 306 -5.37 -21.74 29.45
CA ALA A 306 -4.17 -22.54 29.21
C ALA A 306 -4.34 -23.44 27.99
N LEU A 307 -5.53 -24.04 27.82
CA LEU A 307 -5.75 -24.89 26.66
C LEU A 307 -5.60 -24.10 25.36
N TYR A 308 -6.18 -22.90 25.29
CA TYR A 308 -6.06 -22.10 24.08
C TYR A 308 -4.62 -21.70 23.82
N LEU A 309 -3.88 -21.29 24.85
CA LEU A 309 -2.48 -20.91 24.64
C LEU A 309 -1.65 -22.09 24.16
N LEU A 310 -1.88 -23.28 24.75
CA LEU A 310 -1.14 -24.46 24.31
C LEU A 310 -1.46 -24.81 22.87
N CYS A 311 -2.72 -24.71 22.46
CA CYS A 311 -3.06 -24.96 21.06
C CYS A 311 -2.42 -23.94 20.14
N TRP A 312 -2.40 -22.66 20.55
CA TRP A 312 -1.85 -21.61 19.70
C TRP A 312 -0.34 -21.76 19.54
N GLY A 313 0.35 -22.25 20.57
CA GLY A 313 1.80 -22.34 20.49
C GLY A 313 2.33 -23.36 19.51
N GLU A 314 1.52 -24.34 19.11
CA GLU A 314 1.98 -25.41 18.23
C GLU A 314 1.49 -25.26 16.79
N ALA A 315 0.68 -24.25 16.50
CA ALA A 315 -0.09 -24.21 15.25
C ALA A 315 0.75 -23.99 14.00
N ASN A 316 2.03 -23.60 14.11
CA ASN A 316 2.87 -23.38 12.94
C ASN A 316 2.24 -22.37 11.98
N GLN A 317 1.95 -22.81 10.76
CA GLN A 317 1.35 -21.94 9.75
C GLN A 317 -0.17 -21.88 9.86
N VAL A 318 -0.78 -22.67 10.75
CA VAL A 318 -2.21 -22.55 10.98
C VAL A 318 -2.54 -21.30 11.78
N ARG A 319 -1.52 -20.62 12.31
CA ARG A 319 -1.75 -19.35 13.02
C ARG A 319 -2.33 -18.29 12.09
N PHE A 320 -2.08 -18.42 10.78
CA PHE A 320 -2.65 -17.49 9.81
C PHE A 320 -4.16 -17.68 9.63
N THR A 321 -4.74 -18.78 10.10
CA THR A 321 -6.15 -19.08 9.95
C THR A 321 -6.75 -19.22 11.35
N ALA A 322 -7.51 -18.22 11.76
CA ALA A 322 -8.04 -18.19 13.14
C ALA A 322 -9.19 -19.17 13.31
N GLU A 323 -10.08 -19.28 12.33
CA GLU A 323 -11.28 -20.08 12.49
C GLU A 323 -10.99 -21.58 12.52
N CYS A 324 -10.00 -22.04 11.74
CA CYS A 324 -9.60 -23.44 11.83
C CYS A 324 -9.07 -23.76 13.24
N LEU A 325 -8.28 -22.84 13.80
CA LEU A 325 -7.79 -23.02 15.16
C LEU A 325 -8.93 -23.02 16.17
N CYS A 326 -9.94 -22.17 15.98
CA CYS A 326 -11.10 -22.18 16.87
C CYS A 326 -11.84 -23.51 16.80
N PHE A 327 -12.00 -24.06 15.60
CA PHE A 327 -12.64 -25.36 15.45
C PHE A 327 -11.85 -26.45 16.15
N ILE A 328 -10.53 -26.44 16.01
CA ILE A 328 -9.69 -27.43 16.68
C ILE A 328 -9.81 -27.30 18.19
N TYR A 329 -9.79 -26.07 18.70
CA TYR A 329 -9.92 -25.85 20.14
C TYR A 329 -11.26 -26.36 20.66
N LYS A 330 -12.34 -26.10 19.92
CA LYS A 330 -13.64 -26.59 20.33
C LYS A 330 -13.68 -28.11 20.38
N CYS A 331 -13.11 -28.77 19.37
CA CYS A 331 -13.09 -30.23 19.36
C CYS A 331 -12.30 -30.77 20.55
N ALA A 332 -11.14 -30.17 20.84
CA ALA A 332 -10.34 -30.63 21.97
C ALA A 332 -11.07 -30.44 23.29
N LEU A 333 -11.73 -29.30 23.46
CA LEU A 333 -12.47 -29.05 24.69
C LEU A 333 -13.61 -30.04 24.86
N ASP A 334 -14.33 -30.33 23.77
CA ASP A 334 -15.38 -31.34 23.85
C ASP A 334 -14.84 -32.72 24.18
N TYR A 335 -13.66 -33.08 23.66
CA TYR A 335 -13.09 -34.38 23.98
C TYR A 335 -12.62 -34.47 25.42
N LEU A 336 -12.11 -33.36 25.99
CA LEU A 336 -11.52 -33.42 27.32
C LEU A 336 -12.51 -33.82 28.39
N ASP A 337 -13.74 -33.32 28.33
CA ASP A 337 -14.70 -33.55 29.40
C ASP A 337 -15.39 -34.91 29.32
N SER A 338 -15.17 -35.67 28.26
CA SER A 338 -15.85 -36.94 28.08
C SER A 338 -15.26 -38.01 28.99
N PRO A 339 -16.03 -39.06 29.31
CA PRO A 339 -15.50 -40.15 30.14
C PRO A 339 -14.34 -40.89 29.48
N LEU A 340 -14.22 -40.82 28.15
CA LEU A 340 -13.10 -41.48 27.48
C LEU A 340 -11.76 -40.94 27.96
N CYS A 341 -11.66 -39.63 28.11
CA CYS A 341 -10.42 -39.03 28.59
C CYS A 341 -10.22 -39.27 30.08
N GLN A 342 -11.31 -39.22 30.86
CA GLN A 342 -11.20 -39.29 32.31
C GLN A 342 -10.91 -40.70 32.82
N GLN A 343 -11.38 -41.73 32.13
CA GLN A 343 -11.16 -43.10 32.56
C GLN A 343 -9.98 -43.77 31.87
N ARG A 344 -9.33 -43.09 30.93
CA ARG A 344 -8.13 -43.63 30.30
C ARG A 344 -6.99 -43.68 31.31
N GLN A 345 -6.20 -44.75 31.26
CA GLN A 345 -5.15 -44.95 32.26
C GLN A 345 -3.82 -44.34 31.80
N GLU A 346 -3.27 -44.82 30.69
CA GLU A 346 -1.97 -44.35 30.27
C GLU A 346 -2.09 -42.98 29.58
N PRO A 347 -1.06 -42.15 29.68
CA PRO A 347 -1.09 -40.86 28.97
C PRO A 347 -0.85 -41.03 27.49
N MET A 348 -1.30 -40.04 26.73
CA MET A 348 -1.10 -40.08 25.28
C MET A 348 0.37 -39.78 24.96
N PRO A 349 0.95 -40.52 24.01
CA PRO A 349 2.38 -40.34 23.72
C PRO A 349 2.71 -38.92 23.30
N GLU A 350 3.91 -38.47 23.69
CA GLU A 350 4.35 -37.12 23.40
C GLU A 350 4.48 -36.89 21.90
N GLY A 351 3.99 -35.74 21.43
CA GLY A 351 4.07 -35.38 20.04
C GLY A 351 2.89 -35.82 19.19
N ASP A 352 1.80 -36.27 19.80
CA ASP A 352 0.68 -36.80 19.03
C ASP A 352 -0.09 -35.69 18.32
N PHE A 353 -0.27 -34.55 18.98
CA PHE A 353 -1.06 -33.46 18.41
C PHE A 353 -0.44 -32.94 17.11
N LEU A 354 0.85 -32.64 17.15
CA LEU A 354 1.53 -32.11 15.96
C LEU A 354 1.53 -33.13 14.82
N ASN A 355 1.74 -34.41 15.15
CA ASN A 355 1.83 -35.44 14.12
C ASN A 355 0.48 -35.74 13.48
N ARG A 356 -0.59 -35.70 14.26
CA ARG A 356 -1.88 -36.13 13.74
C ARG A 356 -2.70 -34.98 13.15
N VAL A 357 -2.62 -33.79 13.73
CA VAL A 357 -3.55 -32.72 13.39
C VAL A 357 -2.93 -31.70 12.45
N ILE A 358 -1.72 -31.22 12.75
CA ILE A 358 -1.18 -30.07 12.03
C ILE A 358 -0.49 -30.49 10.74
N THR A 359 0.23 -31.60 10.77
CA THR A 359 1.02 -32.01 9.60
C THR A 359 0.20 -32.24 8.35
N PRO A 360 -0.97 -32.89 8.37
CA PRO A 360 -1.76 -33.00 7.13
C PRO A 360 -2.15 -31.66 6.53
N ILE A 361 -2.51 -30.68 7.34
CA ILE A 361 -2.86 -29.37 6.82
C ILE A 361 -1.64 -28.68 6.23
N TYR A 362 -0.49 -28.80 6.91
CA TYR A 362 0.73 -28.23 6.34
C TYR A 362 1.08 -28.87 5.01
N HIS A 363 0.92 -30.19 4.91
CA HIS A 363 1.19 -30.89 3.65
C HIS A 363 0.26 -30.42 2.55
N PHE A 364 -1.03 -30.24 2.87
CA PHE A 364 -1.96 -29.72 1.88
C PHE A 364 -1.55 -28.33 1.41
N ILE A 365 -1.15 -27.47 2.35
CA ILE A 365 -0.74 -26.12 1.97
C ILE A 365 0.48 -26.15 1.07
N ARG A 366 1.46 -27.00 1.40
CA ARG A 366 2.73 -27.00 0.66
C ARG A 366 2.58 -27.64 -0.72
N ASN A 367 1.83 -28.73 -0.80
CA ASN A 367 1.80 -29.53 -2.03
C ASN A 367 1.15 -28.82 -3.21
N GLN A 368 0.48 -27.70 -2.98
CA GLN A 368 -0.16 -26.97 -4.08
C GLN A 368 0.76 -25.93 -4.70
N VAL A 369 1.86 -25.59 -4.04
CA VAL A 369 2.78 -24.61 -4.59
C VAL A 369 4.03 -25.28 -5.16
N TYR A 370 4.49 -26.36 -4.55
CA TYR A 370 5.74 -27.01 -4.94
C TYR A 370 5.47 -28.44 -5.40
N GLU A 371 6.33 -28.92 -6.29
CA GLU A 371 6.28 -30.29 -6.79
C GLU A 371 7.68 -30.89 -6.72
N ILE A 372 7.74 -32.21 -6.62
CA ILE A 372 8.99 -32.92 -6.43
C ILE A 372 9.53 -33.36 -7.78
N VAL A 373 10.75 -32.92 -8.09
CA VAL A 373 11.48 -33.40 -9.26
C VAL A 373 12.94 -33.59 -8.85
N ASP A 374 13.55 -34.67 -9.36
CA ASP A 374 14.93 -35.06 -9.06
C ASP A 374 15.24 -35.02 -7.57
N GLY A 375 14.22 -35.20 -6.72
CA GLY A 375 14.39 -35.14 -5.28
C GLY A 375 14.33 -33.77 -4.67
N ARG A 376 14.20 -32.72 -5.48
CA ARG A 376 14.16 -31.35 -4.98
C ARG A 376 12.77 -30.75 -5.13
N PHE A 377 12.50 -29.73 -4.33
CA PHE A 377 11.26 -28.98 -4.45
C PHE A 377 11.46 -27.78 -5.37
N VAL A 378 10.65 -27.72 -6.44
CA VAL A 378 10.69 -26.64 -7.40
C VAL A 378 9.34 -25.95 -7.43
N LYS A 379 9.36 -24.63 -7.42
CA LYS A 379 8.13 -23.86 -7.43
C LYS A 379 7.42 -24.02 -8.77
N ARG A 380 6.40 -24.87 -8.81
CA ARG A 380 5.64 -25.08 -10.02
C ARG A 380 4.74 -23.88 -10.31
N GLU A 381 4.56 -23.59 -11.60
CA GLU A 381 3.88 -22.38 -12.04
C GLU A 381 2.51 -22.71 -12.58
N ARG A 382 1.53 -21.91 -12.18
CA ARG A 382 0.16 -22.01 -12.68
C ARG A 382 -0.50 -20.66 -12.48
N ASP A 383 -1.65 -20.49 -13.15
CA ASP A 383 -2.40 -19.25 -12.99
C ASP A 383 -2.90 -19.12 -11.56
N HIS A 384 -3.02 -17.86 -11.11
CA HIS A 384 -3.28 -17.59 -9.69
C HIS A 384 -4.64 -18.12 -9.24
N ASN A 385 -5.54 -18.43 -10.17
CA ASN A 385 -6.88 -18.88 -9.79
C ASN A 385 -6.94 -20.37 -9.47
N LYS A 386 -5.84 -21.11 -9.64
CA LYS A 386 -5.81 -22.53 -9.29
C LYS A 386 -4.96 -22.81 -8.06
N ILE A 387 -4.66 -21.78 -7.27
CA ILE A 387 -3.90 -21.94 -6.03
C ILE A 387 -4.79 -21.54 -4.87
N VAL A 388 -4.89 -22.43 -3.88
CA VAL A 388 -5.76 -22.22 -2.72
C VAL A 388 -4.89 -21.56 -1.65
N GLY A 389 -5.09 -20.26 -1.44
CA GLY A 389 -4.34 -19.52 -0.46
C GLY A 389 -4.91 -19.66 0.94
N TYR A 390 -4.30 -18.92 1.86
CA TYR A 390 -4.72 -19.00 3.27
C TYR A 390 -6.16 -18.54 3.47
N ASP A 391 -6.58 -17.50 2.75
CA ASP A 391 -7.91 -16.95 2.96
C ASP A 391 -9.00 -17.93 2.53
N ASP A 392 -8.67 -18.84 1.61
CA ASP A 392 -9.68 -19.79 1.13
C ASP A 392 -9.95 -20.89 2.13
N LEU A 393 -8.93 -21.37 2.85
CA LEU A 393 -9.17 -22.33 3.92
C LEU A 393 -9.99 -21.72 5.05
N ASN A 394 -9.70 -20.46 5.39
CA ASN A 394 -10.34 -19.84 6.55
C ASN A 394 -11.84 -19.69 6.33
N GLN A 395 -12.26 -19.32 5.13
CA GLN A 395 -13.67 -19.03 4.87
C GLN A 395 -14.55 -20.28 4.88
N LEU A 396 -13.96 -21.48 4.87
CA LEU A 396 -14.77 -22.68 4.96
C LEU A 396 -15.45 -22.79 6.32
N PHE A 397 -14.76 -22.38 7.38
CA PHE A 397 -15.27 -22.53 8.75
C PHE A 397 -16.13 -21.37 9.19
N TRP A 398 -16.72 -20.61 8.26
CA TRP A 398 -17.60 -19.51 8.62
C TRP A 398 -19.07 -19.90 8.62
N TYR A 399 -19.44 -20.99 7.96
CA TYR A 399 -20.85 -21.35 7.80
C TYR A 399 -21.08 -22.78 8.27
N PRO A 400 -22.28 -23.08 8.75
CA PRO A 400 -22.59 -24.48 9.10
C PRO A 400 -22.62 -25.41 7.89
N GLU A 401 -22.76 -24.85 6.68
CA GLU A 401 -22.74 -25.69 5.48
C GLU A 401 -21.32 -26.11 5.12
N GLY A 402 -20.33 -25.26 5.38
CA GLY A 402 -18.95 -25.60 5.13
C GLY A 402 -18.46 -26.72 6.02
N ILE A 403 -18.96 -26.76 7.26
CA ILE A 403 -18.54 -27.81 8.19
C ILE A 403 -19.01 -29.17 7.71
N ALA A 404 -20.19 -29.22 7.09
CA ALA A 404 -20.77 -30.48 6.64
C ALA A 404 -19.99 -31.11 5.50
N LYS A 405 -19.07 -30.38 4.86
CA LYS A 405 -18.32 -30.94 3.73
C LYS A 405 -17.12 -31.76 4.17
N ILE A 406 -16.78 -31.76 5.46
CA ILE A 406 -15.63 -32.53 5.94
C ILE A 406 -15.99 -34.01 5.90
N VAL A 407 -15.15 -34.80 5.23
CA VAL A 407 -15.42 -36.21 4.96
C VAL A 407 -14.22 -37.03 5.37
N LEU A 408 -14.47 -38.24 5.88
CA LEU A 408 -13.42 -39.17 6.24
C LEU A 408 -13.05 -40.04 5.05
N GLU A 409 -12.10 -40.95 5.27
CA GLU A 409 -11.66 -41.84 4.20
C GLU A 409 -12.69 -42.90 3.87
N ASP A 410 -13.37 -43.45 4.88
CA ASP A 410 -14.34 -44.51 4.62
C ASP A 410 -15.60 -43.99 3.95
N GLY A 411 -15.78 -42.67 3.87
CA GLY A 411 -16.90 -42.09 3.17
C GLY A 411 -17.96 -41.44 4.05
N THR A 412 -17.80 -41.45 5.36
CA THR A 412 -18.78 -40.85 6.25
C THR A 412 -18.36 -39.43 6.62
N LYS A 413 -19.36 -38.61 6.92
CA LYS A 413 -19.12 -37.22 7.30
C LYS A 413 -18.71 -37.12 8.77
N LEU A 414 -17.92 -36.09 9.07
CA LEU A 414 -17.43 -35.91 10.43
C LEU A 414 -18.55 -35.59 11.40
N ILE A 415 -19.51 -34.76 10.99
CA ILE A 415 -20.53 -34.28 11.91
C ILE A 415 -21.55 -35.35 12.27
N GLU A 416 -21.54 -36.49 11.59
CA GLU A 416 -22.47 -37.56 11.94
C GLU A 416 -22.06 -38.30 13.20
N LEU A 417 -20.81 -38.20 13.61
CA LEU A 417 -20.33 -38.80 14.85
C LEU A 417 -20.78 -37.98 16.04
N PRO A 418 -20.83 -38.58 17.24
CA PRO A 418 -21.12 -37.79 18.45
C PRO A 418 -20.04 -36.77 18.73
N LEU A 419 -20.30 -35.87 19.66
CA LEU A 419 -19.41 -34.74 19.92
C LEU A 419 -18.09 -35.13 20.58
N GLU A 420 -18.04 -36.26 21.29
CA GLU A 420 -16.87 -36.62 22.06
C GLU A 420 -15.87 -37.47 21.28
N GLU A 421 -16.18 -37.86 20.05
CA GLU A 421 -15.29 -38.70 19.27
C GLU A 421 -14.74 -38.04 18.01
N ARG A 422 -15.13 -36.80 17.73
CA ARG A 422 -14.65 -36.13 16.52
C ARG A 422 -13.17 -35.80 16.61
N TYR A 423 -12.64 -35.59 17.81
CA TYR A 423 -11.23 -35.25 17.95
C TYR A 423 -10.34 -36.43 17.59
N LEU A 424 -10.68 -37.63 18.06
CA LEU A 424 -9.80 -38.78 17.86
C LEU A 424 -9.74 -39.19 16.39
N ARG A 425 -10.77 -38.86 15.60
CA ARG A 425 -10.77 -39.18 14.18
C ARG A 425 -10.39 -38.01 13.31
N LEU A 426 -9.87 -36.93 13.90
CA LEU A 426 -9.48 -35.75 13.12
C LEU A 426 -8.25 -36.01 12.24
N GLY A 427 -7.52 -37.09 12.49
CA GLY A 427 -6.38 -37.43 11.66
C GLY A 427 -6.68 -38.22 10.42
N ASP A 428 -7.94 -38.62 10.23
CA ASP A 428 -8.35 -39.41 9.07
C ASP A 428 -8.99 -38.58 7.97
N VAL A 429 -9.12 -37.27 8.15
CA VAL A 429 -9.77 -36.44 7.14
C VAL A 429 -8.85 -36.25 5.95
N VAL A 430 -9.40 -36.40 4.75
CA VAL A 430 -8.67 -36.13 3.52
C VAL A 430 -9.02 -34.72 3.05
N TRP A 431 -8.02 -33.83 3.05
CA TRP A 431 -8.29 -32.42 2.84
C TRP A 431 -8.35 -32.05 1.36
N ASP A 432 -7.84 -32.91 0.48
CA ASP A 432 -7.86 -32.59 -0.94
C ASP A 432 -9.27 -32.63 -1.52
N ASP A 433 -10.22 -33.24 -0.82
CA ASP A 433 -11.60 -33.31 -1.29
C ASP A 433 -12.51 -32.26 -0.64
N VAL A 434 -11.96 -31.32 0.12
CA VAL A 434 -12.78 -30.40 0.90
C VAL A 434 -12.63 -28.97 0.40
N PHE A 435 -11.42 -28.43 0.47
CA PHE A 435 -11.22 -27.01 0.20
C PHE A 435 -11.39 -26.68 -1.27
N PHE A 436 -11.78 -25.43 -1.54
CA PHE A 436 -12.04 -24.96 -2.90
C PHE A 436 -11.85 -23.45 -2.94
N LYS A 437 -11.76 -22.93 -4.17
CA LYS A 437 -11.57 -21.50 -4.37
C LYS A 437 -12.89 -20.76 -4.16
N THR A 438 -12.82 -19.61 -3.47
CA THR A 438 -14.01 -18.85 -3.13
C THR A 438 -14.08 -17.46 -3.76
N TYR A 439 -13.00 -17.01 -4.41
CA TYR A 439 -13.00 -15.70 -5.04
C TYR A 439 -12.03 -15.74 -6.21
N LYS A 440 -12.50 -15.32 -7.38
CA LYS A 440 -11.72 -15.43 -8.62
C LYS A 440 -11.61 -14.06 -9.28
N GLU A 441 -10.50 -13.85 -9.97
CA GLU A 441 -10.20 -12.56 -10.59
C GLU A 441 -10.49 -12.58 -12.08
N THR A 442 -10.62 -11.40 -12.65
CA THR A 442 -10.94 -11.23 -14.07
C THR A 442 -10.23 -9.96 -14.54
N ARG A 443 -10.66 -9.41 -15.67
CA ARG A 443 -10.08 -8.18 -16.19
C ARG A 443 -10.37 -7.02 -15.23
N THR A 444 -9.46 -6.03 -15.22
CA THR A 444 -9.50 -5.00 -14.20
C THR A 444 -10.72 -4.08 -14.34
N TRP A 445 -11.19 -3.85 -15.57
CA TRP A 445 -12.31 -2.92 -15.73
C TRP A 445 -13.61 -3.47 -15.14
N LEU A 446 -13.78 -4.80 -15.11
CA LEU A 446 -14.92 -5.37 -14.40
C LEU A 446 -14.87 -5.04 -12.93
N HIS A 447 -13.69 -5.18 -12.30
CA HIS A 447 -13.56 -4.83 -10.89
C HIS A 447 -13.83 -3.35 -10.67
N LEU A 448 -13.32 -2.49 -11.56
CA LEU A 448 -13.55 -1.05 -11.42
C LEU A 448 -15.05 -0.74 -11.51
N VAL A 449 -15.75 -1.34 -12.46
CA VAL A 449 -17.17 -1.07 -12.63
C VAL A 449 -17.95 -1.55 -11.41
N THR A 450 -17.63 -2.73 -10.90
CA THR A 450 -18.42 -3.29 -9.81
C THR A 450 -18.15 -2.59 -8.47
N ASN A 451 -16.89 -2.28 -8.18
CA ASN A 451 -16.55 -1.77 -6.85
C ASN A 451 -17.06 -0.35 -6.62
N PHE A 452 -17.00 0.52 -7.62
CA PHE A 452 -17.27 1.95 -7.45
C PHE A 452 -18.50 2.39 -8.21
N ASN A 453 -19.59 1.63 -8.14
CA ASN A 453 -20.75 1.90 -8.97
C ASN A 453 -21.48 3.17 -8.55
N ARG A 454 -21.29 3.61 -7.30
CA ARG A 454 -22.09 4.71 -6.78
C ARG A 454 -21.65 6.06 -7.33
N ILE A 455 -20.50 6.13 -7.98
CA ILE A 455 -19.97 7.41 -8.44
C ILE A 455 -20.41 7.72 -9.86
N TRP A 456 -20.30 6.75 -10.76
CA TRP A 456 -20.75 6.95 -12.12
C TRP A 456 -22.26 7.19 -12.19
N VAL A 457 -23.01 6.63 -11.25
CA VAL A 457 -24.45 6.91 -11.19
C VAL A 457 -24.70 8.39 -10.93
N MET A 458 -23.93 8.99 -10.01
CA MET A 458 -24.16 10.40 -9.69
C MET A 458 -23.47 11.35 -10.67
N HIS A 459 -22.59 10.85 -11.52
CA HIS A 459 -21.99 11.72 -12.53
C HIS A 459 -22.75 11.68 -13.86
N ILE A 460 -22.90 10.49 -14.44
CA ILE A 460 -23.44 10.35 -15.79
C ILE A 460 -24.91 10.77 -15.82
N SER A 461 -25.67 10.43 -14.79
CA SER A 461 -27.09 10.78 -14.77
C SER A 461 -27.30 12.29 -14.75
N ILE A 462 -26.49 13.02 -13.98
CA ILE A 462 -26.60 14.47 -13.95
C ILE A 462 -26.13 15.08 -15.26
N PHE A 463 -25.05 14.55 -15.83
CA PHE A 463 -24.56 15.08 -17.10
C PHE A 463 -25.60 14.90 -18.20
N TRP A 464 -26.31 13.76 -18.20
CA TRP A 464 -27.32 13.52 -19.21
C TRP A 464 -28.43 14.56 -19.14
N MET A 465 -28.92 14.85 -17.92
CA MET A 465 -29.96 15.86 -17.77
C MET A 465 -29.48 17.23 -18.18
N TYR A 466 -28.25 17.59 -17.79
CA TYR A 466 -27.71 18.90 -18.15
C TYR A 466 -27.61 19.05 -19.66
N PHE A 467 -27.13 18.03 -20.35
CA PHE A 467 -27.00 18.09 -21.80
C PHE A 467 -28.36 18.10 -22.48
N ALA A 468 -29.30 17.29 -21.99
CA ALA A 468 -30.59 17.16 -22.65
C ALA A 468 -31.43 18.41 -22.51
N TYR A 469 -31.33 19.12 -21.37
CA TYR A 469 -32.14 20.31 -21.19
C TYR A 469 -31.73 21.45 -22.11
N ASN A 470 -30.52 21.42 -22.66
CA ASN A 470 -29.99 22.54 -23.43
C ASN A 470 -29.73 22.20 -24.90
N SER A 471 -30.34 21.15 -25.44
CA SER A 471 -30.19 20.78 -26.84
C SER A 471 -31.56 20.53 -27.47
N PRO A 472 -32.34 21.59 -27.68
CA PRO A 472 -33.69 21.40 -28.23
C PRO A 472 -33.69 21.02 -29.70
N THR A 473 -32.56 21.20 -30.40
CA THR A 473 -32.53 21.00 -31.85
C THR A 473 -32.87 19.56 -32.23
N PHE A 474 -32.35 18.59 -31.47
CA PHE A 474 -32.53 17.19 -31.82
C PHE A 474 -33.97 16.71 -31.70
N TYR A 475 -34.85 17.46 -31.01
CA TYR A 475 -36.23 17.05 -30.89
C TYR A 475 -37.21 18.20 -31.10
N THR A 476 -36.88 19.15 -31.98
CA THR A 476 -37.78 20.25 -32.33
C THR A 476 -38.19 20.11 -33.78
N HIS A 477 -39.49 20.23 -34.04
CA HIS A 477 -40.01 20.08 -35.39
C HIS A 477 -39.60 21.25 -36.27
N ASN A 478 -38.83 20.97 -37.31
CA ASN A 478 -38.34 21.99 -38.24
C ASN A 478 -37.65 23.11 -37.50
N TYR A 479 -36.67 22.75 -36.69
CA TYR A 479 -36.00 23.72 -35.83
C TYR A 479 -35.15 24.69 -36.65
N GLN A 480 -35.16 25.96 -36.24
CA GLN A 480 -34.25 26.96 -36.77
C GLN A 480 -34.21 28.11 -35.77
N GLN A 481 -33.00 28.56 -35.42
CA GLN A 481 -32.87 29.62 -34.42
C GLN A 481 -33.48 30.93 -34.93
N LEU A 482 -33.44 31.15 -36.24
CA LEU A 482 -34.02 32.36 -36.80
C LEU A 482 -35.53 32.41 -36.58
N VAL A 483 -36.22 31.28 -36.73
CA VAL A 483 -37.66 31.23 -36.49
C VAL A 483 -38.00 30.93 -35.04
N ASP A 484 -36.99 30.69 -34.19
CA ASP A 484 -37.08 30.58 -32.74
C ASP A 484 -38.25 29.73 -32.24
N ASN A 485 -38.70 28.77 -33.05
CA ASN A 485 -39.79 27.89 -32.63
C ASN A 485 -39.28 26.94 -31.55
N GLN A 486 -39.70 27.19 -30.31
CA GLN A 486 -39.30 26.32 -29.21
C GLN A 486 -40.09 25.00 -29.27
N PRO A 487 -39.47 23.90 -28.86
CA PRO A 487 -40.22 22.65 -28.78
C PRO A 487 -41.23 22.69 -27.64
N LEU A 488 -42.28 21.88 -27.77
CA LEU A 488 -43.31 21.82 -26.75
C LEU A 488 -42.70 21.40 -25.41
N ALA A 489 -43.16 22.03 -24.34
CA ALA A 489 -42.59 21.79 -23.02
C ALA A 489 -42.69 20.33 -22.61
N ALA A 490 -43.71 19.62 -23.07
CA ALA A 490 -43.86 18.21 -22.74
C ALA A 490 -42.64 17.41 -23.20
N TYR A 491 -42.15 17.69 -24.41
CA TYR A 491 -40.93 17.05 -24.89
C TYR A 491 -39.73 17.39 -24.03
N LYS A 492 -39.61 18.65 -23.60
CA LYS A 492 -38.49 19.04 -22.74
C LYS A 492 -38.50 18.26 -21.43
N TRP A 493 -39.67 18.15 -20.79
CA TRP A 493 -39.73 17.44 -19.52
C TRP A 493 -39.56 15.93 -19.71
N ALA A 494 -40.09 15.38 -20.80
CA ALA A 494 -39.97 13.94 -21.02
C ALA A 494 -38.53 13.55 -21.34
N SER A 495 -37.81 14.39 -22.09
CA SER A 495 -36.43 14.09 -22.44
C SER A 495 -35.53 14.10 -21.21
N CYS A 496 -35.72 15.04 -20.30
CA CYS A 496 -34.89 15.11 -19.10
C CYS A 496 -35.21 14.00 -18.11
N ALA A 497 -36.33 13.31 -18.31
CA ALA A 497 -36.72 12.23 -17.41
C ALA A 497 -36.01 10.92 -17.71
N LEU A 498 -35.20 10.86 -18.77
CA LEU A 498 -34.45 9.64 -19.08
C LEU A 498 -33.24 9.46 -18.17
N GLY A 499 -32.99 10.39 -17.24
CA GLY A 499 -31.89 10.22 -16.32
C GLY A 499 -32.03 9.00 -15.42
N GLY A 500 -33.26 8.69 -15.03
CA GLY A 500 -33.49 7.53 -14.18
C GLY A 500 -33.18 6.21 -14.87
N THR A 501 -33.46 6.12 -16.17
CA THR A 501 -33.20 4.88 -16.90
C THR A 501 -31.70 4.58 -16.96
N VAL A 502 -30.87 5.61 -17.11
CA VAL A 502 -29.42 5.41 -17.16
C VAL A 502 -28.94 4.85 -15.82
N ALA A 503 -29.40 5.43 -14.71
CA ALA A 503 -29.01 4.94 -13.39
C ALA A 503 -29.50 3.52 -13.17
N SER A 504 -30.73 3.21 -13.60
CA SER A 504 -31.25 1.86 -13.45
C SER A 504 -30.50 0.85 -14.30
N LEU A 505 -29.97 1.28 -15.45
CA LEU A 505 -29.19 0.38 -16.30
C LEU A 505 -27.80 0.15 -15.74
N ILE A 506 -27.20 1.17 -15.13
CA ILE A 506 -25.86 1.02 -14.57
C ILE A 506 -25.86 -0.02 -13.45
N GLN A 507 -26.88 0.00 -12.61
CA GLN A 507 -26.95 -0.99 -11.52
C GLN A 507 -27.10 -2.40 -12.07
N ILE A 508 -27.90 -2.58 -13.12
CA ILE A 508 -28.05 -3.90 -13.73
C ILE A 508 -26.73 -4.38 -14.29
N VAL A 509 -26.00 -3.49 -14.98
CA VAL A 509 -24.71 -3.87 -15.55
C VAL A 509 -23.73 -4.24 -14.44
N ALA A 510 -23.73 -3.48 -13.34
CA ALA A 510 -22.85 -3.78 -12.22
C ALA A 510 -23.20 -5.11 -11.57
N THR A 511 -24.49 -5.42 -11.43
CA THR A 511 -24.89 -6.71 -10.85
C THR A 511 -24.50 -7.87 -11.76
N LEU A 512 -24.58 -7.68 -13.09
CA LEU A 512 -24.21 -8.75 -14.01
C LEU A 512 -22.73 -9.11 -13.87
N CYS A 513 -21.87 -8.11 -13.68
CA CYS A 513 -20.43 -8.37 -13.57
C CYS A 513 -20.11 -9.13 -12.30
N GLU A 514 -20.82 -8.85 -11.21
CA GLU A 514 -20.51 -9.48 -9.92
C GLU A 514 -20.75 -10.98 -9.95
N TRP A 515 -21.58 -11.46 -10.88
CA TRP A 515 -21.92 -12.88 -10.95
C TRP A 515 -20.73 -13.75 -11.35
N SER A 516 -19.64 -13.15 -11.82
CA SER A 516 -18.47 -13.92 -12.24
C SER A 516 -17.36 -13.95 -11.19
N PHE A 517 -17.56 -13.34 -10.03
CA PHE A 517 -16.55 -13.35 -8.98
C PHE A 517 -16.73 -14.49 -7.99
N VAL A 518 -17.96 -14.89 -7.71
CA VAL A 518 -18.24 -15.84 -6.64
C VAL A 518 -18.69 -17.18 -7.21
N PRO A 519 -18.42 -18.29 -6.53
CA PRO A 519 -18.95 -19.59 -6.98
C PRO A 519 -20.48 -19.59 -6.95
N ARG A 520 -21.07 -20.34 -7.89
CA ARG A 520 -22.51 -20.29 -8.07
C ARG A 520 -23.26 -21.02 -6.97
N LYS A 521 -22.64 -22.03 -6.36
CA LYS A 521 -23.32 -22.83 -5.35
C LYS A 521 -22.90 -22.50 -3.92
N TRP A 522 -21.93 -21.61 -3.74
CA TRP A 522 -21.49 -21.25 -2.39
C TRP A 522 -22.56 -20.41 -1.70
N ALA A 523 -22.52 -20.45 -0.36
CA ALA A 523 -23.55 -19.79 0.44
C ALA A 523 -23.51 -18.28 0.21
N GLY A 524 -24.69 -17.68 0.01
CA GLY A 524 -24.82 -16.27 -0.20
C GLY A 524 -24.90 -15.84 -1.65
N ALA A 525 -24.67 -16.75 -2.60
CA ALA A 525 -24.64 -16.38 -4.01
C ALA A 525 -26.03 -16.23 -4.60
N GLN A 526 -27.06 -16.63 -3.85
CA GLN A 526 -28.44 -16.60 -4.36
C GLN A 526 -29.13 -15.25 -4.15
N HIS A 527 -28.43 -14.28 -3.56
CA HIS A 527 -29.00 -12.95 -3.40
C HIS A 527 -29.10 -12.21 -4.73
N LEU A 528 -28.16 -12.47 -5.64
CA LEU A 528 -28.11 -11.73 -6.90
C LEU A 528 -29.33 -12.00 -7.77
N SER A 529 -29.81 -13.24 -7.81
CA SER A 529 -30.98 -13.56 -8.62
C SER A 529 -32.20 -12.80 -8.13
N ARG A 530 -32.38 -12.72 -6.81
CA ARG A 530 -33.49 -11.95 -6.26
C ARG A 530 -33.34 -10.46 -6.56
N ARG A 531 -32.11 -9.94 -6.48
CA ARG A 531 -31.89 -8.51 -6.72
C ARG A 531 -32.16 -8.14 -8.18
N PHE A 532 -31.86 -9.05 -9.11
CA PHE A 532 -31.97 -8.74 -10.53
C PHE A 532 -33.41 -8.43 -10.92
N TRP A 533 -34.37 -9.19 -10.39
CA TRP A 533 -35.77 -8.97 -10.75
C TRP A 533 -36.28 -7.62 -10.26
N PHE A 534 -35.89 -7.25 -9.03
CA PHE A 534 -36.26 -5.93 -8.54
C PHE A 534 -35.66 -4.82 -9.38
N LEU A 535 -34.39 -4.97 -9.77
CA LEU A 535 -33.75 -3.95 -10.59
C LEU A 535 -34.44 -3.80 -11.94
N CYS A 536 -34.79 -4.93 -12.58
CA CYS A 536 -35.47 -4.83 -13.88
C CYS A 536 -36.89 -4.33 -13.75
N ILE A 537 -37.57 -4.61 -12.64
CA ILE A 537 -38.89 -4.02 -12.41
C ILE A 537 -38.78 -2.50 -12.32
N ILE A 538 -37.78 -2.01 -11.58
CA ILE A 538 -37.58 -0.56 -11.48
C ILE A 538 -37.27 0.04 -12.85
N PHE A 539 -36.44 -0.66 -13.63
CA PHE A 539 -36.13 -0.17 -14.98
C PHE A 539 -37.38 -0.07 -15.83
N GLY A 540 -38.23 -1.10 -15.80
CA GLY A 540 -39.47 -1.05 -16.58
C GLY A 540 -40.38 0.07 -16.13
N ILE A 541 -40.48 0.29 -14.82
CA ILE A 541 -41.30 1.38 -14.31
C ILE A 541 -40.79 2.72 -14.83
N ASN A 542 -39.47 2.92 -14.79
CA ASN A 542 -38.91 4.17 -15.29
C ASN A 542 -39.03 4.31 -16.80
N LEU A 543 -39.14 3.20 -17.54
CA LEU A 543 -39.16 3.28 -19.00
C LEU A 543 -40.55 3.48 -19.57
N GLY A 544 -41.58 2.84 -18.98
CA GLY A 544 -42.91 2.82 -19.56
C GLY A 544 -43.53 4.16 -19.91
N PRO A 545 -43.78 4.99 -18.90
CA PRO A 545 -44.49 6.26 -19.14
C PRO A 545 -43.81 7.17 -20.15
N ILE A 546 -42.47 7.14 -20.24
CA ILE A 546 -41.79 7.94 -21.26
C ILE A 546 -42.15 7.43 -22.65
N ILE A 547 -42.18 6.11 -22.84
CA ILE A 547 -42.62 5.55 -24.10
C ILE A 547 -44.05 5.97 -24.41
N PHE A 548 -44.90 6.03 -23.38
CA PHE A 548 -46.27 6.51 -23.60
C PHE A 548 -46.27 7.97 -24.07
N VAL A 549 -45.47 8.82 -23.42
CA VAL A 549 -45.47 10.24 -23.76
C VAL A 549 -44.96 10.46 -25.18
N PHE A 550 -43.89 9.76 -25.56
CA PHE A 550 -43.31 9.97 -26.88
C PHE A 550 -44.18 9.44 -28.02
N ALA A 551 -45.23 8.70 -27.71
CA ALA A 551 -46.07 8.13 -28.75
C ALA A 551 -46.75 9.22 -29.56
N TYR A 552 -46.92 8.96 -30.86
CA TYR A 552 -47.46 9.97 -31.78
C TYR A 552 -48.93 10.27 -31.52
N ASP A 553 -49.64 9.39 -30.81
CA ASP A 553 -51.06 9.62 -30.57
C ASP A 553 -51.29 10.89 -29.76
N LYS A 554 -50.46 11.12 -28.74
CA LYS A 554 -50.52 12.35 -27.96
C LYS A 554 -49.56 13.41 -28.46
N ASP A 555 -48.78 13.13 -29.50
CA ASP A 555 -48.01 14.16 -30.17
C ASP A 555 -48.88 14.93 -31.15
N THR A 556 -49.70 14.22 -31.94
CA THR A 556 -50.58 14.87 -32.89
C THR A 556 -51.67 15.67 -32.20
N VAL A 557 -52.16 15.18 -31.06
CA VAL A 557 -53.21 15.85 -30.30
C VAL A 557 -52.64 16.20 -28.93
N TYR A 558 -52.64 17.49 -28.60
CA TYR A 558 -52.12 17.94 -27.31
C TYR A 558 -53.06 17.54 -26.18
N SER A 559 -52.47 17.25 -25.03
CA SER A 559 -53.25 16.84 -23.86
C SER A 559 -52.51 17.29 -22.60
N THR A 560 -53.24 17.91 -21.67
CA THR A 560 -52.65 18.31 -20.40
C THR A 560 -52.23 17.09 -19.58
N ALA A 561 -52.87 15.94 -19.83
CA ALA A 561 -52.51 14.72 -19.11
C ALA A 561 -51.07 14.32 -19.39
N ALA A 562 -50.62 14.46 -20.64
CA ALA A 562 -49.23 14.17 -20.96
C ALA A 562 -48.28 15.10 -20.22
N HIS A 563 -48.64 16.38 -20.11
CA HIS A 563 -47.82 17.33 -19.37
C HIS A 563 -47.73 16.93 -17.89
N VAL A 564 -48.86 16.52 -17.31
CA VAL A 564 -48.87 16.06 -15.92
C VAL A 564 -48.00 14.82 -15.76
N VAL A 565 -48.07 13.90 -16.73
CA VAL A 565 -47.28 12.68 -16.68
C VAL A 565 -45.78 13.02 -16.71
N ALA A 566 -45.39 13.94 -17.60
CA ALA A 566 -43.99 14.36 -17.66
C ALA A 566 -43.54 15.01 -16.36
N ALA A 567 -44.40 15.86 -15.79
CA ALA A 567 -44.05 16.52 -14.53
C ALA A 567 -43.85 15.51 -13.41
N VAL A 568 -44.69 14.48 -13.36
CA VAL A 568 -44.52 13.43 -12.35
C VAL A 568 -43.26 12.63 -12.59
N MET A 569 -43.01 12.27 -13.86
CA MET A 569 -41.86 11.43 -14.18
C MET A 569 -40.54 12.14 -13.89
N PHE A 570 -40.50 13.46 -14.04
CA PHE A 570 -39.29 14.19 -13.66
C PHE A 570 -38.91 13.94 -12.20
N PHE A 571 -39.89 14.10 -11.30
CA PHE A 571 -39.61 13.90 -9.87
C PHE A 571 -39.32 12.43 -9.58
N VAL A 572 -40.00 11.51 -10.26
CA VAL A 572 -39.72 10.08 -10.04
C VAL A 572 -38.27 9.77 -10.43
N ALA A 573 -37.81 10.31 -11.56
CA ALA A 573 -36.44 10.09 -11.98
C ALA A 573 -35.45 10.68 -10.97
N VAL A 574 -35.74 11.88 -10.46
CA VAL A 574 -34.85 12.50 -9.49
C VAL A 574 -34.75 11.63 -8.23
N ALA A 575 -35.89 11.12 -7.77
CA ALA A 575 -35.90 10.26 -6.60
C ALA A 575 -35.10 8.98 -6.84
N THR A 576 -35.24 8.39 -8.03
CA THR A 576 -34.46 7.19 -8.35
C THR A 576 -32.96 7.48 -8.34
N ILE A 577 -32.56 8.62 -8.92
CA ILE A 577 -31.14 9.01 -8.91
C ILE A 577 -30.63 9.09 -7.48
N ILE A 578 -31.37 9.78 -6.61
CA ILE A 578 -30.91 9.95 -5.23
C ILE A 578 -30.82 8.60 -4.54
N PHE A 579 -31.85 7.76 -4.69
CA PHE A 579 -31.88 6.48 -4.01
C PHE A 579 -30.72 5.60 -4.42
N PHE A 580 -30.42 5.53 -5.73
CA PHE A 580 -29.30 4.72 -6.17
C PHE A 580 -27.95 5.36 -5.87
N SER A 581 -27.92 6.68 -5.63
CA SER A 581 -26.66 7.32 -5.27
C SER A 581 -26.32 7.20 -3.79
N ILE A 582 -27.29 6.98 -2.92
CA ILE A 582 -27.06 6.90 -1.49
C ILE A 582 -26.83 5.46 -1.03
N MET A 583 -27.80 4.58 -1.22
CA MET A 583 -27.76 3.27 -0.58
C MET A 583 -26.65 2.39 -1.17
N PRO A 584 -25.94 1.63 -0.33
CA PRO A 584 -24.88 0.77 -0.85
C PRO A 584 -25.44 -0.40 -1.65
N LEU A 585 -24.60 -0.96 -2.53
CA LEU A 585 -25.02 -2.06 -3.38
C LEU A 585 -25.38 -3.30 -2.57
N GLY A 586 -24.59 -3.61 -1.54
CA GLY A 586 -24.87 -4.75 -0.70
C GLY A 586 -25.85 -4.43 0.40
N GLY A 587 -27.10 -4.88 0.25
CA GLY A 587 -28.13 -4.57 1.20
C GLY A 587 -29.16 -3.59 0.67
N LEU A 588 -29.53 -3.75 -0.60
CA LEU A 588 -30.51 -2.85 -1.21
C LEU A 588 -31.94 -3.25 -0.85
N PHE A 589 -32.25 -4.54 -0.93
CA PHE A 589 -33.61 -5.01 -0.68
C PHE A 589 -33.67 -6.17 0.32
N THR A 590 -32.91 -6.10 1.42
CA THR A 590 -32.89 -7.21 2.38
C THR A 590 -34.23 -7.38 3.08
N SER A 591 -34.81 -6.28 3.56
CA SER A 591 -36.00 -6.36 4.42
C SER A 591 -37.23 -6.87 3.68
N TYR A 592 -37.27 -6.75 2.36
CA TYR A 592 -38.47 -7.13 1.61
C TYR A 592 -38.54 -8.62 1.33
N MET A 593 -37.38 -9.28 1.21
CA MET A 593 -37.39 -10.70 0.83
C MET A 593 -38.00 -11.57 1.92
N LYS A 594 -37.55 -11.40 3.17
CA LYS A 594 -38.01 -12.20 4.31
C LYS A 594 -37.84 -13.70 4.07
N LYS A 595 -36.85 -14.08 3.26
CA LYS A 595 -36.66 -15.48 2.93
C LYS A 595 -35.79 -16.17 3.98
N SER A 596 -35.92 -17.50 4.04
CA SER A 596 -35.11 -18.30 4.96
C SER A 596 -33.69 -18.50 4.46
N THR A 597 -33.44 -18.29 3.17
CA THR A 597 -32.12 -18.45 2.60
C THR A 597 -31.23 -17.27 3.02
N ARG A 598 -29.93 -17.42 2.80
CA ARG A 598 -28.97 -16.36 3.10
C ARG A 598 -29.38 -15.05 2.46
N ARG A 599 -29.55 -14.02 3.29
CA ARG A 599 -30.01 -12.72 2.82
C ARG A 599 -28.85 -11.77 2.49
N TYR A 600 -27.61 -12.20 2.69
CA TYR A 600 -26.45 -11.35 2.44
C TYR A 600 -25.46 -12.12 1.58
N VAL A 601 -24.73 -11.38 0.74
CA VAL A 601 -23.72 -12.01 -0.12
C VAL A 601 -22.47 -12.39 0.66
N ALA A 602 -22.08 -11.60 1.66
CA ALA A 602 -20.90 -11.87 2.45
C ALA A 602 -21.28 -11.92 3.93
N SER A 603 -20.44 -12.59 4.71
CA SER A 603 -20.70 -12.75 6.13
C SER A 603 -20.61 -11.39 6.83
N GLN A 604 -21.66 -11.05 7.59
CA GLN A 604 -21.70 -9.75 8.24
C GLN A 604 -20.80 -9.69 9.46
N THR A 605 -20.59 -10.84 10.11
CA THR A 605 -19.79 -10.86 11.33
C THR A 605 -18.34 -10.52 11.06
N PHE A 606 -17.78 -11.03 9.96
CA PHE A 606 -16.35 -10.92 9.70
C PHE A 606 -15.98 -9.93 8.62
N THR A 607 -16.96 -9.35 7.91
CA THR A 607 -16.66 -8.41 6.83
C THR A 607 -17.47 -7.12 6.88
N ALA A 608 -18.34 -6.94 7.88
CA ALA A 608 -19.16 -5.73 7.94
C ALA A 608 -19.29 -5.21 9.37
N ALA A 609 -18.17 -5.16 10.11
CA ALA A 609 -18.18 -4.74 11.51
C ALA A 609 -17.56 -3.37 11.73
N PHE A 610 -17.84 -2.41 10.84
CA PHE A 610 -17.22 -1.10 10.92
C PHE A 610 -17.57 -0.40 12.23
N ALA A 611 -16.60 0.35 12.77
CA ALA A 611 -16.80 1.10 13.99
C ALA A 611 -17.40 2.46 13.67
N PRO A 612 -18.52 2.84 14.28
CA PRO A 612 -19.16 4.11 13.93
C PRO A 612 -18.42 5.31 14.50
N LEU A 613 -18.83 6.49 14.03
CA LEU A 613 -18.29 7.75 14.52
C LEU A 613 -19.27 8.39 15.50
N HIS A 614 -18.72 9.16 16.43
CA HIS A 614 -19.52 9.82 17.46
C HIS A 614 -19.05 11.26 17.65
N GLY A 615 -19.99 12.17 17.85
CA GLY A 615 -19.64 13.53 18.20
C GLY A 615 -19.61 14.47 17.02
N LEU A 616 -18.75 15.48 17.10
CA LEU A 616 -18.67 16.49 16.06
C LEU A 616 -18.10 15.92 14.77
N ASP A 617 -17.19 14.95 14.88
CA ASP A 617 -16.56 14.35 13.71
C ASP A 617 -17.57 13.69 12.78
N ARG A 618 -18.68 13.18 13.32
CA ARG A 618 -19.73 12.64 12.46
C ARG A 618 -20.39 13.74 11.63
N TRP A 619 -20.68 14.87 12.25
CA TRP A 619 -21.36 15.96 11.53
C TRP A 619 -20.43 16.61 10.51
N MET A 620 -19.13 16.68 10.82
CA MET A 620 -18.17 17.28 9.89
C MET A 620 -18.14 16.50 8.58
N SER A 621 -18.21 15.17 8.66
CA SER A 621 -18.18 14.34 7.46
C SER A 621 -19.35 14.63 6.55
N TYR A 622 -20.55 14.79 7.11
CA TYR A 622 -21.69 15.17 6.30
C TYR A 622 -21.51 16.56 5.69
N LEU A 623 -21.09 17.53 6.53
CA LEU A 623 -21.06 18.92 6.08
C LEU A 623 -20.06 19.13 4.96
N VAL A 624 -18.87 18.53 5.07
CA VAL A 624 -17.83 18.73 4.07
C VAL A 624 -18.31 18.26 2.70
N TRP A 625 -18.87 17.06 2.65
CA TRP A 625 -19.29 16.50 1.36
C TRP A 625 -20.50 17.23 0.81
N VAL A 626 -21.43 17.65 1.67
CA VAL A 626 -22.56 18.42 1.18
C VAL A 626 -22.07 19.72 0.54
N THR A 627 -21.14 20.41 1.20
CA THR A 627 -20.60 21.65 0.65
C THR A 627 -19.89 21.39 -0.67
N VAL A 628 -19.08 20.33 -0.73
CA VAL A 628 -18.31 20.03 -1.95
C VAL A 628 -19.26 19.81 -3.12
N PHE A 629 -20.26 18.96 -2.95
CA PHE A 629 -21.13 18.64 -4.08
C PHE A 629 -22.05 19.80 -4.44
N ALA A 630 -22.52 20.56 -3.45
CA ALA A 630 -23.34 21.73 -3.75
C ALA A 630 -22.55 22.76 -4.55
N ALA A 631 -21.27 22.95 -4.21
CA ALA A 631 -20.43 23.87 -4.97
C ALA A 631 -20.20 23.35 -6.38
N LYS A 632 -19.86 22.06 -6.51
CA LYS A 632 -19.49 21.52 -7.81
C LYS A 632 -20.66 21.54 -8.79
N TYR A 633 -21.83 21.09 -8.35
CA TYR A 633 -22.97 20.99 -9.27
C TYR A 633 -23.47 22.36 -9.69
N SER A 634 -23.36 23.35 -8.82
CA SER A 634 -23.76 24.71 -9.19
C SER A 634 -22.73 25.38 -10.07
N GLU A 635 -21.44 25.09 -9.87
CA GLU A 635 -20.40 25.72 -10.67
C GLU A 635 -20.37 25.16 -12.09
N SER A 636 -20.51 23.84 -12.23
CA SER A 636 -20.38 23.23 -13.55
C SER A 636 -21.45 23.70 -14.51
N TYR A 637 -22.68 23.87 -14.02
CA TYR A 637 -23.78 24.24 -14.90
C TYR A 637 -23.58 25.60 -15.53
N TYR A 638 -23.01 26.56 -14.79
CA TYR A 638 -22.81 27.90 -15.34
C TYR A 638 -21.88 27.88 -16.54
N PHE A 639 -20.82 27.08 -16.48
CA PHE A 639 -19.91 26.97 -17.61
C PHE A 639 -20.53 26.15 -18.74
N LEU A 640 -21.25 25.08 -18.39
CA LEU A 640 -21.82 24.21 -19.42
C LEU A 640 -22.94 24.89 -20.21
N VAL A 641 -23.74 25.75 -19.56
CA VAL A 641 -24.91 26.32 -20.22
C VAL A 641 -24.48 27.27 -21.33
N LEU A 642 -23.29 27.86 -21.21
CA LEU A 642 -22.85 28.88 -22.15
C LEU A 642 -21.69 28.47 -23.04
N SER A 643 -20.80 27.59 -22.58
CA SER A 643 -19.66 27.20 -23.41
C SER A 643 -20.10 26.30 -24.56
N LEU A 644 -21.25 25.63 -24.42
CA LEU A 644 -21.70 24.65 -25.40
C LEU A 644 -23.02 25.00 -26.07
N ARG A 645 -23.69 26.08 -25.66
CA ARG A 645 -25.00 26.40 -26.23
C ARG A 645 -24.87 26.84 -27.68
N ASP A 646 -23.89 27.71 -27.98
CA ASP A 646 -23.76 28.23 -29.34
C ASP A 646 -23.06 27.25 -30.27
N PRO A 647 -21.94 26.59 -29.88
CA PRO A 647 -21.31 25.63 -30.80
C PRO A 647 -22.26 24.54 -31.25
N ILE A 648 -23.08 24.02 -30.34
CA ILE A 648 -24.04 22.98 -30.71
C ILE A 648 -25.01 23.50 -31.76
N ARG A 649 -25.57 24.68 -31.52
CA ARG A 649 -26.56 25.24 -32.43
C ARG A 649 -25.97 25.50 -33.80
N ILE A 650 -24.75 26.03 -33.85
CA ILE A 650 -24.13 26.34 -35.13
C ILE A 650 -23.75 25.06 -35.87
N LEU A 651 -23.15 24.10 -35.16
CA LEU A 651 -22.64 22.91 -35.83
C LEU A 651 -23.74 21.98 -36.29
N SER A 652 -24.83 21.84 -35.52
CA SER A 652 -25.85 20.87 -35.84
C SER A 652 -26.75 21.28 -36.99
N THR A 653 -26.63 22.51 -37.49
CA THR A 653 -27.50 22.98 -38.56
C THR A 653 -26.75 23.39 -39.82
N THR A 654 -25.43 23.53 -39.78
CA THR A 654 -24.68 23.94 -40.96
C THR A 654 -24.65 22.82 -41.99
N ALA A 655 -24.40 23.21 -43.24
CA ALA A 655 -24.41 22.25 -44.36
C ALA A 655 -23.33 22.68 -45.36
N MET A 656 -22.17 22.02 -45.27
CA MET A 656 -21.10 22.20 -46.24
C MET A 656 -21.33 21.24 -47.40
N ARG A 657 -22.23 21.64 -48.30
CA ARG A 657 -22.64 20.76 -49.38
C ARG A 657 -21.54 20.61 -50.41
N CYS A 658 -21.39 19.39 -50.92
CA CYS A 658 -20.44 19.08 -51.98
C CYS A 658 -21.02 17.93 -52.80
N THR A 659 -20.32 17.58 -53.88
CA THR A 659 -20.67 16.39 -54.65
C THR A 659 -20.10 15.11 -54.04
N GLY A 660 -19.13 15.22 -53.13
CA GLY A 660 -18.61 14.07 -52.43
C GLY A 660 -17.73 13.20 -53.30
N GLU A 661 -17.41 12.03 -52.75
CA GLU A 661 -16.65 11.01 -53.45
C GLU A 661 -17.58 9.84 -53.71
N TYR A 662 -17.76 9.50 -54.99
CA TYR A 662 -18.82 8.60 -55.42
C TYR A 662 -18.52 7.14 -55.16
N TRP A 663 -17.30 6.79 -54.73
CA TRP A 663 -17.06 5.42 -54.30
C TRP A 663 -17.90 5.06 -53.08
N TRP A 664 -18.27 6.05 -52.26
CA TRP A 664 -19.19 5.84 -51.15
C TRP A 664 -20.39 6.77 -51.28
N GLY A 665 -20.13 8.00 -51.72
CA GLY A 665 -21.14 9.03 -51.84
C GLY A 665 -20.68 10.33 -51.20
N ALA A 666 -21.61 11.27 -51.12
CA ALA A 666 -21.34 12.57 -50.52
C ALA A 666 -21.40 12.54 -49.00
N VAL A 667 -21.56 11.36 -48.40
CA VAL A 667 -21.62 11.27 -46.94
C VAL A 667 -20.27 11.54 -46.32
N LEU A 668 -19.19 11.42 -47.10
CA LEU A 668 -17.84 11.61 -46.57
C LEU A 668 -17.50 13.06 -46.27
N CYS A 669 -18.35 14.01 -46.69
CA CYS A 669 -18.07 15.42 -46.48
C CYS A 669 -19.19 16.15 -45.75
N LYS A 670 -20.42 15.64 -45.79
CA LYS A 670 -21.53 16.34 -45.17
C LYS A 670 -21.57 16.14 -43.66
N VAL A 671 -20.84 15.14 -43.14
CA VAL A 671 -20.93 14.82 -41.72
C VAL A 671 -19.74 15.31 -40.91
N GLN A 672 -18.82 16.06 -41.51
CA GLN A 672 -17.66 16.55 -40.77
C GLN A 672 -18.05 17.48 -39.61
N PRO A 673 -18.93 18.48 -39.78
CA PRO A 673 -19.32 19.28 -38.62
C PRO A 673 -19.96 18.48 -37.51
N LYS A 674 -20.76 17.47 -37.84
CA LYS A 674 -21.39 16.67 -36.80
C LYS A 674 -20.38 15.79 -36.08
N ILE A 675 -19.38 15.27 -36.80
CA ILE A 675 -18.30 14.54 -36.15
C ILE A 675 -17.53 15.44 -35.20
N VAL A 676 -17.26 16.67 -35.63
CA VAL A 676 -16.56 17.63 -34.75
C VAL A 676 -17.39 17.91 -33.50
N LEU A 677 -18.71 18.06 -33.68
CA LEU A 677 -19.59 18.30 -32.55
C LEU A 677 -19.57 17.12 -31.57
N GLY A 678 -19.62 15.91 -32.11
CA GLY A 678 -19.56 14.73 -31.25
C GLY A 678 -18.25 14.66 -30.47
N LEU A 679 -17.14 14.99 -31.14
CA LEU A 679 -15.85 15.02 -30.45
C LEU A 679 -15.81 16.08 -29.35
N VAL A 680 -16.38 17.25 -29.60
CA VAL A 680 -16.44 18.29 -28.58
C VAL A 680 -17.22 17.81 -27.37
N ILE A 681 -18.39 17.19 -27.61
CA ILE A 681 -19.21 16.69 -26.52
C ILE A 681 -18.44 15.63 -25.72
N ALA A 682 -17.76 14.72 -26.44
CA ALA A 682 -16.99 13.68 -25.76
C ALA A 682 -15.87 14.27 -24.91
N THR A 683 -15.17 15.28 -25.40
CA THR A 683 -14.11 15.91 -24.61
C THR A 683 -14.69 16.58 -23.36
N ASP A 684 -15.82 17.28 -23.50
CA ASP A 684 -16.42 17.91 -22.34
C ASP A 684 -16.93 16.90 -21.32
N PHE A 685 -17.40 15.73 -21.78
CA PHE A 685 -17.83 14.70 -20.85
C PHE A 685 -16.68 14.24 -19.95
N ILE A 686 -15.49 14.08 -20.52
CA ILE A 686 -14.33 13.73 -19.71
C ILE A 686 -13.93 14.90 -18.82
N LEU A 687 -14.01 16.12 -19.33
CA LEU A 687 -13.68 17.29 -18.52
C LEU A 687 -14.60 17.41 -17.31
N PHE A 688 -15.82 16.86 -17.41
CA PHE A 688 -16.77 16.93 -16.30
C PHE A 688 -16.28 16.20 -15.05
N PHE A 689 -15.35 15.25 -15.18
CA PHE A 689 -14.91 14.45 -14.04
C PHE A 689 -13.81 15.10 -13.22
N LEU A 690 -13.19 16.17 -13.73
CA LEU A 690 -11.99 16.71 -13.09
C LEU A 690 -12.31 17.83 -12.09
N ASP A 691 -13.57 18.24 -11.97
CA ASP A 691 -13.89 19.38 -11.13
C ASP A 691 -14.07 18.97 -9.67
N THR A 692 -14.55 17.75 -9.43
CA THR A 692 -14.84 17.33 -8.06
C THR A 692 -13.58 17.19 -7.22
N TYR A 693 -12.49 16.69 -7.82
CA TYR A 693 -11.23 16.62 -7.08
C TYR A 693 -10.74 18.00 -6.69
N LEU A 694 -10.83 18.96 -7.61
CA LEU A 694 -10.46 20.34 -7.34
C LEU A 694 -11.26 20.89 -6.16
N TRP A 695 -12.59 20.73 -6.20
CA TRP A 695 -13.41 21.27 -5.14
C TRP A 695 -13.15 20.56 -3.81
N TYR A 696 -12.88 19.25 -3.85
CA TYR A 696 -12.54 18.52 -2.63
C TYR A 696 -11.27 19.09 -2.01
N ILE A 697 -10.24 19.32 -2.82
CA ILE A 697 -9.00 19.89 -2.30
C ILE A 697 -9.24 21.26 -1.69
N ILE A 698 -10.01 22.10 -2.39
CA ILE A 698 -10.24 23.46 -1.91
C ILE A 698 -10.98 23.44 -0.58
N VAL A 699 -12.04 22.64 -0.49
CA VAL A 699 -12.86 22.62 0.72
C VAL A 699 -12.07 22.02 1.89
N ASN A 700 -11.28 20.98 1.63
CA ASN A 700 -10.44 20.44 2.69
C ASN A 700 -9.45 21.47 3.20
N THR A 701 -8.82 22.22 2.29
CA THR A 701 -7.88 23.25 2.72
C THR A 701 -8.58 24.32 3.56
N ILE A 702 -9.75 24.77 3.12
CA ILE A 702 -10.45 25.83 3.84
C ILE A 702 -10.84 25.34 5.24
N PHE A 703 -11.39 24.13 5.34
CA PHE A 703 -11.82 23.62 6.64
C PHE A 703 -10.63 23.40 7.56
N SER A 704 -9.51 22.89 7.03
CA SER A 704 -8.34 22.68 7.86
C SER A 704 -7.78 24.00 8.38
N VAL A 705 -7.78 25.04 7.54
CA VAL A 705 -7.33 26.35 8.00
C VAL A 705 -8.29 26.89 9.06
N GLY A 706 -9.60 26.73 8.84
CA GLY A 706 -10.57 27.27 9.78
C GLY A 706 -10.52 26.60 11.13
N LYS A 707 -10.22 25.29 11.16
CA LYS A 707 -10.19 24.57 12.42
C LYS A 707 -9.08 25.06 13.34
N SER A 708 -8.08 25.76 12.79
CA SER A 708 -6.98 26.26 13.61
C SER A 708 -7.47 27.27 14.65
N PHE A 709 -8.42 28.13 14.29
CA PHE A 709 -8.94 29.12 15.23
C PHE A 709 -9.69 28.49 16.38
N TYR A 710 -10.35 27.36 16.15
CA TYR A 710 -10.94 26.61 17.27
C TYR A 710 -9.86 25.91 18.08
N LEU A 711 -8.82 25.40 17.41
CA LEU A 711 -7.72 24.77 18.12
C LEU A 711 -6.77 25.78 18.75
N GLY A 712 -6.86 27.05 18.36
CA GLY A 712 -5.99 28.07 18.91
C GLY A 712 -4.53 27.93 18.56
N ILE A 713 -4.22 27.54 17.32
CA ILE A 713 -2.84 27.43 16.90
C ILE A 713 -2.27 28.82 16.63
N SER A 714 -1.07 29.07 17.17
CA SER A 714 -0.43 30.38 17.08
C SER A 714 0.94 30.22 16.42
N ILE A 715 1.09 30.80 15.23
CA ILE A 715 2.38 30.78 14.55
C ILE A 715 3.10 32.12 14.66
N LEU A 716 2.40 33.20 15.01
CA LEU A 716 3.04 34.51 15.09
C LEU A 716 3.88 34.64 16.36
N THR A 717 3.71 33.74 17.32
CA THR A 717 4.45 33.84 18.56
C THR A 717 5.94 33.58 18.33
N PRO A 718 6.82 34.26 19.05
CA PRO A 718 8.26 34.04 18.85
C PRO A 718 8.71 32.69 19.40
N TRP A 719 9.85 32.23 18.90
CA TRP A 719 10.42 30.98 19.38
C TRP A 719 10.84 31.08 20.84
N ARG A 720 11.32 32.25 21.27
CA ARG A 720 11.71 32.42 22.67
C ARG A 720 10.50 32.26 23.59
N ASN A 721 9.31 32.67 23.15
CA ASN A 721 8.11 32.42 23.92
C ASN A 721 7.80 30.93 24.05
N ILE A 722 8.40 30.09 23.20
CA ILE A 722 8.26 28.64 23.36
C ILE A 722 9.35 28.09 24.27
N PHE A 723 10.58 28.59 24.09
CA PHE A 723 11.71 28.07 24.87
C PHE A 723 11.60 28.44 26.34
N THR A 724 11.06 29.62 26.64
CA THR A 724 10.96 30.07 28.03
C THR A 724 10.01 29.22 28.86
N ARG A 725 9.01 28.59 28.23
CA ARG A 725 8.02 27.82 28.97
C ARG A 725 8.38 26.35 29.07
N LEU A 726 9.56 25.96 28.59
CA LEU A 726 9.94 24.55 28.52
C LEU A 726 10.02 23.84 29.87
N PRO A 727 10.69 24.38 30.90
CA PRO A 727 10.82 23.62 32.15
C PRO A 727 9.51 23.24 32.80
N LYS A 728 8.51 24.14 32.80
CA LYS A 728 7.22 23.80 33.39
C LYS A 728 6.54 22.68 32.61
N ARG A 729 6.62 22.71 31.28
CA ARG A 729 6.05 21.64 30.48
C ARG A 729 6.76 20.31 30.75
N ILE A 730 8.08 20.34 30.93
CA ILE A 730 8.81 19.13 31.27
C ILE A 730 8.34 18.59 32.62
N TYR A 731 8.20 19.48 33.60
CA TYR A 731 7.79 19.05 34.93
C TYR A 731 6.38 18.48 34.94
N SER A 732 5.47 19.06 34.16
CA SER A 732 4.07 18.68 34.23
C SER A 732 3.67 17.59 33.23
N LYS A 733 4.46 17.33 32.19
CA LYS A 733 4.08 16.38 31.15
C LYS A 733 5.00 15.17 31.03
N ILE A 734 6.26 15.28 31.46
CA ILE A 734 7.18 14.15 31.39
C ILE A 734 7.17 13.34 32.67
N LEU A 735 7.28 14.01 33.81
CA LEU A 735 7.29 13.33 35.10
C LEU A 735 5.86 13.13 35.60
N ALA A 736 5.64 12.01 36.26
CA ALA A 736 4.36 11.72 36.91
C ALA A 736 4.37 12.21 38.35
N THR A 737 4.47 13.53 38.49
CA THR A 737 4.64 14.16 39.79
C THR A 737 3.33 14.48 40.49
N THR A 738 2.19 14.28 39.83
CA THR A 738 0.91 14.55 40.47
C THR A 738 0.63 13.60 41.62
N ASP A 739 1.01 12.33 41.49
CA ASP A 739 0.74 11.35 42.54
C ASP A 739 1.66 11.48 43.74
N MET A 740 2.83 12.12 43.58
CA MET A 740 3.78 12.21 44.66
C MET A 740 3.37 13.28 45.67
N GLU A 741 3.77 13.07 46.92
CA GLU A 741 3.71 14.14 47.91
C GLU A 741 4.79 15.16 47.60
N ILE A 742 4.48 16.44 47.79
CA ILE A 742 5.37 17.51 47.38
C ILE A 742 6.42 17.75 48.45
N LYS A 743 7.53 17.00 48.37
CA LYS A 743 8.62 17.20 49.32
C LYS A 743 9.79 17.93 48.69
N TYR A 744 9.96 17.83 47.38
CA TYR A 744 11.09 18.41 46.67
C TYR A 744 10.60 19.48 45.69
N LYS A 745 11.51 20.39 45.35
CA LYS A 745 11.19 21.51 44.47
C LYS A 745 11.20 21.07 43.01
N PRO A 746 10.43 21.75 42.15
CA PRO A 746 10.42 21.36 40.72
C PRO A 746 11.77 21.48 40.04
N LYS A 747 12.57 22.48 40.41
CA LYS A 747 13.79 22.77 39.67
C LYS A 747 14.82 21.66 39.81
N VAL A 748 14.97 21.11 41.03
CA VAL A 748 15.92 20.03 41.23
C VAL A 748 15.50 18.78 40.47
N LEU A 749 14.19 18.57 40.26
CA LEU A 749 13.74 17.46 39.44
C LEU A 749 13.99 17.71 37.96
N ILE A 750 13.76 18.93 37.49
CA ILE A 750 13.95 19.24 36.07
C ILE A 750 15.42 19.15 35.69
N SER A 751 16.31 19.55 36.62
CA SER A 751 17.73 19.57 36.32
C SER A 751 18.26 18.18 36.00
N GLN A 752 17.82 17.17 36.74
CA GLN A 752 18.35 15.82 36.55
C GLN A 752 17.97 15.25 35.18
N VAL A 753 16.92 15.78 34.57
CA VAL A 753 16.55 15.32 33.23
C VAL A 753 17.25 16.15 32.16
N TRP A 754 17.30 17.47 32.35
CA TRP A 754 17.94 18.33 31.36
C TRP A 754 19.43 18.01 31.24
N ASN A 755 20.10 17.85 32.37
CA ASN A 755 21.52 17.48 32.35
C ASN A 755 21.73 16.14 31.69
N ALA A 756 20.83 15.17 31.96
CA ALA A 756 20.96 13.86 31.34
C ALA A 756 20.88 13.97 29.82
N ILE A 757 19.91 14.71 29.30
CA ILE A 757 19.78 14.86 27.85
C ILE A 757 21.02 15.54 27.27
N ILE A 758 21.47 16.62 27.90
CA ILE A 758 22.60 17.38 27.35
C ILE A 758 23.86 16.53 27.35
N ILE A 759 24.14 15.82 28.45
CA ILE A 759 25.31 14.96 28.51
C ILE A 759 25.20 13.82 27.52
N SER A 760 23.98 13.31 27.29
CA SER A 760 23.80 12.24 26.31
C SER A 760 24.17 12.72 24.91
N MET A 761 23.79 13.95 24.56
CA MET A 761 24.20 14.48 23.25
C MET A 761 25.70 14.66 23.16
N TYR A 762 26.37 15.01 24.26
CA TYR A 762 27.81 15.26 24.22
C TYR A 762 28.58 13.98 23.88
N ARG A 763 28.21 12.87 24.51
CA ARG A 763 28.95 11.62 24.33
C ARG A 763 28.83 11.07 22.91
N GLU A 764 27.89 11.57 22.11
CA GLU A 764 27.75 11.16 20.72
C GLU A 764 28.55 12.05 19.77
N HIS A 765 29.45 12.89 20.30
CA HIS A 765 30.29 13.79 19.52
C HIS A 765 29.50 14.81 18.72
N LEU A 766 28.39 15.31 19.28
CA LEU A 766 27.61 16.33 18.59
C LEU A 766 27.87 17.74 19.12
N LEU A 767 28.48 17.87 20.29
CA LEU A 767 28.75 19.17 20.89
C LEU A 767 30.18 19.20 21.43
N ALA A 768 30.79 20.38 21.35
CA ALA A 768 32.13 20.57 21.90
C ALA A 768 32.04 20.86 23.40
N ILE A 769 33.22 20.89 24.04
CA ILE A 769 33.28 21.12 25.48
C ILE A 769 32.80 22.52 25.86
N ASP A 770 33.07 23.52 25.02
CA ASP A 770 32.64 24.88 25.32
C ASP A 770 31.13 25.07 25.20
N HIS A 771 30.48 24.30 24.31
CA HIS A 771 29.04 24.45 24.16
C HIS A 771 28.27 23.86 25.33
N VAL A 772 28.91 23.00 26.13
CA VAL A 772 28.19 22.29 27.19
C VAL A 772 27.81 23.24 28.32
N GLN A 773 28.76 24.08 28.75
CA GLN A 773 28.52 24.95 29.91
C GLN A 773 27.49 26.04 29.64
N LYS A 774 27.14 26.30 28.39
CA LYS A 774 26.09 27.27 28.10
C LYS A 774 24.70 26.72 28.42
N LEU A 775 24.58 25.41 28.65
CA LEU A 775 23.29 24.76 28.76
C LEU A 775 23.05 24.04 30.09
N LEU A 776 24.12 23.72 30.83
CA LEU A 776 23.97 22.90 32.02
C LEU A 776 23.56 23.73 33.23
N TYR A 777 22.84 23.09 34.15
CA TYR A 777 22.60 23.66 35.47
C TYR A 777 23.88 23.57 36.29
N HIS A 778 24.15 24.61 37.08
CA HIS A 778 25.42 24.73 37.77
C HIS A 778 25.23 24.68 39.28
N GLN A 779 26.27 24.19 39.96
CA GLN A 779 26.28 24.00 41.41
C GLN A 779 27.21 24.98 42.11
N VAL A 780 27.86 25.88 41.36
CA VAL A 780 28.94 26.72 41.82
C VAL A 780 28.58 27.64 43.01
N PRO A 781 27.43 28.33 43.01
CA PRO A 781 27.21 29.36 44.04
C PRO A 781 27.28 28.81 45.46
N SER A 782 27.33 29.74 46.41
CA SER A 782 27.62 29.44 47.81
C SER A 782 26.62 28.45 48.39
N GLU A 783 27.13 27.50 49.17
CA GLU A 783 26.31 26.47 49.81
C GLU A 783 25.92 26.82 51.24
N ILE A 784 26.39 27.94 51.77
CA ILE A 784 26.01 28.34 53.12
C ILE A 784 24.52 28.70 53.20
N GLU A 785 23.90 29.04 52.07
CA GLU A 785 22.48 29.30 51.99
C GLU A 785 21.87 28.30 51.01
N GLY A 786 20.80 27.63 51.42
CA GLY A 786 20.21 26.57 50.62
C GLY A 786 19.58 27.04 49.33
N LYS A 787 19.13 28.30 49.28
CA LYS A 787 18.51 28.80 48.07
C LYS A 787 19.53 29.01 46.95
N ARG A 788 20.75 29.41 47.30
CA ARG A 788 21.78 29.66 46.30
C ARG A 788 22.34 28.38 45.69
N THR A 789 21.76 27.23 46.04
CA THR A 789 22.34 25.94 45.65
C THR A 789 22.39 25.76 44.14
N LEU A 790 21.32 26.12 43.43
CA LEU A 790 21.20 25.81 42.02
C LEU A 790 20.75 27.04 41.25
N ARG A 791 21.19 27.12 39.98
CA ARG A 791 20.88 28.26 39.13
C ARG A 791 20.55 27.79 37.72
N ALA A 792 19.55 28.44 37.11
CA ALA A 792 19.13 28.08 35.77
C ALA A 792 20.18 28.50 34.74
N PRO A 793 20.22 27.83 33.59
CA PRO A 793 21.20 28.21 32.57
C PRO A 793 20.79 29.49 31.85
N THR A 794 21.72 29.99 31.03
CA THR A 794 21.44 31.20 30.24
C THR A 794 20.56 30.90 29.04
N PHE A 795 20.38 29.62 28.71
CA PHE A 795 19.57 29.25 27.56
C PHE A 795 18.09 29.60 27.77
N PHE A 796 17.65 29.64 29.03
CA PHE A 796 16.26 29.90 29.33
C PHE A 796 15.98 31.33 29.75
N VAL A 797 17.00 32.10 30.11
CA VAL A 797 16.80 33.47 30.57
C VAL A 797 16.62 34.41 29.38
N GLU A 814 22.93 18.92 14.35
CA GLU A 814 21.73 18.09 14.51
C GLU A 814 21.13 18.30 15.88
N ALA A 815 21.94 18.82 16.82
CA ALA A 815 21.45 19.09 18.16
C ALA A 815 20.33 20.13 18.14
N GLU A 816 20.51 21.18 17.35
CA GLU A 816 19.49 22.24 17.28
C GLU A 816 18.17 21.71 16.74
N ARG A 817 18.22 20.87 15.70
CA ARG A 817 16.99 20.30 15.16
C ARG A 817 16.25 19.48 16.20
N ARG A 818 16.97 18.61 16.91
CA ARG A 818 16.34 17.77 17.91
C ARG A 818 15.76 18.60 19.06
N ILE A 819 16.51 19.61 19.52
CA ILE A 819 16.02 20.46 20.60
C ILE A 819 14.77 21.22 20.17
N SER A 820 14.78 21.77 18.95
CA SER A 820 13.62 22.49 18.45
C SER A 820 12.40 21.58 18.33
N PHE A 821 12.59 20.36 17.82
CA PHE A 821 11.46 19.44 17.72
C PHE A 821 10.93 19.06 19.10
N PHE A 822 11.82 18.83 20.07
CA PHE A 822 11.38 18.49 21.42
C PHE A 822 10.56 19.63 22.02
N ALA A 823 11.07 20.86 21.91
CA ALA A 823 10.38 22.01 22.46
C ALA A 823 9.03 22.22 21.79
N GLN A 824 8.97 22.05 20.47
CA GLN A 824 7.70 22.21 19.77
C GLN A 824 6.71 21.13 20.15
N SER A 825 7.17 19.88 20.27
CA SER A 825 6.28 18.77 20.55
C SER A 825 5.75 18.80 21.98
N LEU A 826 6.48 19.39 22.92
CA LEU A 826 5.93 19.49 24.27
C LEU A 826 4.79 20.49 24.37
N SER A 827 4.54 21.29 23.32
CA SER A 827 3.46 22.28 23.37
C SER A 827 2.07 21.67 23.21
N THR A 828 1.92 20.65 22.37
CA THR A 828 0.63 20.00 22.16
C THR A 828 0.21 19.25 23.43
N PRO A 829 -1.10 19.13 23.66
CA PRO A 829 -1.57 18.42 24.86
C PRO A 829 -1.11 16.96 24.87
N ILE A 830 -0.74 16.50 26.06
CA ILE A 830 -0.22 15.14 26.26
C ILE A 830 -0.99 14.49 27.40
N PRO A 831 -1.39 13.22 27.29
CA PRO A 831 -1.96 12.52 28.45
C PRO A 831 -0.93 12.36 29.55
N GLU A 832 -1.39 12.40 30.81
CA GLU A 832 -0.49 12.26 31.93
C GLU A 832 -0.04 10.81 32.07
N PRO A 833 1.19 10.59 32.52
CA PRO A 833 1.72 9.22 32.62
C PRO A 833 1.47 8.59 33.98
N LEU A 834 1.72 7.28 34.02
CA LEU A 834 1.71 6.51 35.25
C LEU A 834 3.12 6.36 35.80
N PRO A 835 3.26 6.07 37.10
CA PRO A 835 4.59 5.73 37.63
C PRO A 835 5.09 4.44 37.00
N VAL A 836 6.42 4.33 36.90
CA VAL A 836 7.03 3.23 36.15
C VAL A 836 6.81 1.88 36.81
N ASP A 837 6.36 1.85 38.07
CA ASP A 837 6.02 0.57 38.69
C ASP A 837 4.61 0.13 38.34
N ASN A 838 3.86 0.92 37.56
CA ASN A 838 2.52 0.56 37.12
C ASN A 838 2.41 0.41 35.61
N MET A 839 3.47 0.70 34.87
CA MET A 839 3.40 0.64 33.41
C MET A 839 3.42 -0.81 32.92
N PRO A 840 2.84 -1.07 31.76
CA PRO A 840 2.81 -2.46 31.23
C PRO A 840 4.12 -2.84 30.57
N THR A 841 4.10 -4.04 29.98
CA THR A 841 5.28 -4.60 29.33
C THR A 841 5.10 -4.59 27.81
N PHE A 842 6.19 -4.31 27.10
CA PHE A 842 6.16 -4.23 25.63
C PHE A 842 7.44 -4.81 25.06
N THR A 843 7.38 -5.16 23.78
CA THR A 843 8.45 -5.86 23.09
C THR A 843 8.76 -5.17 21.76
N VAL A 844 10.02 -5.22 21.35
CA VAL A 844 10.47 -4.68 20.07
C VAL A 844 10.94 -5.86 19.21
N LEU A 845 10.42 -5.95 17.99
CA LEU A 845 10.66 -7.08 17.12
C LEU A 845 11.34 -6.62 15.83
N THR A 846 12.38 -7.34 15.42
CA THR A 846 13.22 -6.94 14.29
C THR A 846 13.54 -8.14 13.42
N PRO A 847 13.32 -8.06 12.11
CA PRO A 847 13.80 -9.10 11.19
C PRO A 847 15.18 -8.76 10.62
N HIS A 848 15.90 -9.80 10.22
CA HIS A 848 17.23 -9.65 9.68
C HIS A 848 17.50 -10.71 8.62
N TYR A 849 18.09 -10.29 7.50
CA TYR A 849 18.46 -11.22 6.43
C TYR A 849 19.58 -10.58 5.61
N ALA A 850 20.80 -11.07 5.81
CA ALA A 850 22.00 -10.73 5.04
C ALA A 850 22.47 -9.29 5.23
N GLU A 851 21.88 -8.52 6.14
CA GLU A 851 22.35 -7.16 6.37
C GLU A 851 23.69 -7.17 7.09
N ARG A 852 24.39 -6.05 6.99
CA ARG A 852 25.72 -5.93 7.60
C ARG A 852 25.60 -5.68 9.10
N ILE A 853 26.42 -6.38 9.88
CA ILE A 853 26.45 -6.14 11.32
C ILE A 853 27.49 -5.06 11.65
N LEU A 854 28.72 -5.25 11.17
CA LEU A 854 29.78 -4.27 11.37
C LEU A 854 30.57 -4.15 10.08
N LEU A 855 31.21 -2.99 9.90
CA LEU A 855 32.04 -2.78 8.73
C LEU A 855 33.42 -3.39 8.94
N SER A 856 33.94 -4.03 7.90
CA SER A 856 35.26 -4.64 7.97
C SER A 856 36.34 -3.60 7.68
N LEU A 857 37.60 -3.98 7.94
CA LEU A 857 38.71 -3.06 7.72
C LEU A 857 38.89 -2.73 6.25
N ARG A 858 38.59 -3.68 5.35
CA ARG A 858 38.63 -3.39 3.93
C ARG A 858 37.64 -2.30 3.56
N GLU A 859 36.44 -2.37 4.11
CA GLU A 859 35.44 -1.33 3.85
C GLU A 859 35.86 0.03 4.38
N ILE A 860 36.82 0.07 5.31
CA ILE A 860 37.30 1.34 5.83
C ILE A 860 38.43 1.89 4.97
N ILE A 861 39.43 1.05 4.69
CA ILE A 861 40.64 1.54 4.04
C ILE A 861 40.60 1.48 2.51
N ARG A 862 39.71 0.69 1.94
CA ARG A 862 39.59 0.57 0.49
C ARG A 862 38.46 1.44 -0.04
N GLU A 863 38.42 1.58 -1.36
CA GLU A 863 37.38 2.37 -2.02
C GLU A 863 36.24 1.48 -2.48
N THR A 871 37.93 5.60 -0.98
CA THR A 871 37.98 5.26 0.44
C THR A 871 36.72 5.72 1.14
N LEU A 872 36.11 4.83 1.93
CA LEU A 872 34.93 5.21 2.70
C LEU A 872 35.30 6.17 3.83
N LEU A 873 36.49 6.01 4.40
CA LEU A 873 36.89 6.86 5.52
C LEU A 873 36.99 8.32 5.11
N GLU A 874 37.62 8.60 3.97
CA GLU A 874 37.72 9.98 3.51
C GLU A 874 36.34 10.54 3.16
N TYR A 875 35.49 9.72 2.55
CA TYR A 875 34.14 10.20 2.21
C TYR A 875 33.38 10.58 3.47
N LEU A 876 33.45 9.75 4.52
CA LEU A 876 32.81 10.09 5.78
C LEU A 876 33.42 11.34 6.40
N LYS A 877 34.76 11.45 6.38
CA LYS A 877 35.42 12.59 7.00
C LYS A 877 35.05 13.90 6.31
N GLN A 878 34.96 13.91 4.99
CA GLN A 878 34.51 15.09 4.27
C GLN A 878 33.00 15.27 4.26
N LEU A 879 32.23 14.30 4.78
CA LEU A 879 30.82 14.57 5.06
C LEU A 879 30.59 15.08 6.48
N HIS A 880 31.33 14.55 7.45
CA HIS A 880 31.11 14.85 8.87
C HIS A 880 32.42 15.27 9.52
N PRO A 881 32.93 16.46 9.18
CA PRO A 881 34.24 16.87 9.74
C PRO A 881 34.19 17.13 11.23
N VAL A 882 33.29 18.00 11.69
CA VAL A 882 33.33 18.46 13.08
C VAL A 882 33.27 17.28 14.04
N GLU A 883 32.42 16.30 13.74
CA GLU A 883 32.42 15.07 14.53
C GLU A 883 33.77 14.37 14.46
N TRP A 884 34.48 14.49 13.34
CA TRP A 884 35.78 13.83 13.24
C TRP A 884 36.83 14.51 14.12
N GLU A 885 36.88 15.84 14.13
CA GLU A 885 37.80 16.49 15.06
C GLU A 885 37.40 16.22 16.51
N CYS A 886 36.10 16.19 16.80
CA CYS A 886 35.68 15.87 18.16
C CYS A 886 36.13 14.46 18.55
N PHE A 887 35.97 13.50 17.65
CA PHE A 887 36.38 12.12 17.94
C PHE A 887 37.88 12.02 18.16
N VAL A 888 38.67 12.63 17.28
CA VAL A 888 40.11 12.52 17.43
C VAL A 888 40.58 13.24 18.69
N LYS A 889 39.96 14.37 19.04
CA LYS A 889 40.29 15.04 20.29
C LYS A 889 39.96 14.17 21.48
N ASP A 890 38.83 13.48 21.44
CA ASP A 890 38.42 12.64 22.56
C ASP A 890 39.29 11.40 22.68
N THR A 891 39.88 10.95 21.56
CA THR A 891 40.65 9.71 21.59
C THR A 891 41.88 9.82 22.48
N LYS A 892 42.67 10.88 22.32
CA LYS A 892 43.90 11.00 23.11
C LYS A 892 43.61 11.28 24.58
N ILE A 893 42.36 11.58 24.94
CA ILE A 893 42.03 11.79 26.35
C ILE A 893 42.24 10.50 27.14
N LEU A 894 41.82 9.36 26.60
CA LEU A 894 41.96 8.07 27.26
C LEU A 894 43.22 7.33 26.83
N ALA A 895 43.53 7.30 25.54
CA ALA A 895 44.70 6.60 25.04
C ALA A 895 45.99 7.32 25.44
N ALA A 931 49.50 -2.55 15.76
CA ALA A 931 48.35 -2.46 14.87
C ALA A 931 47.21 -1.67 15.52
N ALA A 932 47.42 -1.28 16.77
CA ALA A 932 46.47 -0.51 17.56
C ALA A 932 45.08 -1.19 17.58
N PRO A 933 44.95 -2.32 18.29
CA PRO A 933 43.66 -3.04 18.26
C PRO A 933 42.49 -2.23 18.79
N GLU A 934 42.64 -1.61 19.96
CA GLU A 934 41.54 -0.82 20.52
C GLU A 934 41.23 0.39 19.64
N TYR A 935 42.27 1.05 19.09
CA TYR A 935 42.04 2.18 18.21
C TYR A 935 41.35 1.73 16.92
N THR A 936 41.75 0.57 16.38
CA THR A 936 41.08 0.04 15.19
C THR A 936 39.62 -0.27 15.49
N LEU A 937 39.34 -0.85 16.65
CA LEU A 937 37.96 -1.16 17.01
C LEU A 937 37.13 0.11 17.17
N ARG A 938 37.70 1.14 17.79
CA ARG A 938 37.00 2.40 17.91
C ARG A 938 36.73 3.02 16.55
N THR A 939 37.69 2.92 15.63
CA THR A 939 37.47 3.42 14.28
C THR A 939 36.36 2.64 13.58
N ARG A 940 36.34 1.33 13.76
CA ARG A 940 35.28 0.51 13.18
C ARG A 940 33.91 0.93 13.72
N ILE A 941 33.81 1.16 15.03
CA ILE A 941 32.55 1.57 15.63
C ILE A 941 32.13 2.95 15.09
N TRP A 942 33.08 3.87 15.00
CA TRP A 942 32.77 5.21 14.49
C TRP A 942 32.27 5.15 13.06
N ALA A 943 32.92 4.33 12.23
CA ALA A 943 32.47 4.20 10.84
C ALA A 943 31.12 3.51 10.75
N SER A 944 30.87 2.54 11.62
CA SER A 944 29.59 1.82 11.60
C SER A 944 28.44 2.73 12.01
N LEU A 945 28.65 3.59 13.01
CA LEU A 945 27.57 4.42 13.51
C LEU A 945 27.09 5.45 12.50
N ARG A 946 27.88 5.74 11.47
CA ARG A 946 27.48 6.68 10.43
C ARG A 946 27.00 6.00 9.16
N SER A 947 26.98 4.66 9.12
CA SER A 947 26.59 3.92 7.94
C SER A 947 25.42 3.00 8.26
N GLN A 948 24.86 2.40 7.22
CA GLN A 948 23.73 1.49 7.38
C GLN A 948 24.18 0.13 7.91
N THR A 949 24.02 -0.08 9.22
CA THR A 949 24.40 -1.34 9.84
C THR A 949 23.34 -1.73 10.86
N LEU A 950 23.37 -3.00 11.27
CA LEU A 950 22.47 -3.46 12.32
C LEU A 950 22.90 -2.95 13.69
N TYR A 951 24.21 -2.75 13.88
CA TYR A 951 24.69 -2.23 15.15
C TYR A 951 24.15 -0.83 15.43
N ARG A 952 24.07 0.01 14.40
CA ARG A 952 23.50 1.34 14.56
C ARG A 952 22.07 1.27 15.09
N THR A 953 21.24 0.46 14.45
CA THR A 953 19.84 0.34 14.87
C THR A 953 19.74 -0.25 16.27
N ILE A 954 20.54 -1.26 16.59
CA ILE A 954 20.47 -1.89 17.90
C ILE A 954 20.88 -0.92 18.99
N SER A 955 21.99 -0.22 18.79
CA SER A 955 22.42 0.76 19.79
C SER A 955 21.48 1.95 19.88
N GLY A 956 20.73 2.25 18.81
CA GLY A 956 19.73 3.29 18.86
C GLY A 956 18.56 2.97 19.77
N PHE A 957 18.05 1.75 19.68
CA PHE A 957 16.82 1.41 20.39
C PHE A 957 17.07 0.90 21.81
N MET A 958 18.33 0.70 22.20
CA MET A 958 18.60 0.36 23.59
C MET A 958 18.50 1.56 24.52
N ASN A 959 18.10 2.72 24.00
CA ASN A 959 17.89 3.89 24.85
C ASN A 959 16.64 3.73 25.71
N TYR A 960 15.81 2.74 25.41
CA TYR A 960 14.60 2.51 26.22
C TYR A 960 14.96 2.10 27.64
N SER A 961 16.00 1.29 27.81
CA SER A 961 16.36 0.80 29.14
C SER A 961 16.87 1.93 30.03
N ARG A 962 17.78 2.76 29.51
CA ARG A 962 18.34 3.82 30.33
C ARG A 962 17.32 4.89 30.65
N ALA A 963 16.38 5.16 29.75
CA ALA A 963 15.31 6.12 30.05
C ALA A 963 14.45 5.62 31.20
N ILE A 964 14.10 4.33 31.19
CA ILE A 964 13.29 3.75 32.25
C ILE A 964 14.05 3.80 33.57
N LYS A 965 15.34 3.45 33.56
CA LYS A 965 16.11 3.51 34.80
C LYS A 965 16.21 4.94 35.34
N LEU A 966 16.43 5.91 34.45
CA LEU A 966 16.50 7.31 34.87
C LEU A 966 15.20 7.77 35.50
N LEU A 967 14.07 7.48 34.85
CA LEU A 967 12.77 7.88 35.39
C LEU A 967 12.51 7.19 36.72
N TYR A 968 12.84 5.90 36.83
CA TYR A 968 12.62 5.17 38.06
C TYR A 968 13.40 5.78 39.21
N ARG A 969 14.66 6.12 38.97
CA ARG A 969 15.46 6.65 40.09
C ARG A 969 15.08 8.09 40.41
N VAL A 970 14.66 8.86 39.41
CA VAL A 970 14.31 10.26 39.65
C VAL A 970 12.99 10.36 40.43
N GLU A 971 12.00 9.54 40.07
CA GLU A 971 10.65 9.77 40.57
C GLU A 971 10.43 9.38 42.02
N ASN A 972 11.38 8.71 42.67
CA ASN A 972 11.26 8.41 44.10
C ASN A 972 12.63 8.32 44.73
N PRO A 973 13.04 9.34 45.50
CA PRO A 973 14.39 9.36 46.07
C PRO A 973 14.56 8.57 47.35
N GLU A 974 13.47 8.06 47.95
CA GLU A 974 13.61 7.30 49.18
C GLU A 974 14.37 5.99 48.95
N ILE A 975 14.11 5.34 47.81
CA ILE A 975 14.83 4.12 47.46
C ILE A 975 16.31 4.42 47.26
N VAL A 976 16.61 5.57 46.65
CA VAL A 976 18.00 5.98 46.47
C VAL A 976 18.66 6.20 47.82
N GLN A 977 17.93 6.83 48.75
CA GLN A 977 18.51 7.19 50.04
C GLN A 977 18.74 5.95 50.91
N MET A 978 17.83 4.97 50.83
CA MET A 978 17.90 3.84 51.76
C MET A 978 19.08 2.91 51.48
N PHE A 979 19.79 3.08 50.37
CA PHE A 979 20.98 2.29 50.12
C PHE A 979 22.23 2.86 50.78
N GLY A 980 22.28 4.17 51.02
CA GLY A 980 23.34 4.76 51.80
C GLY A 980 24.73 4.64 51.23
N GLY A 981 24.89 4.86 49.92
CA GLY A 981 26.20 4.85 49.31
C GLY A 981 26.60 3.55 48.63
N ASN A 982 25.82 2.49 48.78
CA ASN A 982 26.10 1.21 48.12
C ASN A 982 25.64 1.33 46.66
N ALA A 983 26.55 1.79 45.82
CA ALA A 983 26.22 2.01 44.41
C ALA A 983 25.89 0.73 43.66
N GLU A 984 26.62 -0.35 43.93
CA GLU A 984 26.42 -1.60 43.19
C GLU A 984 25.03 -2.17 43.42
N GLY A 985 24.57 -2.16 44.67
CA GLY A 985 23.22 -2.64 44.95
C GLY A 985 22.16 -1.83 44.26
N LEU A 986 22.32 -0.51 44.24
CA LEU A 986 21.37 0.35 43.55
C LEU A 986 21.37 0.08 42.05
N GLU A 987 22.54 -0.12 41.46
CA GLU A 987 22.61 -0.44 40.04
C GLU A 987 21.93 -1.76 39.73
N ARG A 988 22.15 -2.77 40.57
CA ARG A 988 21.48 -4.06 40.37
C ARG A 988 19.97 -3.92 40.49
N GLU A 989 19.51 -3.15 41.48
CA GLU A 989 18.07 -2.97 41.65
C GLU A 989 17.46 -2.25 40.46
N LEU A 990 18.15 -1.25 39.92
CA LEU A 990 17.65 -0.55 38.74
C LEU A 990 17.60 -1.46 37.53
N GLU A 991 18.63 -2.30 37.34
CA GLU A 991 18.63 -3.22 36.21
C GLU A 991 17.52 -4.25 36.33
N LYS A 992 17.25 -4.72 37.55
CA LYS A 992 16.17 -5.68 37.76
C LYS A 992 14.82 -5.07 37.35
N MET A 993 14.61 -3.81 37.69
CA MET A 993 13.38 -3.14 37.29
C MET A 993 13.33 -2.95 35.77
N ALA A 994 14.46 -2.60 35.17
CA ALA A 994 14.49 -2.36 33.72
C ALA A 994 14.23 -3.64 32.93
N ARG A 995 14.62 -4.79 33.48
CA ARG A 995 14.42 -6.03 32.74
C ARG A 995 12.95 -6.46 32.69
N ARG A 996 12.14 -6.04 33.66
CA ARG A 996 10.75 -6.49 33.71
C ARG A 996 9.91 -5.85 32.61
N LYS A 997 10.16 -4.58 32.30
CA LYS A 997 9.25 -3.81 31.47
C LYS A 997 9.64 -3.76 30.00
N PHE A 998 10.90 -4.01 29.66
CA PHE A 998 11.37 -3.87 28.29
C PHE A 998 12.05 -5.15 27.84
N LYS A 999 11.69 -5.64 26.66
CA LYS A 999 12.29 -6.85 26.11
C LYS A 999 13.11 -6.54 24.87
N LEU A 1001 14.38 -8.38 20.81
CA LEU A 1001 14.21 -9.63 20.10
C LEU A 1001 14.50 -9.47 18.61
N VAL A 1002 15.53 -10.16 18.12
CA VAL A 1002 15.94 -10.13 16.72
C VAL A 1002 15.89 -11.55 16.18
N SER A 1003 15.29 -11.73 15.00
CA SER A 1003 15.20 -13.03 14.35
C SER A 1003 16.20 -13.09 13.21
N MET A 1004 17.14 -14.03 13.30
CA MET A 1004 18.18 -14.24 12.29
C MET A 1004 17.97 -15.64 11.72
N GLN A 1005 17.29 -15.73 10.58
CA GLN A 1005 16.95 -17.04 10.02
C GLN A 1005 18.17 -17.77 9.45
N ARG A 1006 19.33 -17.11 9.36
CA ARG A 1006 20.52 -17.72 8.79
C ARG A 1006 21.65 -17.87 9.79
N LEU A 1007 21.38 -17.88 11.09
CA LEU A 1007 22.44 -17.96 12.09
C LEU A 1007 23.21 -19.27 12.01
N ALA A 1008 22.60 -20.34 11.52
CA ALA A 1008 23.29 -21.60 11.35
C ALA A 1008 24.07 -21.68 10.05
N LYS A 1009 24.03 -20.63 9.22
CA LYS A 1009 24.65 -20.64 7.92
C LYS A 1009 25.62 -19.48 7.71
N PHE A 1010 25.96 -18.75 8.76
CA PHE A 1010 26.86 -17.61 8.62
C PHE A 1010 28.28 -18.04 8.27
N LYS A 1011 28.99 -17.14 7.61
CA LYS A 1011 30.43 -17.26 7.43
C LYS A 1011 31.12 -17.06 8.78
N PRO A 1012 32.37 -17.50 8.93
CA PRO A 1012 33.05 -17.32 10.22
C PRO A 1012 33.15 -15.87 10.67
N HIS A 1013 33.39 -14.95 9.73
CA HIS A 1013 33.44 -13.53 10.10
C HIS A 1013 32.06 -12.97 10.43
N GLU A 1014 30.99 -13.62 9.99
CA GLU A 1014 29.65 -13.23 10.41
C GLU A 1014 29.37 -13.66 11.85
N LEU A 1015 29.79 -14.88 12.21
CA LEU A 1015 29.65 -15.32 13.60
C LEU A 1015 30.51 -14.50 14.53
N GLU A 1016 31.71 -14.12 14.07
CA GLU A 1016 32.58 -13.26 14.86
C GLU A 1016 31.90 -11.93 15.19
N ASN A 1017 31.13 -11.39 14.24
CA ASN A 1017 30.38 -10.17 14.51
C ASN A 1017 29.16 -10.43 15.39
N ALA A 1018 28.50 -11.57 15.17
CA ALA A 1018 27.28 -11.86 15.94
C ALA A 1018 27.58 -12.02 17.42
N GLU A 1019 28.68 -12.67 17.77
CA GLU A 1019 29.05 -12.79 19.18
C GLU A 1019 29.36 -11.45 19.82
N PHE A 1020 29.82 -10.48 19.03
CA PHE A 1020 30.13 -9.15 19.57
C PHE A 1020 28.88 -8.48 20.13
N LEU A 1021 27.74 -8.64 19.45
CA LEU A 1021 26.50 -8.05 19.94
C LEU A 1021 26.08 -8.64 21.28
N LEU A 1022 26.18 -9.97 21.40
CA LEU A 1022 25.84 -10.60 22.67
C LEU A 1022 26.82 -10.22 23.78
N ARG A 1023 28.08 -9.96 23.45
CA ARG A 1023 29.00 -9.50 24.49
C ARG A 1023 28.74 -8.04 24.87
N ALA A 1024 28.35 -7.21 23.91
CA ALA A 1024 28.10 -5.80 24.19
C ALA A 1024 26.78 -5.56 24.91
N TYR A 1025 25.74 -6.29 24.54
CA TYR A 1025 24.41 -6.13 25.12
C TYR A 1025 23.93 -7.48 25.64
N PRO A 1026 24.17 -7.79 26.90
CA PRO A 1026 23.81 -9.12 27.42
C PRO A 1026 22.32 -9.41 27.42
N ASP A 1027 21.47 -8.39 27.31
CA ASP A 1027 20.03 -8.56 27.41
C ASP A 1027 19.35 -8.73 26.06
N LEU A 1028 20.12 -8.98 25.00
CA LEU A 1028 19.55 -9.11 23.67
C LEU A 1028 19.21 -10.58 23.39
N GLN A 1029 18.07 -10.80 22.72
CA GLN A 1029 17.61 -12.14 22.41
C GLN A 1029 17.65 -12.37 20.90
N ILE A 1030 18.01 -13.59 20.49
CA ILE A 1030 18.13 -13.96 19.09
C ILE A 1030 17.36 -15.25 18.86
N ALA A 1031 16.60 -15.30 17.76
CA ALA A 1031 15.89 -16.49 17.34
C ALA A 1031 16.38 -16.93 15.97
N TYR A 1032 16.46 -18.24 15.75
CA TYR A 1032 17.00 -18.78 14.51
C TYR A 1032 16.43 -20.16 14.26
N LEU A 1033 16.64 -20.66 13.05
CA LEU A 1033 16.17 -21.98 12.63
C LEU A 1033 17.30 -22.99 12.70
N ASP A 1034 16.99 -24.20 13.14
CA ASP A 1034 17.97 -25.25 13.29
C ASP A 1034 17.45 -26.52 12.64
N GLU A 1035 18.37 -27.34 12.16
CA GLU A 1035 18.03 -28.53 11.40
C GLU A 1035 18.82 -29.73 11.92
N GLU A 1036 18.19 -30.90 11.90
CA GLU A 1036 18.79 -32.15 12.33
C GLU A 1036 18.68 -33.19 11.23
N PRO A 1037 19.59 -34.17 11.19
CA PRO A 1037 19.47 -35.26 10.22
C PRO A 1037 18.23 -36.10 10.52
N PRO A 1038 17.63 -36.70 9.50
CA PRO A 1038 16.39 -37.45 9.72
C PRO A 1038 16.59 -38.63 10.66
N LEU A 1039 15.58 -38.90 11.49
CA LEU A 1039 15.67 -40.10 12.37
C LEU A 1039 15.76 -41.36 11.52
N THR A 1040 14.70 -41.68 10.78
CA THR A 1040 14.72 -42.85 9.86
C THR A 1040 15.50 -42.42 8.61
N GLU A 1041 16.19 -43.37 7.97
CA GLU A 1041 16.98 -43.06 6.75
C GLU A 1041 16.07 -42.71 5.57
N GLY A 1042 16.55 -41.86 4.65
CA GLY A 1042 15.77 -41.47 3.46
C GLY A 1042 14.45 -40.81 3.79
N GLU A 1043 14.42 -39.96 4.81
CA GLU A 1043 13.18 -39.21 5.18
C GLU A 1043 13.53 -37.72 5.36
N GLU A 1044 12.54 -36.85 5.16
CA GLU A 1044 12.75 -35.38 5.30
C GLU A 1044 13.40 -35.07 6.65
N PRO A 1045 14.35 -34.12 6.72
CA PRO A 1045 15.00 -33.72 7.97
C PRO A 1045 14.03 -32.98 8.88
N ARG A 1046 14.36 -32.99 10.17
CA ARG A 1046 13.57 -32.27 11.17
C ARG A 1046 14.05 -30.83 11.26
N ILE A 1047 13.12 -29.91 11.51
CA ILE A 1047 13.42 -28.49 11.60
C ILE A 1047 12.89 -27.96 12.92
N TYR A 1048 13.73 -27.22 13.63
CA TYR A 1048 13.41 -26.69 14.95
C TYR A 1048 13.56 -25.18 14.97
N SER A 1049 13.04 -24.58 16.04
CA SER A 1049 13.19 -23.15 16.31
C SER A 1049 13.81 -22.98 17.69
N ALA A 1050 14.80 -22.10 17.80
CA ALA A 1050 15.59 -21.97 19.02
C ALA A 1050 15.66 -20.52 19.46
N LEU A 1051 15.97 -20.33 20.74
CA LEU A 1051 16.11 -19.01 21.35
C LEU A 1051 17.34 -18.98 22.23
N ILE A 1052 18.14 -17.91 22.09
CA ILE A 1052 19.34 -17.71 22.90
C ILE A 1052 19.42 -16.24 23.29
N ASP A 1053 20.23 -15.97 24.32
CA ASP A 1053 20.51 -14.60 24.73
C ASP A 1053 21.90 -14.53 25.32
N GLY A 1054 22.24 -13.36 25.88
CA GLY A 1054 23.60 -13.08 26.28
C GLY A 1054 24.05 -13.76 27.57
N HIS A 1055 23.13 -14.29 28.35
CA HIS A 1055 23.49 -14.95 29.60
C HIS A 1055 23.60 -16.47 29.46
N CYS A 1056 23.45 -17.01 28.26
CA CYS A 1056 23.51 -18.45 28.07
C CYS A 1056 24.94 -18.95 28.22
N GLU A 1057 25.06 -20.16 28.76
CA GLU A 1057 26.37 -20.80 28.92
C GLU A 1057 26.95 -21.17 27.55
N ILE A 1058 28.27 -21.04 27.43
CA ILE A 1058 28.95 -21.37 26.19
C ILE A 1058 29.41 -22.82 26.23
N LEU A 1059 28.97 -23.62 25.27
CA LEU A 1059 29.39 -25.00 25.19
C LEU A 1059 30.80 -25.10 24.63
N ASP A 1060 31.39 -26.30 24.77
CA ASP A 1060 32.73 -26.54 24.25
C ASP A 1060 32.77 -26.52 22.73
N ASN A 1061 31.62 -26.63 22.07
CA ASN A 1061 31.56 -26.54 20.62
C ASN A 1061 31.66 -25.10 20.11
N GLY A 1062 31.60 -24.11 21.00
CA GLY A 1062 31.58 -22.73 20.61
C GLY A 1062 30.20 -22.12 20.49
N ARG A 1063 29.15 -22.94 20.51
CA ARG A 1063 27.78 -22.45 20.45
C ARG A 1063 27.23 -22.25 21.85
N ARG A 1064 26.10 -21.55 21.93
CA ARG A 1064 25.47 -21.24 23.20
C ARG A 1064 24.28 -22.16 23.44
N ARG A 1065 23.99 -22.39 24.72
CA ARG A 1065 22.94 -23.32 25.11
C ARG A 1065 21.56 -22.70 24.89
N PRO A 1066 20.68 -23.33 24.11
CA PRO A 1066 19.38 -22.70 23.82
C PRO A 1066 18.44 -22.76 25.02
N LYS A 1067 17.64 -21.69 25.17
CA LYS A 1067 16.64 -21.66 26.23
C LYS A 1067 15.46 -22.56 25.90
N PHE A 1068 15.01 -22.54 24.64
CA PHE A 1068 13.88 -23.36 24.19
C PHE A 1068 14.18 -23.90 22.80
N ARG A 1069 13.65 -25.08 22.51
CA ARG A 1069 13.63 -25.62 21.16
C ARG A 1069 12.27 -26.25 20.89
N VAL A 1070 11.61 -25.78 19.83
CA VAL A 1070 10.28 -26.23 19.46
C VAL A 1070 10.35 -26.80 18.05
N GLN A 1071 9.82 -27.99 17.86
CA GLN A 1071 9.85 -28.64 16.55
C GLN A 1071 8.75 -28.12 15.64
N LEU A 1072 9.09 -27.89 14.39
CA LEU A 1072 8.14 -27.53 13.35
C LEU A 1072 7.86 -28.73 12.46
N SER A 1073 6.76 -28.67 11.73
CA SER A 1073 6.38 -29.78 10.86
C SER A 1073 7.07 -29.74 9.51
N GLY A 1074 7.78 -28.67 9.19
CA GLY A 1074 8.46 -28.59 7.91
C GLY A 1074 9.14 -27.24 7.77
N ASN A 1075 9.61 -26.97 6.55
CA ASN A 1075 10.26 -25.70 6.28
C ASN A 1075 9.23 -24.58 6.35
N PRO A 1076 9.46 -23.54 7.16
CA PRO A 1076 8.43 -22.51 7.36
C PRO A 1076 8.33 -21.50 6.24
N ILE A 1077 9.42 -21.20 5.54
CA ILE A 1077 9.42 -20.16 4.51
C ILE A 1077 8.93 -20.82 3.23
N LEU A 1078 7.65 -20.61 2.91
CA LEU A 1078 7.09 -21.06 1.65
C LEU A 1078 7.05 -19.93 0.62
N GLY A 1079 6.44 -18.81 0.97
CA GLY A 1079 6.43 -17.64 0.10
C GLY A 1079 7.46 -16.62 0.57
N ASP A 1080 7.91 -15.79 -0.37
CA ASP A 1080 8.89 -14.77 -0.04
C ASP A 1080 8.26 -13.65 0.80
N GLY A 1081 9.12 -12.95 1.53
CA GLY A 1081 8.71 -11.83 2.34
C GLY A 1081 9.14 -11.97 3.79
N LYS A 1082 8.96 -10.88 4.53
CA LYS A 1082 9.32 -10.86 5.95
C LYS A 1082 8.26 -11.51 6.83
N SER A 1083 7.06 -11.77 6.29
CA SER A 1083 5.98 -12.29 7.10
C SER A 1083 6.31 -13.66 7.67
N ASP A 1084 6.85 -14.56 6.86
CA ASP A 1084 7.23 -15.88 7.33
C ASP A 1084 8.44 -15.85 8.25
N ASN A 1085 9.28 -14.81 8.16
CA ASN A 1085 10.35 -14.63 9.14
C ASN A 1085 9.78 -14.20 10.49
N GLN A 1086 8.81 -13.29 10.48
CA GLN A 1086 8.23 -12.83 11.74
C GLN A 1086 7.36 -13.91 12.37
N ASN A 1087 6.78 -14.79 11.56
CA ASN A 1087 5.82 -15.75 12.09
C ASN A 1087 6.45 -16.76 13.05
N HIS A 1088 7.61 -17.31 12.69
CA HIS A 1088 8.17 -18.37 13.54
C HIS A 1088 8.77 -17.81 14.81
N ALA A 1089 9.20 -16.54 14.79
CA ALA A 1089 9.76 -15.90 15.97
C ALA A 1089 8.70 -15.24 16.85
N LEU A 1090 7.43 -15.27 16.41
CA LEU A 1090 6.39 -14.57 17.16
C LEU A 1090 6.02 -15.29 18.45
N ILE A 1091 6.33 -16.59 18.57
CA ILE A 1091 5.97 -17.33 19.77
C ILE A 1091 6.81 -16.97 20.98
N PHE A 1092 7.87 -16.16 20.78
CA PHE A 1092 8.77 -15.82 21.87
C PHE A 1092 8.57 -14.40 22.40
N TYR A 1093 7.51 -13.71 21.98
CA TYR A 1093 7.33 -12.35 22.47
C TYR A 1093 6.71 -12.38 23.86
N ARG A 1094 6.80 -11.24 24.55
CA ARG A 1094 6.23 -11.10 25.88
C ARG A 1094 5.56 -9.74 26.00
N GLY A 1095 4.57 -9.66 26.89
CA GLY A 1095 3.94 -8.39 27.19
C GLY A 1095 2.58 -8.22 26.54
N GLU A 1096 2.20 -6.95 26.40
CA GLU A 1096 0.90 -6.57 25.87
C GLU A 1096 0.96 -5.78 24.57
N TYR A 1097 2.07 -5.12 24.28
CA TYR A 1097 2.20 -4.28 23.10
C TYR A 1097 3.48 -4.63 22.35
N ILE A 1098 3.45 -4.44 21.03
CA ILE A 1098 4.56 -4.77 20.17
C ILE A 1098 4.85 -3.59 19.25
N GLN A 1099 6.12 -3.24 19.12
CA GLN A 1099 6.56 -2.23 18.17
C GLN A 1099 7.28 -2.89 17.00
N LEU A 1100 6.84 -2.60 15.78
CA LEU A 1100 7.39 -3.20 14.57
C LEU A 1100 8.36 -2.23 13.92
N ILE A 1101 9.62 -2.62 13.81
CA ILE A 1101 10.66 -1.81 13.19
C ILE A 1101 11.30 -2.63 12.06
N ASP A 1102 12.26 -2.02 11.37
CA ASP A 1102 12.94 -2.66 10.27
C ASP A 1102 14.45 -2.58 10.47
N ALA A 1103 15.19 -2.98 9.44
CA ALA A 1103 16.63 -3.15 9.58
C ALA A 1103 17.35 -1.83 9.82
N ASN A 1104 16.91 -0.74 9.18
CA ASN A 1104 17.56 0.55 9.29
C ASN A 1104 16.59 1.61 9.82
N GLN A 1105 16.64 1.84 11.13
CA GLN A 1105 15.82 2.84 11.78
C GLN A 1105 16.62 3.43 12.93
N ASP A 1106 16.25 4.65 13.34
CA ASP A 1106 17.00 5.41 14.32
C ASP A 1106 16.10 5.86 15.46
N ASN A 1107 16.69 6.01 16.64
CA ASN A 1107 15.94 6.46 17.82
C ASN A 1107 16.87 7.29 18.69
N TYR A 1108 16.25 8.12 19.54
CA TYR A 1108 16.99 9.07 20.36
C TYR A 1108 16.45 9.02 21.79
N LEU A 1109 17.27 9.52 22.72
CA LEU A 1109 16.92 9.45 24.14
C LEU A 1109 15.71 10.32 24.46
N GLU A 1110 15.63 11.51 23.85
CA GLU A 1110 14.52 12.42 24.16
C GLU A 1110 13.18 11.82 23.77
N GLU A 1111 13.13 11.12 22.63
CA GLU A 1111 11.88 10.52 22.18
C GLU A 1111 11.49 9.31 23.02
N CYS A 1112 12.46 8.65 23.65
CA CYS A 1112 12.13 7.47 24.44
C CYS A 1112 11.57 7.83 25.81
N LEU A 1113 11.74 9.09 26.24
CA LEU A 1113 11.22 9.50 27.54
C LEU A 1113 9.69 9.54 27.55
N LYS A 1114 9.09 9.63 26.36
CA LYS A 1114 7.64 9.75 26.25
C LYS A 1114 6.95 8.42 25.96
N ILE A 1115 7.55 7.29 26.33
CA ILE A 1115 6.98 5.99 26.01
C ILE A 1115 5.68 5.75 26.77
N ARG A 1116 5.62 6.23 28.02
CA ARG A 1116 4.44 5.96 28.85
C ARG A 1116 3.21 6.67 28.32
N SER A 1117 3.39 7.85 27.70
CA SER A 1117 2.25 8.60 27.19
C SER A 1117 1.73 7.99 25.89
N VAL A 1118 2.62 7.42 25.08
CA VAL A 1118 2.20 6.80 23.82
C VAL A 1118 1.33 5.59 24.09
N LEU A 1119 1.71 4.75 25.07
CA LEU A 1119 0.92 3.58 25.41
C LEU A 1119 -0.45 3.93 25.96
N ALA A 1120 -0.66 5.17 26.42
CA ALA A 1120 -1.95 5.59 26.92
C ALA A 1120 -2.95 5.85 25.80
N GLU A 1121 -2.49 5.89 24.54
CA GLU A 1121 -3.38 6.13 23.42
C GLU A 1121 -4.34 4.96 23.17
N PHE A 1122 -4.05 3.79 23.73
CA PHE A 1122 -4.89 2.62 23.53
C PHE A 1122 -6.12 2.61 24.43
N GLU A 1123 -6.23 3.56 25.37
CA GLU A 1123 -7.39 3.76 26.22
C GLU A 1123 -7.73 2.56 27.08
N GLU A 1124 -6.72 1.95 27.72
CA GLU A 1124 -6.94 0.83 28.62
C GLU A 1124 -6.26 0.97 29.96
N LEU A 1125 -5.50 2.04 30.19
CA LEU A 1125 -4.70 2.16 31.39
C LEU A 1125 -5.45 2.78 32.56
N ASN A 1126 -6.44 3.62 32.31
CA ASN A 1126 -7.13 4.35 33.38
C ASN A 1126 -8.64 4.28 33.19
N VAL A 1127 -9.15 3.08 32.93
CA VAL A 1127 -10.59 2.87 32.74
C VAL A 1127 -11.14 2.14 33.95
N GLU A 1128 -12.46 2.23 34.12
CA GLU A 1128 -13.12 1.58 35.24
C GLU A 1128 -13.33 0.10 34.96
N GLN A 1129 -13.18 -0.72 35.99
CA GLN A 1129 -13.34 -2.16 35.85
C GLN A 1129 -14.75 -2.58 36.24
N VAL A 1130 -15.41 -3.34 35.36
CA VAL A 1130 -16.77 -3.81 35.59
C VAL A 1130 -16.83 -5.29 35.26
N ASN A 1131 -17.88 -5.94 35.78
CA ASN A 1131 -18.10 -7.36 35.52
C ASN A 1131 -18.77 -7.52 34.16
N PRO A 1132 -18.11 -8.19 33.21
CA PRO A 1132 -18.71 -8.34 31.87
C PRO A 1132 -19.95 -9.21 31.86
N TYR A 1133 -20.16 -10.07 32.85
CA TYR A 1133 -21.25 -11.02 32.86
C TYR A 1133 -22.39 -10.64 33.80
N ALA A 1134 -22.58 -9.34 34.05
CA ALA A 1134 -23.69 -8.91 34.87
C ALA A 1134 -25.01 -9.19 34.13
N PRO A 1135 -26.02 -9.75 34.81
CA PRO A 1135 -27.26 -10.09 34.10
C PRO A 1135 -27.99 -8.91 33.48
N GLY A 1136 -27.94 -7.73 34.10
CA GLY A 1136 -28.77 -6.63 33.65
C GLY A 1136 -28.25 -5.88 32.44
N LEU A 1137 -26.98 -6.07 32.10
CA LEU A 1137 -26.37 -5.29 31.04
C LEU A 1137 -26.88 -5.72 29.67
N ARG A 1138 -27.19 -4.74 28.82
CA ARG A 1138 -27.53 -5.01 27.43
C ARG A 1138 -26.36 -4.70 26.53
N TYR A 1139 -26.42 -5.19 25.29
CA TYR A 1139 -25.32 -4.99 24.34
C TYR A 1139 -25.18 -3.52 23.99
N GLU A 1140 -26.29 -2.81 23.80
CA GLU A 1140 -26.23 -1.42 23.39
C GLU A 1140 -25.70 -0.50 24.48
N GLU A 1141 -25.71 -0.96 25.73
CA GLU A 1141 -25.24 -0.14 26.86
C GLU A 1141 -23.76 -0.30 27.14
N GLN A 1142 -23.09 -1.28 26.53
CA GLN A 1142 -21.68 -1.49 26.79
C GLN A 1142 -20.83 -0.41 26.11
N THR A 1143 -19.75 -0.02 26.76
CA THR A 1143 -18.90 1.04 26.26
C THR A 1143 -17.56 0.56 25.70
N THR A 1144 -17.33 -0.74 25.66
CA THR A 1144 -16.06 -1.31 25.22
C THR A 1144 -16.27 -2.28 24.06
N ASN A 1145 -17.13 -1.91 23.12
CA ASN A 1145 -17.39 -2.79 21.98
C ASN A 1145 -16.27 -2.76 20.94
N HIS A 1146 -15.68 -1.59 20.69
CA HIS A 1146 -14.71 -1.42 19.61
C HIS A 1146 -13.37 -0.96 20.20
N PRO A 1147 -12.41 -1.86 20.33
CA PRO A 1147 -11.10 -1.48 20.87
C PRO A 1147 -10.23 -0.80 19.82
N VAL A 1148 -9.09 -0.30 20.28
CA VAL A 1148 -8.11 0.32 19.41
C VAL A 1148 -7.07 -0.73 19.03
N ALA A 1149 -6.77 -0.82 17.73
CA ALA A 1149 -5.89 -1.87 17.22
C ALA A 1149 -4.52 -1.36 16.80
N ILE A 1150 -4.44 -0.18 16.18
CA ILE A 1150 -3.20 0.32 15.61
C ILE A 1150 -3.02 1.78 15.99
N VAL A 1151 -1.81 2.13 16.41
CA VAL A 1151 -1.40 3.52 16.64
C VAL A 1151 -0.20 3.81 15.76
N GLY A 1152 -0.33 4.79 14.88
CA GLY A 1152 0.72 5.15 13.95
C GLY A 1152 1.20 6.56 14.16
N ALA A 1153 2.52 6.74 14.12
CA ALA A 1153 3.11 8.06 14.34
C ALA A 1153 3.07 8.89 13.07
N ARG A 1154 2.99 10.21 13.25
CA ARG A 1154 3.03 11.16 12.15
C ARG A 1154 3.93 12.33 12.53
N GLU A 1155 4.50 12.98 11.53
CA GLU A 1155 5.39 14.11 11.76
C GLU A 1155 4.60 15.34 12.21
N HIS A 1192 -8.83 6.66 7.46
CA HIS A 1192 -7.78 6.93 8.42
C HIS A 1192 -6.75 5.80 8.47
N TYR A 1193 -6.28 5.40 7.28
CA TYR A 1193 -5.28 4.34 7.20
C TYR A 1193 -3.88 4.91 7.37
N GLY A 1194 -2.94 4.00 7.65
CA GLY A 1194 -1.55 4.38 7.80
C GLY A 1194 -0.71 3.16 8.12
N HIS A 1195 0.60 3.34 8.01
CA HIS A 1195 1.53 2.26 8.32
C HIS A 1195 1.57 2.06 9.83
N PRO A 1196 1.45 0.82 10.32
CA PRO A 1196 1.39 0.62 11.77
C PRO A 1196 2.76 0.67 12.43
N ASP A 1197 2.80 1.27 13.60
CA ASP A 1197 3.99 1.30 14.45
C ASP A 1197 3.82 0.47 15.71
N PHE A 1198 2.75 0.71 16.47
CA PHE A 1198 2.46 -0.05 17.68
C PHE A 1198 1.24 -0.92 17.44
N ILE A 1199 1.26 -2.13 17.98
CA ILE A 1199 0.24 -3.14 17.74
C ILE A 1199 -0.32 -3.62 19.07
N ASN A 1200 -1.65 -3.72 19.16
CA ASN A 1200 -2.30 -4.35 20.30
C ASN A 1200 -2.15 -5.86 20.13
N ALA A 1201 -1.30 -6.46 20.96
CA ALA A 1201 -0.90 -7.86 20.74
C ALA A 1201 -2.08 -8.81 20.90
N THR A 1202 -2.87 -8.66 21.97
CA THR A 1202 -3.96 -9.59 22.21
C THR A 1202 -5.02 -9.51 21.11
N PHE A 1203 -5.34 -8.30 20.66
CA PHE A 1203 -6.36 -8.12 19.62
C PHE A 1203 -5.89 -8.71 18.29
N MET A 1204 -4.61 -8.56 17.97
CA MET A 1204 -4.13 -8.88 16.63
C MET A 1204 -3.70 -10.32 16.50
N THR A 1205 -3.14 -10.92 17.56
CA THR A 1205 -2.66 -12.29 17.46
C THR A 1205 -3.77 -13.33 17.51
N THR A 1206 -4.98 -12.95 17.94
CA THR A 1206 -6.10 -13.87 17.95
C THR A 1206 -6.94 -13.79 16.68
N ARG A 1207 -6.59 -12.91 15.74
CA ARG A 1207 -7.33 -12.76 14.50
C ARG A 1207 -6.43 -12.90 13.28
N GLY A 1208 -5.31 -13.59 13.41
CA GLY A 1208 -4.33 -13.73 12.34
C GLY A 1208 -2.97 -13.29 12.80
N GLY A 1209 -2.08 -13.10 11.83
CA GLY A 1209 -0.72 -12.66 12.11
C GLY A 1209 -0.65 -11.17 12.33
N VAL A 1210 0.56 -10.63 12.16
CA VAL A 1210 0.79 -9.20 12.26
C VAL A 1210 1.21 -8.60 10.92
N SER A 1211 1.01 -9.32 9.83
CA SER A 1211 1.38 -8.82 8.50
C SER A 1211 0.63 -9.56 7.40
N GLU A 1221 1.98 -5.54 2.99
CA GLU A 1221 1.20 -6.24 3.99
C GLU A 1221 0.67 -5.27 5.04
N ASP A 1222 1.28 -4.07 5.10
CA ASP A 1222 0.86 -3.08 6.08
C ASP A 1222 -0.54 -2.56 5.78
N ILE A 1223 -0.80 -2.19 4.52
CA ILE A 1223 -2.11 -1.65 4.16
C ILE A 1223 -3.16 -2.74 4.24
N TYR A 1224 -2.81 -3.97 3.86
CA TYR A 1224 -3.71 -5.09 4.03
C TYR A 1224 -4.01 -5.35 5.50
N ALA A 1225 -3.00 -5.21 6.37
CA ALA A 1225 -3.25 -5.34 7.81
C ALA A 1225 -4.21 -4.26 8.30
N GLY A 1226 -4.03 -3.03 7.82
CA GLY A 1226 -4.96 -1.97 8.20
C GLY A 1226 -6.38 -2.25 7.75
N MET A 1227 -6.55 -2.70 6.50
CA MET A 1227 -7.89 -3.04 6.03
C MET A 1227 -8.50 -4.19 6.83
N ASN A 1228 -7.72 -5.22 7.14
CA ASN A 1228 -8.27 -6.34 7.90
C ASN A 1228 -8.68 -5.90 9.31
N ALA A 1229 -7.85 -5.08 9.96
CA ALA A 1229 -8.20 -4.59 11.29
C ALA A 1229 -9.47 -3.75 11.24
N MET A 1230 -9.62 -2.91 10.20
CA MET A 1230 -10.83 -2.12 10.08
C MET A 1230 -12.05 -2.99 9.83
N LEU A 1231 -11.92 -4.01 8.98
CA LEU A 1231 -13.05 -4.88 8.65
C LEU A 1231 -13.49 -5.70 9.85
N ARG A 1232 -12.55 -6.15 10.67
CA ARG A 1232 -12.90 -6.99 11.81
C ARG A 1232 -13.59 -6.22 12.93
N GLY A 1233 -13.38 -4.91 13.01
CA GLY A 1233 -14.05 -4.09 13.99
C GLY A 1233 -13.17 -3.22 14.89
N GLY A 1234 -11.91 -3.00 14.52
CA GLY A 1234 -11.02 -2.18 15.33
C GLY A 1234 -10.94 -0.75 14.85
N ARG A 1235 -10.24 0.07 15.63
CA ARG A 1235 -10.04 1.47 15.31
C ARG A 1235 -8.55 1.79 15.15
N ILE A 1236 -8.28 2.83 14.36
CA ILE A 1236 -6.92 3.26 14.07
C ILE A 1236 -6.78 4.73 14.45
N LYS A 1237 -5.72 5.05 15.17
CA LYS A 1237 -5.47 6.40 15.66
C LYS A 1237 -4.06 6.82 15.31
N HIS A 1238 -3.81 8.13 15.40
CA HIS A 1238 -2.53 8.72 15.07
C HIS A 1238 -2.00 9.53 16.25
N CYS A 1239 -0.69 9.54 16.40
CA CYS A 1239 -0.01 10.27 17.46
C CYS A 1239 0.75 11.43 16.84
N GLU A 1240 0.48 12.64 17.33
CA GLU A 1240 1.07 13.85 16.75
C GLU A 1240 2.42 14.20 17.36
N TYR A 1241 2.67 13.80 18.61
CA TYR A 1241 3.85 14.23 19.33
C TYR A 1241 5.00 13.21 19.28
N TYR A 1242 4.87 12.18 18.45
CA TYR A 1242 5.91 11.16 18.33
C TYR A 1242 6.41 11.10 16.90
N GLN A 1243 7.71 10.81 16.74
CA GLN A 1243 8.34 10.73 15.44
C GLN A 1243 9.07 9.40 15.32
N CYS A 1244 8.88 8.71 14.20
CA CYS A 1244 9.57 7.46 13.91
C CYS A 1244 10.76 7.73 12.99
N GLY A 1245 11.88 7.10 13.29
CA GLY A 1245 13.11 7.35 12.56
C GLY A 1245 13.24 6.56 11.27
N LYS A 1246 12.19 6.56 10.45
CA LYS A 1246 12.26 5.88 9.16
C LYS A 1246 13.26 6.57 8.25
N GLY A 1247 14.01 5.77 7.50
CA GLY A 1247 15.01 6.30 6.59
C GLY A 1247 15.46 5.28 5.55
N GLY A 1267 0.70 -1.32 -6.20
CA GLY A 1267 -0.03 -0.17 -6.67
C GLY A 1267 -1.28 -0.52 -7.45
N GLU A 1268 -1.09 -1.17 -8.60
CA GLU A 1268 -2.20 -1.63 -9.42
C GLU A 1268 -2.61 -3.06 -9.12
N GLN A 1269 -1.96 -3.71 -8.15
CA GLN A 1269 -2.28 -5.08 -7.78
C GLN A 1269 -3.59 -5.17 -7.01
N MET A 1270 -4.14 -4.03 -6.57
CA MET A 1270 -5.33 -4.06 -5.72
C MET A 1270 -6.58 -4.44 -6.50
N LEU A 1271 -6.67 -5.71 -6.89
CA LEU A 1271 -7.91 -6.34 -7.32
C LEU A 1271 -8.44 -7.29 -6.24
N SER A 1272 -8.21 -6.97 -4.98
CA SER A 1272 -8.34 -7.92 -3.90
C SER A 1272 -9.76 -7.99 -3.36
N ARG A 1273 -9.96 -8.90 -2.40
CA ARG A 1273 -11.24 -9.03 -1.73
C ARG A 1273 -11.56 -7.78 -0.90
N GLU A 1274 -10.53 -7.20 -0.28
CA GLU A 1274 -10.74 -6.08 0.63
C GLU A 1274 -11.36 -4.89 -0.08
N TYR A 1275 -10.88 -4.56 -1.28
CA TYR A 1275 -11.45 -3.45 -2.03
C TYR A 1275 -12.92 -3.71 -2.36
N TYR A 1276 -13.25 -4.95 -2.73
CA TYR A 1276 -14.62 -5.30 -3.05
C TYR A 1276 -15.53 -5.15 -1.83
N TYR A 1277 -15.08 -5.67 -0.68
CA TYR A 1277 -15.88 -5.59 0.54
C TYR A 1277 -16.06 -4.14 0.99
N LEU A 1278 -15.02 -3.32 0.90
CA LEU A 1278 -15.14 -1.92 1.28
C LEU A 1278 -16.06 -1.17 0.32
N GLY A 1279 -15.93 -1.44 -0.98
CA GLY A 1279 -16.71 -0.70 -1.96
C GLY A 1279 -18.19 -1.02 -1.90
N THR A 1280 -18.54 -2.29 -1.71
CA THR A 1280 -19.93 -2.68 -1.82
C THR A 1280 -20.70 -2.62 -0.50
N GLN A 1281 -20.08 -2.20 0.59
CA GLN A 1281 -20.76 -2.23 1.89
C GLN A 1281 -20.60 -0.99 2.75
N LEU A 1282 -19.70 -0.07 2.43
CA LEU A 1282 -19.51 1.09 3.30
C LEU A 1282 -20.65 2.09 3.15
N PRO A 1283 -20.94 2.89 4.17
CA PRO A 1283 -21.89 4.00 4.00
C PRO A 1283 -21.30 5.09 3.12
N VAL A 1284 -22.17 6.00 2.68
CA VAL A 1284 -21.83 6.90 1.58
C VAL A 1284 -20.69 7.84 1.95
N ASP A 1285 -20.73 8.44 3.15
CA ASP A 1285 -19.71 9.43 3.51
C ASP A 1285 -18.35 8.77 3.69
N ARG A 1286 -18.30 7.65 4.42
CA ARG A 1286 -17.04 6.94 4.57
C ARG A 1286 -16.54 6.42 3.23
N PHE A 1287 -17.46 6.00 2.35
CA PHE A 1287 -17.05 5.54 1.02
C PHE A 1287 -16.40 6.67 0.23
N LEU A 1288 -17.00 7.86 0.26
CA LEU A 1288 -16.42 8.99 -0.46
C LEU A 1288 -15.05 9.34 0.10
N THR A 1289 -14.93 9.38 1.43
CA THR A 1289 -13.65 9.71 2.05
C THR A 1289 -12.57 8.69 1.67
N PHE A 1290 -12.93 7.41 1.65
CA PHE A 1290 -11.97 6.38 1.27
C PHE A 1290 -11.60 6.48 -0.20
N TYR A 1291 -12.59 6.68 -1.07
CA TYR A 1291 -12.33 6.69 -2.51
C TYR A 1291 -11.45 7.87 -2.91
N TYR A 1292 -11.72 9.06 -2.36
CA TYR A 1292 -11.01 10.23 -2.86
C TYR A 1292 -9.58 10.31 -2.34
N ALA A 1293 -9.17 9.38 -1.48
CA ALA A 1293 -7.78 9.38 -1.04
C ALA A 1293 -6.91 8.43 -1.87
N HIS A 1294 -7.19 7.12 -1.80
CA HIS A 1294 -6.26 6.18 -2.42
C HIS A 1294 -6.44 5.99 -3.93
N PRO A 1295 -7.62 5.58 -4.45
CA PRO A 1295 -7.72 5.28 -5.88
C PRO A 1295 -8.04 6.48 -6.76
N GLY A 1296 -8.70 7.48 -6.18
CA GLY A 1296 -9.08 8.66 -6.94
C GLY A 1296 -7.91 9.39 -7.53
N PHE A 1297 -6.76 9.39 -6.85
CA PHE A 1297 -5.56 10.03 -7.38
C PHE A 1297 -5.12 9.38 -8.69
N HIS A 1298 -5.08 8.04 -8.71
CA HIS A 1298 -4.68 7.32 -9.92
C HIS A 1298 -5.71 7.50 -11.03
N LEU A 1299 -7.00 7.47 -10.68
CA LEU A 1299 -8.01 7.70 -11.70
C LEU A 1299 -7.92 9.10 -12.30
N ASN A 1300 -7.61 10.10 -11.48
CA ASN A 1300 -7.42 11.46 -11.99
C ASN A 1300 -6.20 11.52 -12.92
N ASN A 1301 -5.11 10.86 -12.52
CA ASN A 1301 -3.92 10.83 -13.37
C ASN A 1301 -4.22 10.18 -14.73
N LEU A 1302 -5.10 9.17 -14.75
CA LEU A 1302 -5.47 8.55 -16.01
C LEU A 1302 -6.38 9.46 -16.84
N PHE A 1303 -7.32 10.13 -16.17
CA PHE A 1303 -8.29 10.97 -16.88
C PHE A 1303 -7.62 12.16 -17.56
N ILE A 1304 -6.63 12.77 -16.91
CA ILE A 1304 -5.94 13.89 -17.54
C ILE A 1304 -5.28 13.45 -18.84
N GLN A 1305 -4.59 12.31 -18.79
CA GLN A 1305 -3.91 11.78 -19.97
C GLN A 1305 -4.91 11.48 -21.08
N LEU A 1306 -6.06 10.91 -20.74
CA LEU A 1306 -7.07 10.61 -21.75
C LEU A 1306 -7.61 11.90 -22.38
N SER A 1307 -7.87 12.93 -21.57
CA SER A 1307 -8.42 14.17 -22.08
C SER A 1307 -7.45 14.86 -23.02
N LEU A 1308 -6.14 14.77 -22.74
CA LEU A 1308 -5.17 15.38 -23.66
C LEU A 1308 -5.29 14.80 -25.07
N GLN A 1309 -5.33 13.47 -25.18
CA GLN A 1309 -5.45 12.84 -26.49
C GLN A 1309 -6.77 13.17 -27.17
N MET A 1310 -7.87 13.17 -26.40
CA MET A 1310 -9.15 13.53 -26.99
C MET A 1310 -9.13 14.95 -27.56
N PHE A 1311 -8.54 15.89 -26.83
CA PHE A 1311 -8.44 17.26 -27.32
C PHE A 1311 -7.57 17.34 -28.56
N MET A 1312 -6.48 16.55 -28.60
CA MET A 1312 -5.63 16.57 -29.79
C MET A 1312 -6.38 16.09 -31.02
N LEU A 1313 -7.15 15.01 -30.89
CA LEU A 1313 -7.95 14.54 -32.02
C LEU A 1313 -8.97 15.59 -32.47
N THR A 1314 -9.67 16.21 -31.50
CA THR A 1314 -10.62 17.25 -31.84
C THR A 1314 -9.94 18.42 -32.56
N LEU A 1315 -8.75 18.79 -32.09
CA LEU A 1315 -8.02 19.89 -32.72
C LEU A 1315 -7.64 19.56 -34.14
N VAL A 1316 -7.18 18.32 -34.40
CA VAL A 1316 -6.84 17.94 -35.77
C VAL A 1316 -8.06 18.08 -36.68
N ASN A 1317 -9.20 17.53 -36.24
CA ASN A 1317 -10.39 17.58 -37.09
C ASN A 1317 -10.86 19.02 -37.32
N LEU A 1318 -10.86 19.82 -36.26
CA LEU A 1318 -11.31 21.21 -36.37
C LEU A 1318 -10.40 22.02 -37.27
N SER A 1319 -9.08 21.82 -37.16
CA SER A 1319 -8.14 22.56 -38.00
C SER A 1319 -8.31 22.16 -39.46
N SER A 1320 -8.53 20.87 -39.73
CA SER A 1320 -8.79 20.45 -41.11
C SER A 1320 -10.04 21.13 -41.67
N LEU A 1321 -11.12 21.14 -40.89
CA LEU A 1321 -12.35 21.78 -41.36
C LEU A 1321 -12.15 23.28 -41.58
N ALA A 1322 -11.43 23.94 -40.67
CA ALA A 1322 -11.18 25.37 -40.80
C ALA A 1322 -10.36 25.68 -42.03
N HIS A 1323 -9.33 24.86 -42.31
CA HIS A 1323 -8.53 25.06 -43.50
C HIS A 1323 -9.34 24.89 -44.77
N GLU A 1324 -10.22 23.88 -44.80
CA GLU A 1324 -11.00 23.65 -46.02
C GLU A 1324 -12.08 24.71 -46.23
N SER A 1325 -12.67 25.20 -45.14
CA SER A 1325 -13.82 26.08 -45.25
C SER A 1325 -13.40 27.52 -45.56
N ILE A 1326 -14.40 28.33 -45.93
CA ILE A 1326 -14.21 29.76 -46.14
C ILE A 1326 -14.65 30.46 -44.85
N MET A 1327 -13.81 31.35 -44.33
CA MET A 1327 -14.00 31.86 -42.99
C MET A 1327 -14.65 33.24 -42.99
N CYS A 1328 -15.27 33.57 -41.85
CA CYS A 1328 -15.78 34.90 -41.58
C CYS A 1328 -15.53 35.23 -40.12
N ILE A 1329 -15.32 36.52 -39.83
CA ILE A 1329 -14.96 36.98 -38.51
C ILE A 1329 -16.04 37.95 -38.02
N TYR A 1330 -16.43 37.79 -36.75
CA TYR A 1330 -17.46 38.63 -36.15
C TYR A 1330 -17.24 38.68 -34.65
N ASP A 1331 -17.94 39.60 -33.99
CA ASP A 1331 -17.77 39.84 -32.57
C ASP A 1331 -19.12 39.70 -31.86
N ARG A 1332 -19.08 39.76 -30.53
CA ARG A 1332 -20.28 39.65 -29.71
C ARG A 1332 -21.24 40.82 -29.90
N ASN A 1333 -20.80 41.90 -30.54
CA ASN A 1333 -21.67 43.04 -30.81
C ASN A 1333 -22.63 42.79 -31.99
N LYS A 1334 -22.78 41.53 -32.41
CA LYS A 1334 -23.68 41.14 -33.48
C LYS A 1334 -25.13 41.45 -33.17
N PRO A 1335 -25.96 41.69 -34.18
CA PRO A 1335 -27.41 41.72 -33.96
C PRO A 1335 -27.95 40.31 -33.76
N LYS A 1336 -29.27 40.16 -33.67
CA LYS A 1336 -29.85 38.83 -33.47
C LYS A 1336 -29.48 37.88 -34.61
N THR A 1337 -29.62 38.34 -35.85
CA THR A 1337 -29.22 37.55 -37.01
C THR A 1337 -29.08 38.44 -38.25
N ASP A 1338 -27.90 38.43 -38.86
CA ASP A 1338 -27.69 39.16 -40.10
C ASP A 1338 -26.58 38.47 -40.89
N VAL A 1339 -26.63 38.67 -42.21
CA VAL A 1339 -25.64 38.06 -43.09
C VAL A 1339 -24.29 38.75 -42.92
N LEU A 1340 -23.22 37.99 -43.07
CA LEU A 1340 -21.87 38.52 -42.98
C LEU A 1340 -21.41 39.03 -44.33
N VAL A 1341 -20.34 39.83 -44.32
CA VAL A 1341 -19.88 40.48 -45.55
C VAL A 1341 -19.49 39.48 -46.62
N PRO A 1342 -18.69 38.45 -46.35
CA PRO A 1342 -18.50 37.40 -47.36
C PRO A 1342 -19.76 36.58 -47.53
N ILE A 1343 -20.18 36.40 -48.78
CA ILE A 1343 -21.47 35.78 -49.08
C ILE A 1343 -21.33 34.26 -49.05
N GLY A 1344 -22.18 33.61 -48.25
CA GLY A 1344 -22.26 32.16 -48.24
C GLY A 1344 -21.25 31.44 -47.39
N CYS A 1345 -20.52 32.13 -46.52
CA CYS A 1345 -19.54 31.45 -45.68
C CYS A 1345 -20.24 30.73 -44.54
N TYR A 1346 -19.44 30.00 -43.76
CA TYR A 1346 -19.94 29.17 -42.67
C TYR A 1346 -19.38 29.67 -41.35
N ASN A 1347 -20.23 29.71 -40.32
CA ASN A 1347 -19.86 30.24 -39.02
C ASN A 1347 -19.06 29.21 -38.24
N PHE A 1348 -17.84 29.58 -37.82
CA PHE A 1348 -17.02 28.68 -37.02
C PHE A 1348 -16.28 29.40 -35.89
N GLN A 1349 -16.60 30.66 -35.60
CA GLN A 1349 -15.93 31.36 -34.51
C GLN A 1349 -16.13 30.72 -33.14
N PRO A 1350 -17.34 30.27 -32.76
CA PRO A 1350 -17.46 29.58 -31.46
C PRO A 1350 -16.55 28.38 -31.33
N ALA A 1351 -16.26 27.69 -32.43
CA ALA A 1351 -15.29 26.60 -32.39
C ALA A 1351 -13.92 27.11 -31.98
N VAL A 1352 -13.54 28.32 -32.43
CA VAL A 1352 -12.28 28.90 -32.01
C VAL A 1352 -12.33 29.29 -30.54
N ASP A 1353 -13.46 29.84 -30.08
CA ASP A 1353 -13.58 30.26 -28.70
C ASP A 1353 -13.48 29.07 -27.75
N TRP A 1354 -14.05 27.93 -28.14
CA TRP A 1354 -14.01 26.74 -27.30
C TRP A 1354 -12.58 26.30 -27.01
N VAL A 1355 -11.67 26.47 -28.00
CA VAL A 1355 -10.27 26.10 -27.78
C VAL A 1355 -9.67 26.95 -26.68
N ARG A 1356 -9.92 28.26 -26.70
CA ARG A 1356 -9.42 29.14 -25.64
C ARG A 1356 -9.96 28.73 -24.28
N ARG A 1357 -11.26 28.46 -24.22
CA ARG A 1357 -11.87 28.10 -22.94
C ARG A 1357 -11.28 26.80 -22.39
N TYR A 1358 -11.13 25.79 -23.25
CA TYR A 1358 -10.56 24.52 -22.82
C TYR A 1358 -9.11 24.69 -22.39
N THR A 1359 -8.35 25.52 -23.11
CA THR A 1359 -6.97 25.77 -22.74
C THR A 1359 -6.87 26.41 -21.36
N LEU A 1360 -7.74 27.38 -21.08
CA LEU A 1360 -7.74 27.99 -19.75
C LEU A 1360 -8.08 26.97 -18.67
N SER A 1361 -9.10 26.14 -18.91
CA SER A 1361 -9.49 25.16 -17.89
C SER A 1361 -8.36 24.16 -17.63
N ILE A 1362 -7.73 23.65 -18.68
CA ILE A 1362 -6.69 22.66 -18.50
C ILE A 1362 -5.45 23.29 -17.86
N PHE A 1363 -5.19 24.58 -18.17
CA PHE A 1363 -4.08 25.27 -17.52
C PHE A 1363 -4.31 25.40 -16.02
N ILE A 1364 -5.54 25.74 -15.62
CA ILE A 1364 -5.84 25.83 -14.20
C ILE A 1364 -5.68 24.46 -13.53
N VAL A 1365 -6.16 23.41 -14.18
CA VAL A 1365 -6.03 22.07 -13.61
C VAL A 1365 -4.57 21.70 -13.44
N PHE A 1366 -3.75 21.96 -14.46
CA PHE A 1366 -2.32 21.65 -14.37
C PHE A 1366 -1.65 22.44 -13.25
N TRP A 1367 -2.00 23.73 -13.12
CA TRP A 1367 -1.41 24.54 -12.06
C TRP A 1367 -1.74 23.99 -10.69
N ILE A 1368 -3.01 23.62 -10.47
CA ILE A 1368 -3.40 23.07 -9.18
C ILE A 1368 -2.69 21.75 -8.92
N ALA A 1369 -2.58 20.88 -9.94
CA ALA A 1369 -1.90 19.61 -9.74
C ALA A 1369 -0.39 19.77 -9.57
N PHE A 1370 0.17 20.89 -10.02
CA PHE A 1370 1.61 21.12 -9.93
C PHE A 1370 2.02 21.85 -8.65
N VAL A 1371 1.08 22.53 -8.00
CA VAL A 1371 1.37 23.26 -6.76
C VAL A 1371 2.09 22.38 -5.72
N PRO A 1372 1.62 21.15 -5.42
CA PRO A 1372 2.32 20.36 -4.39
C PRO A 1372 3.78 20.06 -4.71
N ILE A 1373 4.11 19.85 -5.99
CA ILE A 1373 5.50 19.61 -6.36
C ILE A 1373 6.34 20.85 -6.04
N VAL A 1374 5.83 22.03 -6.34
CA VAL A 1374 6.54 23.27 -6.01
C VAL A 1374 6.72 23.38 -4.50
N VAL A 1375 5.66 23.09 -3.74
CA VAL A 1375 5.74 23.19 -2.29
C VAL A 1375 6.81 22.25 -1.74
N GLN A 1376 6.88 21.03 -2.28
CA GLN A 1376 7.85 20.07 -1.78
C GLN A 1376 9.27 20.45 -2.20
N GLU A 1377 9.45 20.97 -3.41
CA GLU A 1377 10.80 21.15 -3.94
C GLU A 1377 11.43 22.46 -3.51
N LEU A 1378 10.67 23.57 -3.56
CA LEU A 1378 11.26 24.89 -3.36
C LEU A 1378 11.64 25.17 -1.91
N ILE A 1379 11.63 24.18 -1.03
CA ILE A 1379 12.09 24.39 0.34
C ILE A 1379 13.48 23.81 0.59
N GLU A 1380 14.05 23.10 -0.37
CA GLU A 1380 15.36 22.48 -0.20
C GLU A 1380 16.51 23.35 -0.67
N ARG A 1381 16.24 24.50 -1.31
CA ARG A 1381 17.32 25.33 -1.83
C ARG A 1381 17.74 26.38 -0.81
N ILE A 1436 24.34 10.68 -13.86
CA ILE A 1436 23.41 9.77 -14.52
C ILE A 1436 23.61 9.82 -16.04
N PRO A 1437 23.91 8.67 -16.63
CA PRO A 1437 24.07 8.62 -18.09
C PRO A 1437 22.73 8.73 -18.81
N PHE A 1438 22.82 9.06 -20.10
CA PHE A 1438 21.62 9.27 -20.90
C PHE A 1438 20.79 7.99 -21.02
N SER A 1439 21.44 6.82 -21.01
CA SER A 1439 20.73 5.58 -21.24
C SER A 1439 19.70 5.30 -20.16
N ILE A 1440 20.10 5.34 -18.89
CA ILE A 1440 19.18 5.05 -17.80
C ILE A 1440 18.15 6.16 -17.66
N LEU A 1441 18.55 7.42 -17.89
CA LEU A 1441 17.62 8.52 -17.83
C LEU A 1441 16.51 8.36 -18.88
N TYR A 1442 16.89 7.95 -20.09
CA TYR A 1442 15.90 7.69 -21.14
C TYR A 1442 15.03 6.50 -20.76
N SER A 1443 15.63 5.44 -20.22
CA SER A 1443 14.86 4.24 -19.87
C SER A 1443 13.87 4.52 -18.76
N ARG A 1444 14.19 5.43 -17.84
CA ARG A 1444 13.29 5.74 -16.74
C ARG A 1444 11.97 6.32 -17.24
N PHE A 1445 12.04 7.27 -18.17
CA PHE A 1445 10.85 7.89 -18.73
C PHE A 1445 10.34 7.21 -19.99
N ALA A 1446 11.05 6.19 -20.48
CA ALA A 1446 10.58 5.46 -21.65
C ALA A 1446 9.24 4.81 -21.36
N GLY A 1447 8.28 4.99 -22.25
CA GLY A 1447 6.94 4.52 -22.01
C GLY A 1447 6.15 5.35 -21.02
N SER A 1448 6.67 6.51 -20.62
CA SER A 1448 6.02 7.40 -19.66
C SER A 1448 5.98 8.81 -20.26
N ALA A 1449 4.93 9.08 -21.03
CA ALA A 1449 4.62 10.36 -21.66
C ALA A 1449 5.66 10.81 -22.68
N ILE A 1450 6.55 9.92 -23.13
CA ILE A 1450 7.55 10.32 -24.12
C ILE A 1450 7.08 9.97 -25.53
N TYR A 1451 6.66 8.72 -25.73
CA TYR A 1451 6.12 8.32 -27.03
C TYR A 1451 4.80 9.02 -27.31
N MET A 1452 3.89 9.00 -26.33
CA MET A 1452 2.66 9.78 -26.44
C MET A 1452 2.97 11.26 -26.60
N GLY A 1453 4.03 11.73 -25.95
CA GLY A 1453 4.43 13.12 -26.12
C GLY A 1453 4.79 13.45 -27.56
N ALA A 1454 5.59 12.60 -28.20
CA ALA A 1454 5.98 12.83 -29.59
C ALA A 1454 4.77 12.73 -30.51
N ARG A 1455 3.91 11.76 -30.27
CA ARG A 1455 2.70 11.61 -31.07
C ARG A 1455 1.81 12.84 -30.95
N SER A 1456 1.77 13.44 -29.75
CA SER A 1456 1.03 14.67 -29.57
C SER A 1456 1.72 15.85 -30.26
N MET A 1457 3.05 15.86 -30.26
CA MET A 1457 3.78 16.94 -30.93
C MET A 1457 3.50 16.94 -32.42
N LEU A 1458 3.43 15.76 -33.04
CA LEU A 1458 3.15 15.71 -34.47
C LEU A 1458 1.79 16.32 -34.79
N MET A 1459 0.77 15.94 -34.03
CA MET A 1459 -0.57 16.47 -34.28
C MET A 1459 -0.65 17.95 -33.96
N LEU A 1460 0.06 18.40 -32.93
CA LEU A 1460 0.09 19.83 -32.61
C LEU A 1460 0.75 20.62 -33.73
N LEU A 1461 1.83 20.09 -34.31
CA LEU A 1461 2.46 20.76 -35.45
C LEU A 1461 1.51 20.85 -36.63
N PHE A 1462 0.80 19.74 -36.93
CA PHE A 1462 -0.15 19.77 -38.03
C PHE A 1462 -1.25 20.79 -37.78
N GLY A 1463 -1.78 20.82 -36.57
CA GLY A 1463 -2.81 21.79 -36.23
C GLY A 1463 -2.33 23.23 -36.19
N THR A 1464 -1.04 23.44 -35.98
CA THR A 1464 -0.44 24.77 -36.07
C THR A 1464 -0.27 25.25 -37.50
N VAL A 1465 0.31 24.41 -38.38
CA VAL A 1465 0.61 24.86 -39.73
C VAL A 1465 -0.67 25.07 -40.54
N ALA A 1466 -1.64 24.15 -40.42
CA ALA A 1466 -2.84 24.22 -41.24
C ALA A 1466 -3.67 25.47 -40.92
N HIS A 1467 -3.83 25.79 -39.64
CA HIS A 1467 -4.55 26.98 -39.23
C HIS A 1467 -3.94 27.48 -37.93
N TRP A 1468 -4.00 28.79 -37.73
CA TRP A 1468 -3.30 29.43 -36.62
C TRP A 1468 -4.29 29.94 -35.58
N GLN A 1469 -3.98 29.66 -34.31
CA GLN A 1469 -4.76 30.14 -33.19
C GLN A 1469 -3.81 30.59 -32.09
N ALA A 1470 -4.15 31.69 -31.42
CA ALA A 1470 -3.25 32.25 -30.41
C ALA A 1470 -2.98 31.31 -29.24
N PRO A 1471 -3.96 30.63 -28.62
CA PRO A 1471 -3.66 29.85 -27.42
C PRO A 1471 -2.74 28.65 -27.65
N LEU A 1472 -2.36 28.35 -28.90
CA LEU A 1472 -1.52 27.19 -29.15
C LEU A 1472 -0.10 27.37 -28.63
N LEU A 1473 0.29 28.61 -28.30
CA LEU A 1473 1.62 28.83 -27.73
C LEU A 1473 1.78 28.12 -26.40
N TRP A 1474 0.74 28.13 -25.58
CA TRP A 1474 0.81 27.53 -24.25
C TRP A 1474 1.10 26.03 -24.35
N PHE A 1475 0.41 25.34 -25.27
CA PHE A 1475 0.63 23.91 -25.43
C PHE A 1475 2.05 23.63 -25.93
N TRP A 1476 2.53 24.44 -26.87
CA TRP A 1476 3.90 24.28 -27.35
C TRP A 1476 4.89 24.40 -26.20
N ALA A 1477 4.76 25.46 -25.41
CA ALA A 1477 5.69 25.68 -24.30
C ALA A 1477 5.60 24.54 -23.28
N SER A 1478 4.37 24.12 -22.94
CA SER A 1478 4.20 23.06 -21.95
C SER A 1478 4.83 21.75 -22.42
N LEU A 1479 4.57 21.36 -23.68
CA LEU A 1479 5.14 20.11 -24.17
C LEU A 1479 6.65 20.18 -24.28
N SER A 1480 7.18 21.32 -24.74
CA SER A 1480 8.63 21.46 -24.82
C SER A 1480 9.27 21.36 -23.44
N SER A 1481 8.68 22.03 -22.44
CA SER A 1481 9.21 21.93 -21.09
C SER A 1481 9.13 20.51 -20.57
N LEU A 1482 8.01 19.83 -20.80
CA LEU A 1482 7.87 18.45 -20.34
C LEU A 1482 8.93 17.55 -20.98
N ILE A 1483 9.21 17.74 -22.27
CA ILE A 1483 10.20 16.91 -22.94
C ILE A 1483 11.60 17.20 -22.41
N PHE A 1484 11.96 18.48 -22.28
CA PHE A 1484 13.36 18.83 -22.05
C PHE A 1484 13.69 19.16 -20.60
N ALA A 1485 12.76 19.01 -19.67
CA ALA A 1485 13.07 19.25 -18.26
C ALA A 1485 14.10 18.28 -17.66
N PRO A 1486 14.00 16.96 -17.85
CA PRO A 1486 14.95 16.07 -17.16
C PRO A 1486 16.41 16.33 -17.51
N PHE A 1487 16.70 16.75 -18.73
CA PHE A 1487 18.09 16.97 -19.14
C PHE A 1487 18.67 18.26 -18.61
N VAL A 1488 17.84 19.18 -18.12
CA VAL A 1488 18.34 20.46 -17.63
C VAL A 1488 19.12 20.27 -16.33
N PHE A 1489 18.58 19.44 -15.42
CA PHE A 1489 19.15 19.32 -14.09
C PHE A 1489 20.27 18.28 -14.00
N ASN A 1490 20.63 17.64 -15.09
CA ASN A 1490 21.72 16.66 -15.07
C ASN A 1490 23.03 17.38 -14.80
N PRO A 1491 23.82 16.96 -13.80
CA PRO A 1491 25.04 17.69 -13.43
C PRO A 1491 26.09 17.59 -14.53
N HIS A 1492 26.61 18.76 -14.94
CA HIS A 1492 27.72 18.87 -15.88
C HIS A 1492 27.44 18.20 -17.21
N GLN A 1493 26.20 18.28 -17.71
CA GLN A 1493 25.90 17.77 -19.04
C GLN A 1493 26.45 18.67 -20.13
N PHE A 1494 26.83 19.91 -19.79
CA PHE A 1494 27.32 20.85 -20.78
C PHE A 1494 28.67 20.45 -21.33
N ALA A 1495 29.48 19.74 -20.55
CA ALA A 1495 30.86 19.45 -20.94
C ALA A 1495 30.89 18.53 -22.15
N TRP A 1496 31.82 18.80 -23.05
CA TRP A 1496 31.97 17.95 -24.24
C TRP A 1496 32.36 16.54 -23.86
N GLU A 1497 33.33 16.40 -22.95
CA GLU A 1497 33.82 15.07 -22.58
C GLU A 1497 32.71 14.22 -21.99
N ASP A 1498 31.96 14.78 -21.03
CA ASP A 1498 30.83 14.05 -20.46
C ASP A 1498 29.78 13.76 -21.52
N PHE A 1499 29.52 14.71 -22.40
CA PHE A 1499 28.50 14.51 -23.44
C PHE A 1499 28.84 13.33 -24.32
N PHE A 1500 30.10 13.22 -24.76
CA PHE A 1500 30.44 12.15 -25.70
C PHE A 1500 30.71 10.84 -24.97
N LEU A 1501 31.11 10.87 -23.69
CA LEU A 1501 31.08 9.64 -22.91
C LEU A 1501 29.66 9.09 -22.78
N ASP A 1502 28.68 9.97 -22.51
CA ASP A 1502 27.30 9.53 -22.46
C ASP A 1502 26.84 9.02 -23.82
N TYR A 1503 27.28 9.66 -24.89
CA TYR A 1503 26.91 9.21 -26.23
C TYR A 1503 27.46 7.81 -26.51
N ARG A 1504 28.71 7.57 -26.12
CA ARG A 1504 29.32 6.25 -26.28
C ARG A 1504 28.56 5.21 -25.48
N ASP A 1505 28.23 5.54 -24.23
CA ASP A 1505 27.49 4.60 -23.40
C ASP A 1505 26.11 4.30 -23.98
N TYR A 1506 25.44 5.32 -24.52
CA TYR A 1506 24.14 5.12 -25.14
C TYR A 1506 24.25 4.21 -26.36
N ILE A 1507 25.22 4.48 -27.23
CA ILE A 1507 25.38 3.68 -28.44
C ILE A 1507 25.69 2.23 -28.08
N ARG A 1508 26.58 2.02 -27.11
CA ARG A 1508 26.90 0.65 -26.71
C ARG A 1508 25.73 -0.02 -26.00
N TRP A 1509 24.89 0.76 -25.31
CA TRP A 1509 23.69 0.20 -24.70
C TRP A 1509 22.72 -0.30 -25.77
N LEU A 1510 22.63 0.42 -26.90
CA LEU A 1510 21.88 -0.12 -28.03
C LEU A 1510 22.50 -1.41 -28.54
N SER A 1511 23.83 -1.45 -28.60
CA SER A 1511 24.53 -2.66 -29.06
C SER A 1511 24.56 -3.72 -27.97
N ALA A 1555 -13.94 -20.56 -24.20
CA ALA A 1555 -14.81 -20.11 -23.13
C ALA A 1555 -15.21 -18.65 -23.36
N HIS A 1556 -15.88 -18.05 -22.37
CA HIS A 1556 -16.31 -16.66 -22.48
C HIS A 1556 -15.13 -15.70 -22.41
N ARG A 1557 -13.94 -16.18 -22.04
CA ARG A 1557 -12.78 -15.31 -21.97
C ARG A 1557 -12.34 -14.83 -23.33
N THR A 1558 -12.76 -15.52 -24.40
CA THR A 1558 -12.25 -15.22 -25.73
C THR A 1558 -12.61 -13.81 -26.17
N ASN A 1559 -13.89 -13.46 -26.09
CA ASN A 1559 -14.30 -12.11 -26.48
C ASN A 1559 -13.94 -11.08 -25.42
N LEU A 1560 -13.85 -11.50 -24.16
CA LEU A 1560 -13.52 -10.57 -23.09
C LEU A 1560 -12.08 -10.08 -23.18
N ILE A 1561 -11.16 -10.96 -23.60
CA ILE A 1561 -9.76 -10.59 -23.69
C ILE A 1561 -9.48 -9.71 -24.90
N MET A 1562 -10.41 -9.65 -25.87
CA MET A 1562 -10.22 -8.87 -27.07
C MET A 1562 -11.20 -7.72 -27.24
N ALA A 1563 -12.05 -7.46 -26.25
CA ALA A 1563 -12.95 -6.32 -26.32
C ALA A 1563 -12.22 -5.00 -26.09
N GLU A 1564 -10.95 -5.04 -25.70
CA GLU A 1564 -10.18 -3.84 -25.39
C GLU A 1564 -9.57 -3.18 -26.61
N ILE A 1565 -9.78 -3.73 -27.80
CA ILE A 1565 -9.17 -3.19 -29.01
C ILE A 1565 -9.96 -2.01 -29.56
N ILE A 1566 -11.22 -1.85 -29.14
CA ILE A 1566 -12.09 -0.82 -29.71
C ILE A 1566 -11.49 0.60 -29.61
N PRO A 1567 -10.94 1.04 -28.47
CA PRO A 1567 -10.43 2.41 -28.42
C PRO A 1567 -9.36 2.72 -29.45
N CYS A 1568 -8.48 1.76 -29.77
CA CYS A 1568 -7.51 1.99 -30.83
C CYS A 1568 -8.19 2.15 -32.19
N ALA A 1569 -9.20 1.33 -32.46
CA ALA A 1569 -9.90 1.40 -33.73
C ALA A 1569 -10.60 2.73 -33.91
N ILE A 1570 -11.25 3.24 -32.85
CA ILE A 1570 -11.94 4.52 -32.95
C ILE A 1570 -10.96 5.64 -33.25
N TYR A 1571 -9.82 5.65 -32.56
CA TYR A 1571 -8.81 6.69 -32.76
C TYR A 1571 -8.25 6.64 -34.17
N ALA A 1572 -7.94 5.43 -34.67
CA ALA A 1572 -7.44 5.29 -36.03
C ALA A 1572 -8.47 5.75 -37.05
N ALA A 1573 -9.74 5.41 -36.83
CA ALA A 1573 -10.79 5.84 -37.75
C ALA A 1573 -10.92 7.36 -37.78
N GLY A 1574 -10.84 8.00 -36.60
CA GLY A 1574 -10.87 9.45 -36.58
C GLY A 1574 -9.72 10.09 -37.33
N CYS A 1575 -8.51 9.57 -37.13
CA CYS A 1575 -7.36 10.10 -37.86
C CYS A 1575 -7.52 9.89 -39.36
N PHE A 1576 -8.04 8.72 -39.77
CA PHE A 1576 -8.23 8.45 -41.18
C PHE A 1576 -9.27 9.38 -41.80
N ILE A 1577 -10.36 9.66 -41.09
CA ILE A 1577 -11.37 10.58 -41.59
C ILE A 1577 -10.78 11.98 -41.75
N ALA A 1578 -10.01 12.42 -40.75
CA ALA A 1578 -9.36 13.73 -40.84
C ALA A 1578 -8.41 13.79 -42.02
N PHE A 1579 -7.69 12.70 -42.27
CA PHE A 1579 -6.78 12.63 -43.42
C PHE A 1579 -7.55 12.73 -44.73
N THR A 1580 -8.68 12.02 -44.83
CA THR A 1580 -9.40 11.95 -46.10
C THR A 1580 -10.15 13.24 -46.39
N PHE A 1581 -10.55 13.99 -45.35
CA PHE A 1581 -11.32 15.21 -45.58
C PHE A 1581 -10.57 16.21 -46.43
N ILE A 1582 -9.27 16.38 -46.18
CA ILE A 1582 -8.47 17.30 -46.99
C ILE A 1582 -8.40 16.80 -48.43
N ASN A 1583 -8.25 15.49 -48.61
CA ASN A 1583 -8.22 14.90 -49.94
C ASN A 1583 -9.54 15.10 -50.68
N ALA A 1584 -10.64 15.23 -49.95
CA ALA A 1584 -11.97 15.32 -50.56
C ALA A 1584 -12.20 16.62 -51.33
N GLN A 1585 -11.34 17.63 -51.16
CA GLN A 1585 -11.44 18.89 -51.88
C GLN A 1585 -12.80 19.56 -51.69
N THR A 1586 -13.28 19.59 -50.44
CA THR A 1586 -14.63 20.09 -50.17
C THR A 1586 -14.72 21.61 -50.30
N GLY A 1587 -13.64 22.34 -49.99
CA GLY A 1587 -13.72 23.79 -49.94
C GLY A 1587 -14.02 24.42 -51.29
N VAL A 1588 -13.48 23.85 -52.36
CA VAL A 1588 -13.64 24.40 -53.70
C VAL A 1588 -14.82 23.71 -54.37
N LYS A 1589 -15.46 24.42 -55.30
CA LYS A 1589 -16.53 23.84 -56.09
C LYS A 1589 -16.07 22.54 -56.75
N THR A 1590 -16.69 21.44 -56.35
CA THR A 1590 -16.25 20.12 -56.74
C THR A 1590 -16.78 19.76 -58.13
N THR A 1591 -15.89 19.21 -58.96
CA THR A 1591 -16.29 18.68 -60.25
C THR A 1591 -17.18 17.46 -60.05
N ASP A 1592 -18.17 17.30 -60.94
CA ASP A 1592 -19.09 16.17 -60.85
C ASP A 1592 -18.46 14.91 -61.41
N ASP A 1593 -19.04 13.77 -61.03
CA ASP A 1593 -18.83 12.42 -61.58
C ASP A 1593 -17.38 12.09 -61.91
N ASP A 1594 -16.43 12.62 -61.15
CA ASP A 1594 -15.03 12.22 -61.29
C ASP A 1594 -14.60 11.47 -60.02
N ARG A 1595 -14.08 10.26 -60.20
CA ARG A 1595 -13.69 9.44 -59.06
C ARG A 1595 -12.21 9.63 -58.76
N VAL A 1596 -11.87 9.57 -57.47
CA VAL A 1596 -10.49 9.69 -57.01
C VAL A 1596 -10.41 9.06 -55.63
N ASN A 1597 -9.26 8.48 -55.32
CA ASN A 1597 -9.08 7.78 -54.06
C ASN A 1597 -7.61 7.77 -53.67
N SER A 1598 -7.35 7.58 -52.37
CA SER A 1598 -5.98 7.48 -51.88
C SER A 1598 -5.83 6.44 -50.77
N VAL A 1599 -6.81 5.56 -50.59
CA VAL A 1599 -6.75 4.59 -49.50
C VAL A 1599 -5.72 3.50 -49.79
N LEU A 1600 -5.54 3.17 -51.08
CA LEU A 1600 -4.58 2.14 -51.45
C LEU A 1600 -3.14 2.56 -51.14
N ARG A 1601 -2.85 3.85 -51.29
CA ARG A 1601 -1.56 4.37 -50.84
C ARG A 1601 -1.34 4.08 -49.37
N ILE A 1602 -2.37 4.31 -48.55
CA ILE A 1602 -2.23 4.13 -47.10
C ILE A 1602 -1.97 2.66 -46.77
N ILE A 1603 -2.65 1.74 -47.45
CA ILE A 1603 -2.44 0.33 -47.12
C ILE A 1603 -1.04 -0.12 -47.54
N ILE A 1604 -0.53 0.37 -48.67
CA ILE A 1604 0.88 0.10 -48.96
C ILE A 1604 1.77 0.68 -47.87
N CYS A 1605 1.49 1.91 -47.45
CA CYS A 1605 2.26 2.57 -46.42
C CYS A 1605 2.35 1.71 -45.16
N THR A 1606 1.22 1.14 -44.74
CA THR A 1606 1.19 0.37 -43.51
C THR A 1606 1.80 -1.01 -43.67
N LEU A 1607 1.63 -1.64 -44.83
CA LEU A 1607 2.00 -3.05 -44.94
C LEU A 1607 3.42 -3.27 -45.48
N ALA A 1608 4.03 -2.27 -46.12
CA ALA A 1608 5.35 -2.48 -46.72
C ALA A 1608 6.43 -2.80 -45.69
N PRO A 1609 6.63 -2.04 -44.61
CA PRO A 1609 7.72 -2.37 -43.67
C PRO A 1609 7.57 -3.73 -43.01
N ILE A 1610 6.35 -4.16 -42.71
CA ILE A 1610 6.16 -5.48 -42.11
C ILE A 1610 6.57 -6.57 -43.09
N ALA A 1611 6.20 -6.42 -44.35
CA ALA A 1611 6.61 -7.37 -45.38
C ALA A 1611 8.12 -7.40 -45.54
N VAL A 1612 8.76 -6.23 -45.50
CA VAL A 1612 10.21 -6.17 -45.62
C VAL A 1612 10.87 -6.87 -44.44
N ASN A 1613 10.35 -6.65 -43.24
CA ASN A 1613 10.91 -7.31 -42.05
C ASN A 1613 10.75 -8.82 -42.13
N LEU A 1614 9.58 -9.28 -42.59
CA LEU A 1614 9.37 -10.73 -42.73
C LEU A 1614 10.31 -11.32 -43.77
N GLY A 1615 10.53 -10.59 -44.88
CA GLY A 1615 11.49 -11.05 -45.87
C GLY A 1615 12.90 -11.11 -45.34
N VAL A 1616 13.30 -10.13 -44.52
CA VAL A 1616 14.62 -10.15 -43.92
C VAL A 1616 14.77 -11.33 -42.96
N LEU A 1617 13.73 -11.61 -42.17
CA LEU A 1617 13.77 -12.77 -41.29
C LEU A 1617 13.86 -14.07 -42.08
N PHE A 1618 13.13 -14.17 -43.19
CA PHE A 1618 13.21 -15.35 -44.04
C PHE A 1618 14.61 -15.49 -44.64
N PHE A 1619 15.22 -14.38 -45.04
CA PHE A 1619 16.59 -14.42 -45.56
C PHE A 1619 17.57 -14.88 -44.49
N CYS A 1620 17.40 -14.41 -43.26
CA CYS A 1620 18.25 -14.86 -42.16
C CYS A 1620 18.06 -16.36 -41.90
N MET A 1621 16.83 -16.86 -42.00
CA MET A 1621 16.58 -18.29 -41.87
C MET A 1621 17.28 -19.06 -42.99
N GLY A 1622 17.25 -18.52 -44.22
CA GLY A 1622 17.89 -19.20 -45.33
C GLY A 1622 19.40 -19.26 -45.22
N MET A 1623 20.02 -18.26 -44.60
CA MET A 1623 21.48 -18.15 -44.53
C MET A 1623 22.01 -19.02 -43.39
N SER A 1624 21.96 -20.34 -43.61
CA SER A 1624 22.57 -21.33 -42.72
C SER A 1624 22.06 -21.21 -41.28
N CYS A 1625 20.74 -21.09 -41.11
CA CYS A 1625 20.18 -21.10 -39.76
C CYS A 1625 20.29 -22.47 -39.10
N CYS A 1626 20.56 -23.52 -39.89
CA CYS A 1626 20.76 -24.86 -39.32
C CYS A 1626 22.18 -25.10 -38.86
N SER A 1627 23.09 -24.14 -39.05
CA SER A 1627 24.48 -24.30 -38.64
C SER A 1627 24.91 -23.04 -37.90
N GLY A 1628 25.15 -23.19 -36.60
CA GLY A 1628 25.56 -22.10 -35.75
C GLY A 1628 26.90 -21.45 -36.07
N PRO A 1629 27.93 -22.25 -36.39
CA PRO A 1629 29.26 -21.66 -36.60
C PRO A 1629 29.33 -20.59 -37.68
N LEU A 1630 28.50 -20.65 -38.72
CA LEU A 1630 28.54 -19.59 -39.73
C LEU A 1630 28.13 -18.25 -39.14
N PHE A 1631 27.05 -18.23 -38.36
CA PHE A 1631 26.66 -17.00 -37.68
C PHE A 1631 27.70 -16.61 -36.62
N GLY A 1632 28.30 -17.60 -35.96
CA GLY A 1632 29.34 -17.30 -35.00
C GLY A 1632 30.53 -16.60 -35.60
N MET A 1633 30.93 -16.99 -36.82
CA MET A 1633 32.10 -16.42 -37.46
C MET A 1633 31.78 -15.10 -38.16
N CYS A 1634 30.59 -14.99 -38.76
CA CYS A 1634 30.26 -13.76 -39.48
C CYS A 1634 29.81 -12.64 -38.56
N CYS A 1635 28.79 -12.87 -37.73
CA CYS A 1635 28.30 -11.84 -36.81
C CYS A 1635 27.64 -12.55 -35.63
N LYS A 1636 28.32 -12.55 -34.48
CA LYS A 1636 27.81 -13.23 -33.30
C LYS A 1636 26.48 -12.66 -32.84
N LYS A 1637 26.20 -11.40 -33.17
CA LYS A 1637 24.94 -10.75 -32.80
C LYS A 1637 24.23 -10.30 -34.07
N THR A 1638 24.11 -11.22 -35.05
CA THR A 1638 23.65 -10.85 -36.39
C THR A 1638 22.27 -10.21 -36.39
N GLY A 1639 21.52 -10.30 -35.29
CA GLY A 1639 20.25 -9.62 -35.22
C GLY A 1639 20.38 -8.10 -35.30
N SER A 1640 21.54 -7.57 -34.88
CA SER A 1640 21.77 -6.14 -34.96
C SER A 1640 21.81 -5.67 -36.41
N VAL A 1641 22.37 -6.47 -37.32
CA VAL A 1641 22.39 -6.10 -38.73
C VAL A 1641 20.97 -5.99 -39.26
N MET A 1642 20.12 -6.96 -38.93
CA MET A 1642 18.73 -6.90 -39.37
C MET A 1642 18.00 -5.72 -38.75
N ALA A 1643 18.29 -5.41 -37.49
CA ALA A 1643 17.67 -4.25 -36.85
C ALA A 1643 18.06 -2.96 -37.55
N GLY A 1644 19.34 -2.81 -37.90
CA GLY A 1644 19.77 -1.64 -38.62
C GLY A 1644 19.14 -1.54 -40.01
N ILE A 1645 19.03 -2.67 -40.70
CA ILE A 1645 18.38 -2.69 -42.00
C ILE A 1645 16.92 -2.26 -41.87
N ALA A 1646 16.25 -2.76 -40.84
CA ALA A 1646 14.84 -2.41 -40.62
C ALA A 1646 14.69 -0.92 -40.36
N HIS A 1647 15.57 -0.35 -39.53
CA HIS A 1647 15.52 1.08 -39.28
C HIS A 1647 15.75 1.88 -40.56
N GLY A 1648 16.74 1.47 -41.35
CA GLY A 1648 17.02 2.18 -42.59
C GLY A 1648 15.85 2.14 -43.56
N VAL A 1649 15.24 0.97 -43.73
CA VAL A 1649 14.12 0.86 -44.67
C VAL A 1649 12.90 1.61 -44.13
N ALA A 1650 12.73 1.64 -42.81
CA ALA A 1650 11.62 2.40 -42.23
C ALA A 1650 11.79 3.88 -42.53
N VAL A 1651 13.01 4.40 -42.43
CA VAL A 1651 13.25 5.80 -42.80
C VAL A 1651 13.02 6.01 -44.29
N ILE A 1652 13.50 5.07 -45.11
CA ILE A 1652 13.41 5.22 -46.57
C ILE A 1652 11.95 5.24 -47.02
N VAL A 1653 11.09 4.44 -46.37
CA VAL A 1653 9.70 4.39 -46.78
C VAL A 1653 9.00 5.72 -46.48
N HIS A 1654 9.32 6.36 -45.35
CA HIS A 1654 8.79 7.69 -45.08
C HIS A 1654 9.33 8.72 -46.08
N ILE A 1655 10.61 8.57 -46.47
CA ILE A 1655 11.15 9.45 -47.50
C ILE A 1655 10.34 9.31 -48.79
N ALA A 1656 10.03 8.06 -49.17
CA ALA A 1656 9.20 7.82 -50.34
C ALA A 1656 7.82 8.42 -50.19
N PHE A 1657 7.26 8.35 -48.97
CA PHE A 1657 5.99 9.02 -48.70
C PHE A 1657 6.07 10.49 -49.06
N PHE A 1658 7.08 11.17 -48.54
CA PHE A 1658 7.23 12.60 -48.78
C PHE A 1658 7.41 12.89 -50.26
N ILE A 1659 8.21 12.07 -50.95
CA ILE A 1659 8.46 12.32 -52.37
C ILE A 1659 7.19 12.15 -53.18
N VAL A 1660 6.48 11.04 -53.00
CA VAL A 1660 5.27 10.80 -53.79
C VAL A 1660 4.21 11.83 -53.47
N MET A 1661 4.23 12.37 -52.25
CA MET A 1661 3.21 13.35 -51.90
C MET A 1661 3.55 14.71 -52.52
N TRP A 1662 4.81 15.14 -52.41
CA TRP A 1662 5.23 16.41 -52.97
C TRP A 1662 5.35 16.39 -54.49
N VAL A 1663 5.20 15.23 -55.13
CA VAL A 1663 5.01 15.24 -56.58
C VAL A 1663 3.86 16.15 -56.96
N LEU A 1664 2.74 16.08 -56.24
CA LEU A 1664 1.61 16.99 -56.46
C LEU A 1664 1.87 18.37 -55.86
N GLU A 1665 2.48 18.44 -54.68
CA GLU A 1665 2.62 19.69 -53.94
C GLU A 1665 4.09 20.11 -53.91
N SER A 1666 4.43 21.10 -54.74
CA SER A 1666 5.78 21.65 -54.72
C SER A 1666 5.94 22.73 -53.66
N PHE A 1667 4.85 23.20 -53.06
CA PHE A 1667 4.91 24.25 -52.05
C PHE A 1667 4.00 24.00 -50.85
N ASN A 1668 3.29 22.87 -50.80
CA ASN A 1668 2.33 22.58 -49.73
C ASN A 1668 2.93 21.51 -48.82
N PHE A 1669 2.79 21.71 -47.51
CA PHE A 1669 3.45 20.89 -46.51
C PHE A 1669 2.49 20.23 -45.54
N VAL A 1670 1.30 20.81 -45.34
CA VAL A 1670 0.39 20.37 -44.28
C VAL A 1670 -0.08 18.94 -44.55
N ARG A 1671 -0.04 18.51 -45.81
CA ARG A 1671 -0.78 17.34 -46.24
C ARG A 1671 -0.09 16.03 -45.89
N MET A 1672 1.19 16.05 -45.52
CA MET A 1672 1.90 14.80 -45.25
C MET A 1672 1.71 14.33 -43.81
N LEU A 1673 1.58 15.27 -42.86
CA LEU A 1673 1.73 14.92 -41.45
C LEU A 1673 0.57 14.07 -40.97
N ILE A 1674 -0.65 14.38 -41.42
CA ILE A 1674 -1.80 13.60 -41.02
C ILE A 1674 -1.71 12.18 -41.59
N GLY A 1675 -1.19 12.03 -42.81
CA GLY A 1675 -0.97 10.69 -43.34
C GLY A 1675 0.07 9.92 -42.56
N VAL A 1676 1.15 10.58 -42.15
CA VAL A 1676 2.17 9.92 -41.34
C VAL A 1676 1.58 9.45 -40.02
N VAL A 1677 0.78 10.31 -39.38
CA VAL A 1677 0.14 9.95 -38.11
C VAL A 1677 -0.79 8.76 -38.31
N THR A 1678 -1.56 8.78 -39.41
CA THR A 1678 -2.45 7.67 -39.72
C THR A 1678 -1.68 6.37 -39.87
N CYS A 1679 -0.55 6.43 -40.59
CA CYS A 1679 0.27 5.22 -40.78
C CYS A 1679 0.78 4.68 -39.46
N ILE A 1680 1.27 5.55 -38.59
CA ILE A 1680 1.78 5.10 -37.29
C ILE A 1680 0.67 4.47 -36.46
N GLN A 1681 -0.51 5.10 -36.44
CA GLN A 1681 -1.61 4.57 -35.66
C GLN A 1681 -2.08 3.22 -36.21
N CYS A 1682 -2.10 3.06 -37.53
CA CYS A 1682 -2.47 1.76 -38.10
C CYS A 1682 -1.44 0.70 -37.74
N GLN A 1683 -0.16 1.06 -37.75
CA GLN A 1683 0.87 0.12 -37.31
C GLN A 1683 0.63 -0.34 -35.87
N ARG A 1684 0.34 0.62 -34.99
CA ARG A 1684 0.09 0.27 -33.59
C ARG A 1684 -1.14 -0.62 -33.45
N LEU A 1685 -2.20 -0.31 -34.21
CA LEU A 1685 -3.41 -1.13 -34.16
C LEU A 1685 -3.13 -2.56 -34.62
N ILE A 1686 -2.36 -2.72 -35.70
CA ILE A 1686 -2.04 -4.06 -36.19
C ILE A 1686 -1.23 -4.82 -35.14
N PHE A 1687 -0.25 -4.16 -34.53
CA PHE A 1687 0.55 -4.83 -33.51
C PHE A 1687 -0.31 -5.25 -32.33
N HIS A 1688 -1.21 -4.38 -31.88
CA HIS A 1688 -2.06 -4.70 -30.74
C HIS A 1688 -3.00 -5.86 -31.06
N CYS A 1689 -3.57 -5.88 -32.27
CA CYS A 1689 -4.46 -6.99 -32.62
C CYS A 1689 -3.69 -8.29 -32.72
N MET A 1690 -2.47 -8.27 -33.26
CA MET A 1690 -1.66 -9.47 -33.31
C MET A 1690 -1.36 -9.99 -31.91
N THR A 1691 -0.98 -9.09 -31.00
CA THR A 1691 -0.72 -9.52 -29.62
C THR A 1691 -1.97 -10.06 -28.95
N ALA A 1692 -3.13 -9.43 -29.21
CA ALA A 1692 -4.38 -9.88 -28.62
C ALA A 1692 -4.73 -11.29 -29.08
N LEU A 1693 -4.58 -11.56 -30.38
CA LEU A 1693 -4.82 -12.92 -30.87
C LEU A 1693 -3.77 -13.90 -30.34
N MET A 1694 -2.52 -13.45 -30.14
CA MET A 1694 -1.50 -14.36 -29.63
C MET A 1694 -1.74 -14.74 -28.18
N LEU A 1695 -2.24 -13.82 -27.37
CA LEU A 1695 -2.45 -14.07 -25.94
C LEU A 1695 -3.49 -15.14 -25.68
N THR A 1696 -4.58 -15.17 -26.43
CA THR A 1696 -5.65 -16.13 -26.20
C THR A 1696 -5.29 -17.51 -26.77
N ALA A 1722 7.96 -28.39 -36.45
CA ALA A 1722 6.95 -27.51 -37.04
C ALA A 1722 7.19 -26.06 -36.65
N TRP A 1723 6.68 -25.14 -37.47
CA TRP A 1723 6.83 -23.71 -37.23
C TRP A 1723 5.63 -23.08 -36.55
N THR A 1724 4.87 -23.85 -35.77
CA THR A 1724 3.74 -23.28 -35.05
C THR A 1724 4.20 -22.30 -33.97
N GLN A 1725 5.15 -22.73 -33.13
CA GLN A 1725 5.72 -21.89 -32.08
C GLN A 1725 6.76 -20.91 -32.64
N PRO A 1726 7.55 -21.30 -33.65
CA PRO A 1726 8.34 -20.29 -34.36
C PRO A 1726 7.50 -19.19 -34.96
N SER A 1727 6.23 -19.47 -35.32
CA SER A 1727 5.33 -18.41 -35.75
C SER A 1727 5.10 -17.41 -34.63
N ARG A 1728 4.88 -17.90 -33.40
CA ARG A 1728 4.74 -17.01 -32.25
C ARG A 1728 6.01 -16.19 -32.04
N GLU A 1729 7.17 -16.84 -32.16
CA GLU A 1729 8.43 -16.14 -31.94
C GLU A 1729 8.64 -15.05 -32.98
N LEU A 1730 8.31 -15.33 -34.24
CA LEU A 1730 8.43 -14.34 -35.30
C LEU A 1730 7.44 -13.20 -35.11
N THR A 1731 6.23 -13.51 -34.63
CA THR A 1731 5.27 -12.45 -34.33
C THR A 1731 5.79 -11.53 -33.23
N ALA A 1732 6.45 -12.10 -32.22
CA ALA A 1732 7.10 -11.23 -31.22
C ALA A 1732 8.20 -10.39 -31.85
N LYS A 1733 9.01 -11.02 -32.70
CA LYS A 1733 10.19 -10.35 -33.25
C LYS A 1733 9.81 -9.18 -34.16
N VAL A 1734 8.69 -9.30 -34.88
CA VAL A 1734 8.35 -8.24 -35.83
C VAL A 1734 7.99 -6.92 -35.13
N ILE A 1735 7.24 -6.97 -34.02
CA ILE A 1735 7.05 -5.75 -33.23
C ILE A 1735 8.33 -5.34 -32.53
N GLU A 1736 9.15 -6.30 -32.09
CA GLU A 1736 10.39 -5.91 -31.43
C GLU A 1736 11.27 -5.06 -32.34
N LEU A 1737 11.42 -5.46 -33.60
CA LEU A 1737 12.25 -4.71 -34.54
C LEU A 1737 11.70 -3.30 -34.77
N SER A 1738 10.38 -3.17 -34.95
CA SER A 1738 9.80 -1.85 -35.17
C SER A 1738 9.96 -0.96 -33.96
N GLU A 1739 9.79 -1.52 -32.75
CA GLU A 1739 10.00 -0.74 -31.54
C GLU A 1739 11.43 -0.24 -31.44
N PHE A 1740 12.40 -1.10 -31.74
CA PHE A 1740 13.80 -0.68 -31.71
C PHE A 1740 14.06 0.41 -32.75
N ALA A 1741 13.47 0.27 -33.93
CA ALA A 1741 13.66 1.27 -34.98
C ALA A 1741 13.10 2.62 -34.55
N ALA A 1742 11.93 2.62 -33.92
CA ALA A 1742 11.36 3.88 -33.43
C ALA A 1742 12.24 4.51 -32.35
N ASP A 1743 12.73 3.69 -31.41
CA ASP A 1743 13.57 4.21 -30.35
C ASP A 1743 14.86 4.82 -30.90
N PHE A 1744 15.44 4.18 -31.92
CA PHE A 1744 16.67 4.68 -32.51
C PHE A 1744 16.49 6.10 -33.06
N VAL A 1745 15.39 6.33 -33.77
CA VAL A 1745 15.12 7.66 -34.31
C VAL A 1745 14.85 8.65 -33.18
N LEU A 1746 14.05 8.24 -32.19
CA LEU A 1746 13.67 9.16 -31.13
C LEU A 1746 14.88 9.64 -30.34
N GLY A 1747 15.83 8.75 -30.07
CA GLY A 1747 17.00 9.14 -29.30
C GLY A 1747 17.80 10.24 -29.96
N HIS A 1748 18.08 10.08 -31.25
CA HIS A 1748 18.83 11.11 -31.96
C HIS A 1748 18.01 12.39 -32.13
N VAL A 1749 16.69 12.25 -32.32
CA VAL A 1749 15.85 13.45 -32.39
C VAL A 1749 15.98 14.25 -31.10
N ILE A 1750 16.02 13.57 -29.96
CA ILE A 1750 16.24 14.25 -28.69
C ILE A 1750 17.63 14.89 -28.65
N LEU A 1751 18.66 14.13 -29.05
CA LEU A 1751 20.03 14.60 -28.85
C LEU A 1751 20.36 15.83 -29.71
N ILE A 1752 19.99 15.83 -30.99
CA ILE A 1752 20.42 16.91 -31.87
C ILE A 1752 19.92 18.28 -31.40
N CYS A 1753 18.80 18.32 -30.67
CA CYS A 1753 18.26 19.60 -30.22
C CYS A 1753 19.16 20.30 -29.20
N GLN A 1754 20.06 19.57 -28.53
CA GLN A 1754 20.90 20.17 -27.51
C GLN A 1754 22.25 20.64 -28.03
N LEU A 1755 22.50 20.53 -29.34
CA LEU A 1755 23.80 20.92 -29.87
C LEU A 1755 24.17 22.39 -29.63
N PRO A 1756 23.32 23.38 -29.93
CA PRO A 1756 23.77 24.77 -29.74
C PRO A 1756 24.06 25.14 -28.30
N LEU A 1757 23.43 24.45 -27.34
CA LEU A 1757 23.65 24.78 -25.94
C LEU A 1757 25.08 24.47 -25.50
N ILE A 1758 25.67 23.40 -26.01
CA ILE A 1758 27.04 23.05 -25.61
C ILE A 1758 28.09 23.78 -26.43
N ILE A 1759 27.70 24.42 -27.54
CA ILE A 1759 28.68 25.11 -28.38
C ILE A 1759 29.20 26.36 -27.68
N ILE A 1760 28.33 27.11 -27.00
CA ILE A 1760 28.78 28.34 -26.34
C ILE A 1760 29.75 27.99 -25.23
N PRO A 1761 30.86 28.72 -25.06
CA PRO A 1761 31.81 28.40 -24.00
C PRO A 1761 31.40 28.88 -22.62
N LYS A 1762 30.39 29.74 -22.53
CA LYS A 1762 29.99 30.32 -21.25
C LYS A 1762 29.00 29.47 -20.48
N ILE A 1763 28.52 28.36 -21.06
CA ILE A 1763 27.52 27.54 -20.39
C ILE A 1763 28.08 26.94 -19.12
N ASP A 1764 29.38 26.68 -19.09
CA ASP A 1764 29.99 26.03 -17.92
C ASP A 1764 29.82 26.86 -16.66
N LYS A 1765 30.18 28.14 -16.71
CA LYS A 1765 30.10 28.99 -15.53
C LYS A 1765 28.66 29.19 -15.10
N PHE A 1766 27.76 29.38 -16.05
CA PHE A 1766 26.36 29.60 -15.71
C PHE A 1766 25.75 28.36 -15.06
N HIS A 1767 26.10 27.16 -15.56
CA HIS A 1767 25.62 25.95 -14.92
C HIS A 1767 26.23 25.77 -13.53
N SER A 1768 27.51 26.12 -13.38
CA SER A 1768 28.15 26.06 -12.08
C SER A 1768 27.56 27.05 -11.09
N ILE A 1769 26.95 28.14 -11.57
CA ILE A 1769 26.24 29.04 -10.67
C ILE A 1769 25.09 28.32 -9.96
N MET A 1770 24.41 27.41 -10.66
CA MET A 1770 23.32 26.67 -10.05
C MET A 1770 23.79 25.85 -8.85
N LEU A 1771 25.08 25.51 -8.81
CA LEU A 1771 25.61 24.77 -7.67
C LEU A 1771 25.46 25.55 -6.37
N PHE A 1772 25.49 26.88 -6.44
CA PHE A 1772 25.26 27.72 -5.26
C PHE A 1772 23.82 27.68 -4.79
N TRP A 1773 22.85 27.61 -5.71
CA TRP A 1773 21.46 27.42 -5.32
C TRP A 1773 21.22 26.06 -4.69
N LEU A 1774 21.99 25.05 -5.10
CA LEU A 1774 21.87 23.73 -4.50
C LEU A 1774 22.41 23.73 -3.08
N LYS A 1775 21.79 22.92 -2.23
CA LYS A 1775 22.16 22.89 -0.80
C LYS A 1775 23.60 22.47 -0.57
N PRO A 1776 24.09 21.34 -1.10
CA PRO A 1776 25.47 20.92 -0.75
C PRO A 1776 26.54 21.84 -1.31
N SER A 1777 26.52 22.12 -2.62
CA SER A 1777 27.50 22.98 -3.27
C SER A 1777 28.94 22.54 -3.00
N ARG A 1778 29.17 21.24 -2.91
CA ARG A 1778 30.49 20.68 -2.62
C ARG A 1778 30.95 19.84 -3.80
N GLN A 1779 32.16 20.09 -4.28
CA GLN A 1779 32.75 19.34 -5.37
C GLN A 1779 34.19 18.98 -5.03
N ILE A 1780 34.59 17.77 -5.39
CA ILE A 1780 35.95 17.28 -5.16
C ILE A 1780 36.47 16.72 -6.47
N ARG A 1781 37.78 16.82 -6.67
CA ARG A 1781 38.38 16.42 -7.93
C ARG A 1781 38.27 14.91 -8.13
N PRO A 1782 38.15 14.46 -9.38
CA PRO A 1782 38.04 13.02 -9.62
C PRO A 1782 39.36 12.32 -9.35
N PRO A 1783 39.34 11.00 -9.10
CA PRO A 1783 40.59 10.28 -8.83
C PRO A 1783 41.53 10.30 -10.02
N ILE A 1784 42.84 10.24 -9.72
CA ILE A 1784 43.87 10.32 -10.74
C ILE A 1784 43.90 9.02 -11.54
N TYR A 1785 44.17 9.14 -12.85
CA TYR A 1785 44.35 8.00 -13.72
C TYR A 1785 45.53 8.26 -14.65
N SER A 1786 46.02 7.17 -15.26
CA SER A 1786 47.23 7.23 -16.06
C SER A 1786 46.98 7.95 -17.38
N LEU A 1787 48.09 8.20 -18.10
CA LEU A 1787 48.02 8.98 -19.34
C LEU A 1787 47.36 8.18 -20.47
N LYS A 1788 47.54 6.87 -20.48
CA LYS A 1788 46.94 6.05 -21.55
C LYS A 1788 45.42 6.17 -21.53
N GLN A 1789 44.84 6.25 -20.33
CA GLN A 1789 43.40 6.49 -20.23
C GLN A 1789 43.02 7.82 -20.87
N THR A 1790 43.84 8.86 -20.66
CA THR A 1790 43.57 10.14 -21.30
C THR A 1790 43.65 10.04 -22.81
N ARG A 1791 44.65 9.32 -23.33
CA ARG A 1791 44.76 9.15 -24.78
C ARG A 1791 43.56 8.41 -25.36
N LEU A 1792 43.13 7.33 -24.70
CA LEU A 1792 41.93 6.63 -25.16
C LEU A 1792 40.70 7.53 -25.06
N ARG A 1793 40.63 8.35 -24.03
CA ARG A 1793 39.50 9.27 -23.87
C ARG A 1793 39.43 10.26 -25.02
N LYS A 1794 40.57 10.86 -25.38
CA LYS A 1794 40.54 11.83 -26.48
C LYS A 1794 40.30 11.14 -27.82
N ARG A 1795 40.83 9.93 -28.00
CA ARG A 1795 40.55 9.21 -29.24
C ARG A 1795 39.07 8.86 -29.38
N MET A 1796 38.43 8.40 -28.30
CA MET A 1796 37.00 8.09 -28.38
C MET A 1796 36.19 9.37 -28.56
N VAL A 1797 36.64 10.47 -27.95
CA VAL A 1797 35.97 11.76 -28.17
C VAL A 1797 35.99 12.11 -29.65
N LYS A 1798 37.16 11.99 -30.28
CA LYS A 1798 37.27 12.23 -31.71
C LYS A 1798 36.32 11.33 -32.51
N LYS A 1799 36.35 10.03 -32.20
CA LYS A 1799 35.53 9.07 -32.95
C LYS A 1799 34.06 9.41 -32.86
N TYR A 1800 33.57 9.68 -31.65
CA TYR A 1800 32.15 9.93 -31.45
C TYR A 1800 31.72 11.32 -31.91
N CYS A 1801 32.60 12.32 -31.86
CA CYS A 1801 32.30 13.59 -32.52
C CYS A 1801 32.09 13.38 -34.02
N SER A 1802 33.00 12.61 -34.65
CA SER A 1802 32.84 12.35 -36.08
C SER A 1802 31.54 11.60 -36.36
N LEU A 1803 31.23 10.58 -35.57
CA LEU A 1803 30.01 9.80 -35.79
C LEU A 1803 28.76 10.67 -35.61
N TYR A 1804 28.74 11.50 -34.57
CA TYR A 1804 27.61 12.38 -34.33
C TYR A 1804 27.41 13.34 -35.49
N PHE A 1805 28.51 13.94 -35.98
CA PHE A 1805 28.38 14.87 -37.09
C PHE A 1805 27.94 14.17 -38.37
N LEU A 1806 28.40 12.94 -38.61
CA LEU A 1806 27.95 12.21 -39.78
C LEU A 1806 26.46 11.88 -39.70
N VAL A 1807 25.99 11.47 -38.53
CA VAL A 1807 24.56 11.18 -38.37
C VAL A 1807 23.73 12.43 -38.57
N LEU A 1808 24.18 13.57 -38.01
CA LEU A 1808 23.46 14.82 -38.18
C LEU A 1808 23.45 15.23 -39.65
N ALA A 1809 24.56 15.00 -40.36
CA ALA A 1809 24.61 15.30 -41.79
C ALA A 1809 23.62 14.44 -42.57
N ILE A 1810 23.51 13.16 -42.22
CA ILE A 1810 22.52 12.29 -42.87
C ILE A 1810 21.11 12.83 -42.62
N PHE A 1811 20.82 13.20 -41.37
CA PHE A 1811 19.49 13.71 -41.04
C PHE A 1811 19.19 14.99 -41.79
N ALA A 1812 20.15 15.89 -41.89
CA ALA A 1812 19.94 17.15 -42.60
C ALA A 1812 19.77 16.90 -44.10
N GLY A 1813 20.55 15.97 -44.66
CA GLY A 1813 20.40 15.65 -46.07
C GLY A 1813 19.05 15.07 -46.39
N CYS A 1814 18.53 14.23 -45.49
CA CYS A 1814 17.21 13.65 -45.66
C CYS A 1814 16.12 14.71 -45.84
N ILE A 1815 16.30 15.89 -45.29
CA ILE A 1815 15.32 16.97 -45.44
C ILE A 1815 15.66 17.87 -46.61
N ILE A 1816 16.95 18.16 -46.82
CA ILE A 1816 17.30 19.17 -47.82
C ILE A 1816 17.24 18.60 -49.23
N GLY A 1817 17.44 17.29 -49.40
CA GLY A 1817 17.38 16.69 -50.71
C GLY A 1817 16.03 16.84 -51.40
N PRO A 1818 14.96 16.41 -50.72
CA PRO A 1818 13.62 16.61 -51.29
C PRO A 1818 13.26 18.07 -51.52
N ALA A 1819 13.88 19.00 -50.79
CA ALA A 1819 13.64 20.42 -51.06
C ALA A 1819 14.12 20.80 -52.46
N VAL A 1820 15.30 20.32 -52.85
CA VAL A 1820 15.79 20.54 -54.21
C VAL A 1820 14.95 19.75 -55.21
N ALA A 1821 14.54 18.54 -54.83
CA ALA A 1821 13.75 17.70 -55.72
C ALA A 1821 12.42 18.36 -56.08
N SER A 1822 11.75 18.99 -55.11
CA SER A 1822 10.46 19.62 -55.36
C SER A 1822 10.56 20.67 -56.47
N ALA A 1823 11.74 21.26 -56.65
CA ALA A 1823 11.92 22.23 -57.74
C ALA A 1823 12.37 21.53 -59.02
N LYS A 1824 13.34 20.60 -58.91
CA LYS A 1824 13.90 20.00 -60.11
C LYS A 1824 12.98 18.96 -60.73
N ILE A 1825 12.16 18.28 -59.92
CA ILE A 1825 11.25 17.26 -60.42
C ILE A 1825 9.96 17.95 -60.87
N HIS A 1826 9.23 17.29 -61.78
CA HIS A 1826 7.99 17.81 -62.34
C HIS A 1826 7.04 18.35 -61.26
N VAL B 80 28.45 -36.99 29.74
CA VAL B 80 29.32 -35.87 29.39
C VAL B 80 28.56 -34.55 29.51
N LEU B 81 27.24 -34.60 29.28
CA LEU B 81 26.42 -33.41 29.42
C LEU B 81 26.03 -33.20 30.88
N CYS B 82 25.78 -31.94 31.22
CA CYS B 82 25.44 -31.57 32.59
C CYS B 82 24.55 -30.34 32.57
N ASP B 83 23.77 -30.19 33.64
CA ASP B 83 22.89 -29.05 33.78
C ASP B 83 23.57 -27.93 34.55
N VAL B 84 22.82 -26.84 34.73
CA VAL B 84 23.20 -25.78 35.66
C VAL B 84 23.20 -26.39 37.05
N PHE B 85 24.04 -25.88 37.95
CA PHE B 85 24.30 -26.38 39.30
C PHE B 85 25.19 -27.62 39.28
N GLY B 86 25.59 -28.08 38.09
CA GLY B 86 26.54 -29.20 38.02
C GLY B 86 25.89 -30.57 38.03
N GLN B 87 24.62 -30.65 38.43
CA GLN B 87 24.00 -32.00 38.54
C GLN B 87 23.97 -32.61 37.14
N PRO B 88 24.25 -33.92 36.97
CA PRO B 88 24.33 -34.52 35.65
C PRO B 88 22.98 -34.73 34.96
N ILE B 89 22.97 -35.40 33.82
CA ILE B 89 21.75 -35.67 33.08
C ILE B 89 21.84 -37.07 32.49
N THR B 90 20.76 -37.84 32.61
CA THR B 90 20.69 -39.19 32.08
C THR B 90 19.66 -39.36 30.98
N GLN B 91 18.45 -38.85 31.14
CA GLN B 91 17.42 -38.89 30.12
C GLN B 91 17.33 -37.52 29.47
N ALA B 92 17.53 -37.46 28.17
CA ALA B 92 17.51 -36.20 27.45
C ALA B 92 16.13 -35.94 26.85
N ASP B 93 15.76 -34.66 26.79
CA ASP B 93 14.47 -34.29 26.22
C ASP B 93 14.47 -34.57 24.72
N ILE B 94 13.28 -34.83 24.19
CA ILE B 94 13.16 -35.16 22.77
C ILE B 94 13.46 -33.95 21.91
N SER B 95 12.98 -32.76 22.30
CA SER B 95 13.13 -31.56 21.49
C SER B 95 14.40 -30.78 21.82
N ASN B 96 14.79 -30.75 23.10
CA ASN B 96 15.97 -30.00 23.55
C ASN B 96 16.96 -31.00 24.16
N PRO B 97 17.95 -31.46 23.39
CA PRO B 97 18.86 -32.49 23.90
C PRO B 97 19.68 -32.07 25.10
N THR B 98 19.76 -30.78 25.42
CA THR B 98 20.60 -30.29 26.51
C THR B 98 19.84 -30.09 27.81
N ARG B 99 18.61 -30.56 27.91
CA ARG B 99 17.78 -30.39 29.10
C ARG B 99 17.24 -31.72 29.57
N ALA B 100 17.01 -31.83 30.88
CA ALA B 100 16.49 -33.07 31.44
C ALA B 100 15.03 -33.28 31.05
N ARG B 101 14.61 -34.55 31.08
CA ARG B 101 13.27 -34.90 30.61
C ARG B 101 12.21 -34.54 31.63
N ASP B 102 12.50 -34.72 32.92
CA ASP B 102 11.50 -34.64 33.98
C ASP B 102 11.50 -33.30 34.71
N GLU B 103 12.15 -32.28 34.16
CA GLU B 103 12.25 -31.00 34.86
C GLU B 103 11.00 -30.16 34.68
N ARG B 104 10.37 -29.76 35.79
CA ARG B 104 9.13 -29.01 35.73
C ARG B 104 9.41 -27.51 35.53
N PRO B 105 8.43 -26.74 35.04
CA PRO B 105 8.73 -25.37 34.60
C PRO B 105 9.29 -24.44 35.67
N LEU B 106 8.86 -24.60 36.93
CA LEU B 106 9.39 -23.73 37.98
C LEU B 106 10.90 -23.88 38.12
N ASP B 107 11.40 -25.10 37.91
CA ASP B 107 12.85 -25.30 37.92
C ASP B 107 13.53 -24.53 36.80
N THR B 108 12.91 -24.48 35.61
CA THR B 108 13.47 -23.70 34.51
C THR B 108 13.49 -22.22 34.85
N ILE B 109 12.42 -21.72 35.48
CA ILE B 109 12.38 -20.31 35.87
C ILE B 109 13.48 -20.01 36.88
N ARG B 110 13.66 -20.89 37.86
CA ARG B 110 14.70 -20.68 38.86
C ARG B 110 16.09 -20.74 38.23
N SER B 111 16.29 -21.63 37.26
CA SER B 111 17.57 -21.68 36.56
C SER B 111 17.82 -20.40 35.77
N PHE B 112 16.79 -19.87 35.11
CA PHE B 112 16.94 -18.60 34.40
C PHE B 112 17.31 -17.47 35.36
N GLU B 113 16.67 -17.43 36.53
CA GLU B 113 17.02 -16.41 37.51
C GLU B 113 18.46 -16.58 38.01
N TYR B 114 18.87 -17.83 38.24
CA TYR B 114 20.23 -18.09 38.71
C TYR B 114 21.27 -17.71 37.67
N ALA B 115 20.94 -17.83 36.38
CA ALA B 115 21.91 -17.54 35.34
C ALA B 115 22.36 -16.09 35.36
N VAL B 116 21.55 -15.20 35.93
CA VAL B 116 21.89 -13.78 35.96
C VAL B 116 22.83 -13.44 37.11
N SER B 117 22.46 -13.81 38.34
CA SER B 117 23.27 -13.51 39.51
C SER B 117 23.50 -14.78 40.30
N GLY B 118 24.75 -15.01 40.70
CA GLY B 118 25.08 -16.20 41.45
C GLY B 118 24.56 -16.17 42.87
N ASP B 119 23.57 -17.02 43.17
CA ASP B 119 22.98 -17.10 44.49
C ASP B 119 22.76 -18.56 44.85
N PRO B 120 23.37 -19.05 45.94
CA PRO B 120 23.13 -20.45 46.34
C PRO B 120 21.69 -20.72 46.74
N VAL B 121 20.92 -19.69 47.07
CA VAL B 121 19.54 -19.88 47.51
C VAL B 121 18.67 -20.45 46.40
N TRP B 122 19.00 -20.17 45.14
CA TRP B 122 18.18 -20.67 44.03
C TRP B 122 18.32 -22.19 43.88
N ALA B 123 19.51 -22.72 44.14
CA ALA B 123 19.74 -24.14 43.92
C ALA B 123 19.09 -25.01 44.98
N GLN B 124 18.87 -24.47 46.18
CA GLN B 124 18.35 -25.25 47.30
C GLN B 124 16.83 -25.35 47.31
N GLN B 125 16.14 -24.72 46.36
CA GLN B 125 14.69 -24.76 46.30
C GLN B 125 14.15 -25.65 45.18
N LEU B 126 14.99 -26.49 44.58
CA LEU B 126 14.55 -27.38 43.52
C LEU B 126 13.59 -28.43 44.08
N GLU B 127 12.67 -28.89 43.23
CA GLU B 127 11.69 -29.87 43.66
C GLU B 127 11.41 -30.98 42.66
N THR B 128 12.20 -31.12 41.60
CA THR B 128 11.96 -32.17 40.61
C THR B 128 12.13 -33.58 41.15
N PRO B 129 13.23 -33.95 41.83
CA PRO B 129 13.38 -35.36 42.24
C PRO B 129 12.31 -35.83 43.20
N THR B 130 11.84 -34.97 44.11
CA THR B 130 10.89 -35.42 45.13
C THR B 130 9.49 -35.60 44.59
N TYR B 131 9.10 -34.83 43.57
CA TYR B 131 7.76 -34.95 42.99
C TYR B 131 7.74 -35.60 41.63
N GLY B 132 8.71 -35.29 40.76
CA GLY B 132 8.67 -35.81 39.41
C GLY B 132 7.75 -34.98 38.52
N PHE B 133 7.53 -35.50 37.32
CA PHE B 133 6.69 -34.82 36.34
C PHE B 133 5.21 -35.08 36.52
N ARG B 134 4.83 -35.97 37.43
CA ARG B 134 3.42 -36.21 37.68
C ARG B 134 2.81 -35.07 38.48
N VAL B 135 1.48 -35.00 38.49
CA VAL B 135 0.78 -33.97 39.23
C VAL B 135 0.87 -34.27 40.72
N ARG B 136 0.79 -33.22 41.54
CA ARG B 136 0.85 -33.38 42.98
C ARG B 136 -0.38 -34.14 43.47
N PRO B 137 -0.27 -34.85 44.60
CA PRO B 137 -1.43 -35.55 45.16
C PRO B 137 -2.49 -34.56 45.63
N ASP B 138 -3.73 -35.05 45.68
CA ASP B 138 -4.90 -34.26 46.08
C ASP B 138 -5.15 -33.12 45.09
N PHE B 139 -4.80 -33.35 43.84
CA PHE B 139 -5.18 -32.43 42.77
C PHE B 139 -6.67 -32.60 42.46
N PRO B 140 -7.42 -31.50 42.37
CA PRO B 140 -8.88 -31.62 42.19
C PRO B 140 -9.23 -32.27 40.85
N VAL B 141 -10.50 -32.66 40.73
CA VAL B 141 -11.00 -33.38 39.57
C VAL B 141 -11.95 -32.48 38.80
N PHE B 142 -11.82 -32.47 37.48
CA PHE B 142 -12.68 -31.69 36.60
C PHE B 142 -13.61 -32.61 35.82
N GLY B 143 -14.50 -31.99 35.05
CA GLY B 143 -15.44 -32.73 34.24
C GLY B 143 -16.51 -31.85 33.61
#